data_5Y3M
#
_entry.id   5Y3M
#
_cell.length_a   88.177
_cell.length_b   68.693
_cell.length_c   153.535
_cell.angle_alpha   90.00
_cell.angle_beta   100.64
_cell.angle_gamma   90.00
#
_symmetry.space_group_name_H-M   'P 1 2 1'
#
loop_
_entity.id
_entity.type
_entity.pdbx_description
1 polymer 'Toll-like receptor 9'
2 polymer "DNA (5'-D(*TP*CP*GP*T)-3')"
3 polymer "DNA (5'-D(P*GP*GP*CP*GP*TP*T)-3')"
4 non-polymer 2-acetamido-2-deoxy-beta-D-glucopyranose
5 water water
#
loop_
_entity_poly.entity_id
_entity_poly.type
_entity_poly.pdbx_seq_one_letter_code
_entity_poly.pdbx_strand_id
1 'polypeptide(L)'
;RSPWEGTLPAFLPCELQPHGQVDCNWLFLKSVPHFSAGAPRANVTSLSLISNRIHHLHDSDFVHLSNLRVLNLKWNCPPA
GLSPMHFPCRMTIEPNTFLAVPTLEELNLSYNGITTVPALPSSLVSLSLSHTSILVLGPTHFTGLHALRFLYMDGNCYYM
NPCPRALEVAPGALLGLGNLTHLSLKYNNLTEVPRRLPPSLDTLLLSYNHIVTLAPEDLANLTALRVLDVGGNCRRCDHA
RNPCRECPKNFPKLHPDTFSHLSRLEGLVLKDSSLYKLEKDWFRGLGRLQVLDLSENFLYDYITKTTIFNDLTQLRRLNL
SFNYHKKVSFAHLHLASSFGSLVSLEKLDMHGIFFRSLTNITLQSLTRLPKLQSLHLQLNFINQAQLSIFGAFPSLLFVD
LSDNRISGAATPAAALGEVDSRVEVWRLPRGLAPGPLDAVSSKDFMPSCNLNFTLDLSRNNLVTIQQEMFTRLSRLQCLR
LSHNSISQAVNGSQFVPLTSLRVLDLSHNKLDLYHGRSFTELPQLEALDLSYNSQPFSMQGVGHNLSFVAQLPSLRYLSL
AHNGIHSRVSQKLSSASLRALDFSGNSLSQMWAEGDLYLCFFKGLRNLVQLDLSENHLHTLLPRHLDNLPKSLRQLRLRD
NNLAFFNWSSLTVLPRLEALDLAGNQLKALSNGSLPPGIRLQKLDVSSNSIGFVIPGFFVRATRLIELNLSANALKTVDP
SWFGSLAGTLKILDVSANPLHCACGAAFVDFLLERQEAVPGLSRRVTCGSPGQLQGRSIFTQDLRLCLDETLSLDEFLVP
R
;
A,B
2 'polydeoxyribonucleotide' (DT)(DC)(DG)(DT)(DT)(DT) E,F
3 'polydeoxyribonucleotide' (DA)(DG)(DG)(DC)(DG)(DT)(DT)(DT)(DT)(DT) D,C
#
loop_
_chem_comp.id
_chem_comp.type
_chem_comp.name
_chem_comp.formula
DA DNA linking 2'-DEOXYADENOSINE-5'-MONOPHOSPHATE 'C10 H14 N5 O6 P'
DC DNA linking 2'-DEOXYCYTIDINE-5'-MONOPHOSPHATE 'C9 H14 N3 O7 P'
DG DNA linking 2'-DEOXYGUANOSINE-5'-MONOPHOSPHATE 'C10 H14 N5 O7 P'
DT DNA linking THYMIDINE-5'-MONOPHOSPHATE 'C10 H15 N2 O8 P'
NAG D-saccharide, beta linking 2-acetamido-2-deoxy-beta-D-glucopyranose 'C8 H15 N O6'
#
# COMPACT_ATOMS: atom_id res chain seq x y z
N LEU A 8 27.57 18.14 -29.49
CA LEU A 8 26.68 16.94 -29.30
C LEU A 8 27.37 15.85 -28.48
N PRO A 9 26.58 14.98 -27.80
CA PRO A 9 27.15 13.76 -27.24
C PRO A 9 27.64 12.82 -28.34
N ALA A 10 28.79 12.20 -28.11
CA ALA A 10 29.59 11.58 -29.16
C ALA A 10 28.94 10.41 -29.92
N PHE A 11 28.35 9.47 -29.16
CA PHE A 11 27.93 8.16 -29.71
C PHE A 11 26.41 7.96 -29.78
N LEU A 12 25.70 8.96 -30.28
CA LEU A 12 24.23 8.85 -30.41
C LEU A 12 23.87 7.71 -31.37
N PRO A 13 22.80 6.95 -31.12
CA PRO A 13 21.84 7.16 -30.03
C PRO A 13 22.24 6.57 -28.66
N CYS A 14 23.42 5.97 -28.57
CA CYS A 14 23.93 5.44 -27.29
C CYS A 14 24.43 6.56 -26.35
N GLU A 15 24.86 6.18 -25.16
CA GLU A 15 25.40 7.13 -24.17
C GLU A 15 26.86 6.84 -23.86
N LEU A 16 27.71 7.87 -23.92
CA LEU A 16 29.08 7.76 -23.44
C LEU A 16 29.09 7.93 -21.92
N GLN A 17 29.64 6.95 -21.23
CA GLN A 17 29.85 7.00 -19.79
C GLN A 17 31.34 7.18 -19.56
N PRO A 18 31.78 7.40 -18.29
CA PRO A 18 33.23 7.51 -18.07
C PRO A 18 34.04 6.24 -18.39
N HIS A 19 35.33 6.41 -18.59
CA HIS A 19 36.29 5.32 -18.88
C HIS A 19 36.06 4.64 -20.25
N GLY A 20 35.57 5.40 -21.22
CA GLY A 20 35.34 4.90 -22.59
C GLY A 20 34.25 3.84 -22.71
N GLN A 21 33.23 3.96 -21.86
CA GLN A 21 32.18 2.95 -21.73
C GLN A 21 30.93 3.41 -22.44
N VAL A 22 30.59 2.74 -23.54
CA VAL A 22 29.41 3.10 -24.34
C VAL A 22 28.23 2.17 -23.98
N ASP A 23 27.10 2.79 -23.67
CA ASP A 23 25.87 2.09 -23.26
C ASP A 23 24.83 2.20 -24.38
N CYS A 24 24.62 1.08 -25.09
CA CYS A 24 23.58 0.97 -26.13
C CYS A 24 22.44 0.04 -25.72
N ASN A 25 22.26 -0.17 -24.41
CA ASN A 25 21.28 -1.12 -23.90
C ASN A 25 19.88 -0.60 -24.18
N TRP A 26 18.96 -1.54 -24.46
CA TRP A 26 17.53 -1.25 -24.60
C TRP A 26 17.17 -0.14 -25.60
N LEU A 27 17.87 -0.10 -26.72
CA LEU A 27 17.56 0.82 -27.83
C LEU A 27 16.83 0.18 -29.03
N PHE A 28 16.47 -1.11 -28.91
CA PHE A 28 15.71 -1.83 -29.95
C PHE A 28 16.38 -1.85 -31.33
N LEU A 29 17.71 -1.94 -31.30
CA LEU A 29 18.52 -1.91 -32.51
C LEU A 29 18.50 -3.27 -33.19
N LYS A 30 18.30 -3.25 -34.52
CA LYS A 30 18.27 -4.47 -35.34
C LYS A 30 19.67 -4.88 -35.85
N SER A 31 20.61 -3.94 -35.82
CA SER A 31 22.02 -4.22 -36.10
C SER A 31 22.93 -3.35 -35.24
N VAL A 32 24.21 -3.71 -35.20
CA VAL A 32 25.21 -2.99 -34.41
C VAL A 32 25.47 -1.63 -35.05
N PRO A 33 25.37 -0.54 -34.27
CA PRO A 33 25.63 0.79 -34.82
C PRO A 33 27.13 1.02 -35.01
N HIS A 34 27.50 1.49 -36.20
CA HIS A 34 28.90 1.84 -36.48
C HIS A 34 29.21 3.28 -36.09
N PHE A 35 28.17 4.07 -35.77
CA PHE A 35 28.30 5.48 -35.37
C PHE A 35 28.76 6.36 -36.54
N SER A 36 28.87 7.66 -36.30
CA SER A 36 29.54 8.56 -37.24
C SER A 36 31.07 8.32 -37.22
N ALA A 37 31.72 8.56 -38.35
CA ALA A 37 33.20 8.47 -38.44
C ALA A 37 33.90 9.62 -37.70
N GLY A 38 33.19 10.73 -37.51
CA GLY A 38 33.64 11.83 -36.66
C GLY A 38 33.74 11.51 -35.18
N ALA A 39 32.99 10.50 -34.72
CA ALA A 39 33.07 10.02 -33.33
C ALA A 39 34.41 9.34 -33.05
N PRO A 40 34.96 9.51 -31.84
CA PRO A 40 36.26 8.92 -31.53
C PRO A 40 36.14 7.43 -31.20
N ARG A 41 36.02 6.62 -32.26
CA ARG A 41 35.79 5.17 -32.14
C ARG A 41 36.89 4.42 -31.38
N ALA A 42 38.12 4.91 -31.47
CA ALA A 42 39.26 4.33 -30.76
C ALA A 42 39.23 4.52 -29.24
N ASN A 43 38.49 5.52 -28.75
CA ASN A 43 38.32 5.76 -27.30
C ASN A 43 37.42 4.71 -26.59
N VAL A 44 36.66 3.91 -27.34
CA VAL A 44 35.69 2.98 -26.77
C VAL A 44 36.36 1.68 -26.27
N THR A 45 36.41 1.52 -24.95
CA THR A 45 36.95 0.31 -24.30
C THR A 45 35.87 -0.70 -23.87
N SER A 46 34.62 -0.26 -23.75
CA SER A 46 33.51 -1.13 -23.38
C SER A 46 32.25 -0.76 -24.15
N LEU A 47 31.60 -1.75 -24.75
CA LEU A 47 30.36 -1.55 -25.52
C LEU A 47 29.28 -2.53 -25.06
N SER A 48 28.26 -1.99 -24.40
CA SER A 48 27.13 -2.78 -23.90
C SER A 48 25.94 -2.65 -24.85
N LEU A 49 25.42 -3.78 -25.32
CA LEU A 49 24.30 -3.84 -26.27
C LEU A 49 23.18 -4.75 -25.73
N ILE A 50 22.94 -4.69 -24.43
CA ILE A 50 22.04 -5.62 -23.74
C ILE A 50 20.60 -5.44 -24.21
N SER A 51 19.95 -6.55 -24.55
CA SER A 51 18.52 -6.63 -24.84
C SER A 51 18.07 -5.80 -26.05
N ASN A 52 18.94 -5.70 -27.05
CA ASN A 52 18.57 -5.15 -28.36
C ASN A 52 17.98 -6.31 -29.20
N ARG A 53 17.74 -6.06 -30.50
CA ARG A 53 17.19 -7.07 -31.42
C ARG A 53 18.18 -7.46 -32.52
N ILE A 54 19.44 -7.58 -32.16
CA ILE A 54 20.49 -7.88 -33.14
C ILE A 54 20.55 -9.40 -33.32
N HIS A 55 20.04 -9.89 -34.44
CA HIS A 55 20.04 -11.32 -34.76
C HIS A 55 21.16 -11.72 -35.72
N HIS A 56 21.90 -10.74 -36.25
CA HIS A 56 22.99 -10.99 -37.20
C HIS A 56 24.18 -10.08 -36.94
N LEU A 57 25.36 -10.69 -36.77
CA LEU A 57 26.61 -9.95 -36.57
C LEU A 57 27.52 -10.13 -37.79
N HIS A 58 28.28 -9.07 -38.08
CA HIS A 58 29.07 -8.99 -39.32
C HIS A 58 30.52 -8.58 -39.04
N ASP A 59 31.40 -8.91 -39.99
CA ASP A 59 32.84 -8.59 -39.92
C ASP A 59 33.11 -7.11 -39.64
N SER A 60 32.27 -6.23 -40.18
CA SER A 60 32.42 -4.79 -40.07
C SER A 60 31.97 -4.16 -38.72
N ASP A 61 31.23 -4.92 -37.90
CA ASP A 61 30.51 -4.34 -36.75
C ASP A 61 31.38 -3.77 -35.63
N PHE A 62 32.52 -4.41 -35.37
CA PHE A 62 33.43 -4.00 -34.29
C PHE A 62 34.86 -3.68 -34.74
N VAL A 63 35.16 -3.76 -36.04
CA VAL A 63 36.53 -3.61 -36.56
C VAL A 63 37.15 -2.21 -36.30
N HIS A 64 36.34 -1.16 -36.40
CA HIS A 64 36.79 0.20 -36.14
C HIS A 64 36.96 0.55 -34.65
N LEU A 65 36.46 -0.31 -33.76
CA LEU A 65 36.67 -0.14 -32.31
C LEU A 65 38.03 -0.74 -31.92
N SER A 66 39.09 0.01 -32.23
CA SER A 66 40.49 -0.45 -32.13
C SER A 66 40.98 -0.87 -30.75
N ASN A 67 40.36 -0.35 -29.69
CA ASN A 67 40.78 -0.62 -28.30
C ASN A 67 39.65 -1.22 -27.44
N LEU A 68 38.71 -1.93 -28.09
CA LEU A 68 37.58 -2.54 -27.40
C LEU A 68 38.03 -3.72 -26.56
N ARG A 69 37.69 -3.71 -25.27
CA ARG A 69 38.06 -4.76 -24.32
C ARG A 69 36.87 -5.58 -23.80
N VAL A 70 35.76 -4.91 -23.50
CA VAL A 70 34.53 -5.57 -23.04
C VAL A 70 33.42 -5.38 -24.07
N LEU A 71 32.68 -6.44 -24.33
CA LEU A 71 31.58 -6.42 -25.31
C LEU A 71 30.43 -7.29 -24.78
N ASN A 72 29.27 -6.68 -24.59
CA ASN A 72 28.11 -7.37 -24.00
C ASN A 72 26.95 -7.39 -25.01
N LEU A 73 26.70 -8.57 -25.60
CA LEU A 73 25.62 -8.80 -26.57
C LEU A 73 24.48 -9.65 -25.99
N LYS A 74 24.37 -9.65 -24.66
CA LYS A 74 23.40 -10.43 -23.91
C LYS A 74 21.94 -10.12 -24.30
N TRP A 75 21.10 -11.15 -24.29
CA TRP A 75 19.62 -11.02 -24.47
C TRP A 75 19.17 -10.51 -25.85
N ASN A 76 20.04 -10.59 -26.85
CA ASN A 76 19.76 -10.03 -28.19
C ASN A 76 18.87 -10.90 -29.07
N CYS A 77 18.86 -12.19 -28.82
CA CYS A 77 18.22 -13.18 -29.69
C CYS A 77 17.92 -14.39 -28.81
N PRO A 78 17.03 -14.20 -27.82
CA PRO A 78 16.85 -15.25 -26.80
C PRO A 78 16.22 -16.51 -27.38
N PRO A 79 16.72 -17.70 -26.97
CA PRO A 79 16.07 -18.95 -27.37
C PRO A 79 14.60 -19.03 -26.96
N ALA A 80 13.84 -19.87 -27.66
CA ALA A 80 12.38 -19.94 -27.51
C ALA A 80 11.92 -19.98 -26.07
N GLY A 81 12.48 -20.90 -25.28
CA GLY A 81 12.10 -21.06 -23.87
C GLY A 81 12.31 -19.84 -22.99
N LEU A 82 13.32 -19.03 -23.33
CA LEU A 82 13.68 -17.82 -22.59
C LEU A 82 13.05 -16.54 -23.14
N SER A 83 12.57 -16.59 -24.38
CA SER A 83 11.81 -15.49 -24.98
C SER A 83 10.47 -15.34 -24.24
N PRO A 84 10.13 -14.11 -23.80
CA PRO A 84 8.84 -13.86 -23.14
C PRO A 84 7.60 -14.38 -23.91
N MET A 85 7.61 -14.23 -25.24
CA MET A 85 6.51 -14.71 -26.10
C MET A 85 6.79 -16.10 -26.73
N HIS A 86 7.86 -16.74 -26.28
CA HIS A 86 8.36 -18.00 -26.85
C HIS A 86 8.64 -17.95 -28.36
N PHE A 87 9.15 -16.81 -28.83
CA PHE A 87 9.59 -16.66 -30.21
C PHE A 87 10.93 -17.37 -30.38
N PRO A 88 11.05 -18.26 -31.39
CA PRO A 88 12.37 -18.84 -31.66
C PRO A 88 13.32 -17.79 -32.27
N CYS A 89 14.61 -17.96 -32.01
CA CYS A 89 15.62 -17.04 -32.54
C CYS A 89 16.93 -17.77 -32.82
N ARG A 90 17.52 -17.47 -33.97
CA ARG A 90 18.83 -17.98 -34.36
C ARG A 90 19.71 -16.81 -34.77
N MET A 91 20.86 -16.68 -34.12
CA MET A 91 21.79 -15.59 -34.37
C MET A 91 22.91 -16.07 -35.27
N THR A 92 23.09 -15.41 -36.41
CA THR A 92 24.20 -15.68 -37.33
C THR A 92 25.37 -14.75 -37.04
N ILE A 93 26.58 -15.26 -37.21
CA ILE A 93 27.81 -14.50 -36.93
C ILE A 93 28.82 -14.76 -38.05
N GLU A 94 29.21 -13.71 -38.77
CA GLU A 94 30.23 -13.82 -39.82
C GLU A 94 31.61 -14.17 -39.21
N PRO A 95 32.48 -14.88 -39.96
CA PRO A 95 33.70 -15.50 -39.40
C PRO A 95 34.66 -14.57 -38.63
N ASN A 96 34.88 -13.36 -39.14
CA ASN A 96 35.85 -12.42 -38.53
C ASN A 96 35.19 -11.34 -37.64
N THR A 97 33.99 -11.62 -37.14
CA THR A 97 33.24 -10.67 -36.31
C THR A 97 34.02 -10.26 -35.07
N PHE A 98 34.51 -11.26 -34.34
CA PHE A 98 35.29 -11.07 -33.12
C PHE A 98 36.81 -11.14 -33.33
N LEU A 99 37.25 -11.83 -34.38
CA LEU A 99 38.67 -11.84 -34.77
C LEU A 99 39.17 -10.45 -35.17
N ALA A 100 38.30 -9.65 -35.76
CA ALA A 100 38.60 -8.26 -36.12
C ALA A 100 38.80 -7.32 -34.90
N VAL A 101 38.54 -7.81 -33.69
CA VAL A 101 38.83 -7.08 -32.45
C VAL A 101 39.90 -7.85 -31.67
N PRO A 102 41.18 -7.73 -32.09
CA PRO A 102 42.25 -8.51 -31.42
C PRO A 102 42.59 -8.06 -29.99
N THR A 103 42.03 -6.94 -29.54
CA THR A 103 42.14 -6.46 -28.17
C THR A 103 41.04 -6.97 -27.20
N LEU A 104 40.07 -7.74 -27.72
CA LEU A 104 38.88 -8.14 -26.95
C LEU A 104 39.23 -9.11 -25.80
N GLU A 105 38.83 -8.74 -24.58
CA GLU A 105 39.11 -9.52 -23.37
C GLU A 105 37.89 -10.18 -22.72
N GLU A 106 36.73 -9.52 -22.80
CA GLU A 106 35.51 -9.97 -22.12
C GLU A 106 34.36 -9.96 -23.11
N LEU A 107 33.79 -11.13 -23.37
CA LEU A 107 32.65 -11.25 -24.29
C LEU A 107 31.50 -11.98 -23.61
N ASN A 108 30.31 -11.39 -23.71
CA ASN A 108 29.08 -11.97 -23.17
C ASN A 108 28.10 -12.23 -24.33
N LEU A 109 27.91 -13.50 -24.67
CA LEU A 109 26.96 -13.92 -25.71
C LEU A 109 25.74 -14.66 -25.14
N SER A 110 25.45 -14.46 -23.85
CA SER A 110 24.38 -15.20 -23.18
C SER A 110 22.98 -14.77 -23.65
N TYR A 111 22.00 -15.67 -23.49
CA TYR A 111 20.63 -15.44 -23.94
C TYR A 111 20.55 -15.07 -25.44
N ASN A 112 21.32 -15.81 -26.24
CA ASN A 112 21.35 -15.69 -27.69
C ASN A 112 21.28 -17.07 -28.29
N GLY A 113 20.44 -17.23 -29.31
CA GLY A 113 20.30 -18.52 -30.00
C GLY A 113 21.44 -18.79 -30.96
N ILE A 114 22.63 -19.08 -30.42
CA ILE A 114 23.76 -19.54 -31.21
C ILE A 114 23.95 -21.03 -30.95
N THR A 115 24.28 -21.79 -32.00
CA THR A 115 24.39 -23.26 -31.92
C THR A 115 25.82 -23.77 -31.95
N THR A 116 26.78 -22.89 -32.22
CA THR A 116 28.20 -23.25 -32.13
C THR A 116 29.01 -22.06 -31.61
N VAL A 117 30.22 -22.35 -31.15
CA VAL A 117 31.13 -21.34 -30.62
C VAL A 117 31.73 -20.59 -31.81
N PRO A 118 31.69 -19.25 -31.80
CA PRO A 118 32.29 -18.49 -32.89
C PRO A 118 33.81 -18.45 -32.83
N ALA A 119 34.44 -17.99 -33.91
CA ALA A 119 35.87 -17.74 -33.92
C ALA A 119 36.17 -16.58 -32.98
N LEU A 120 37.15 -16.75 -32.11
CA LEU A 120 37.45 -15.77 -31.07
C LEU A 120 38.94 -15.41 -31.08
N PRO A 121 39.27 -14.15 -30.72
CA PRO A 121 40.66 -13.73 -30.72
C PRO A 121 41.42 -14.33 -29.53
N SER A 122 42.73 -14.51 -29.70
CA SER A 122 43.57 -15.15 -28.68
C SER A 122 43.75 -14.29 -27.42
N SER A 123 43.36 -13.02 -27.49
CA SER A 123 43.34 -12.12 -26.32
C SER A 123 42.21 -12.36 -25.32
N LEU A 124 41.22 -13.18 -25.67
CA LEU A 124 40.02 -13.33 -24.85
C LEU A 124 40.30 -13.98 -23.48
N VAL A 125 39.89 -13.27 -22.42
CA VAL A 125 40.06 -13.69 -21.01
C VAL A 125 38.77 -14.28 -20.40
N SER A 126 37.62 -13.70 -20.76
CA SER A 126 36.33 -14.09 -20.18
C SER A 126 35.27 -14.28 -21.27
N LEU A 127 34.50 -15.35 -21.17
CA LEU A 127 33.51 -15.73 -22.19
C LEU A 127 32.26 -16.34 -21.54
N SER A 128 31.11 -15.74 -21.80
CA SER A 128 29.82 -16.30 -21.37
C SER A 128 29.06 -16.82 -22.57
N LEU A 129 28.79 -18.12 -22.56
CA LEU A 129 27.92 -18.78 -23.54
C LEU A 129 26.67 -19.33 -22.84
N SER A 130 26.32 -18.78 -21.68
CA SER A 130 25.20 -19.29 -20.89
C SER A 130 23.88 -19.01 -21.56
N HIS A 131 22.90 -19.88 -21.35
CA HIS A 131 21.57 -19.72 -21.92
C HIS A 131 21.60 -19.45 -23.44
N THR A 132 22.40 -20.26 -24.14
CA THR A 132 22.46 -20.24 -25.61
C THR A 132 21.83 -21.54 -26.14
N SER A 133 21.96 -21.79 -27.44
CA SER A 133 21.55 -23.06 -28.05
C SER A 133 22.74 -23.99 -28.39
N ILE A 134 23.89 -23.77 -27.77
CA ILE A 134 25.06 -24.64 -27.96
C ILE A 134 24.86 -25.94 -27.16
N LEU A 135 24.73 -27.06 -27.87
CA LEU A 135 24.56 -28.38 -27.25
C LEU A 135 25.83 -29.25 -27.34
N VAL A 136 26.89 -28.74 -27.97
CA VAL A 136 28.14 -29.50 -28.12
C VAL A 136 29.38 -28.61 -27.97
N LEU A 137 30.25 -28.95 -27.02
CA LEU A 137 31.61 -28.39 -26.94
C LEU A 137 32.63 -29.44 -27.33
N GLY A 138 33.63 -29.03 -28.10
CA GLY A 138 34.57 -29.95 -28.74
C GLY A 138 35.96 -29.38 -28.86
N PRO A 139 36.92 -30.21 -29.31
CA PRO A 139 38.33 -29.81 -29.35
C PRO A 139 38.59 -28.57 -30.22
N THR A 140 37.92 -28.50 -31.37
CA THR A 140 38.15 -27.43 -32.34
C THR A 140 37.64 -26.05 -31.89
N HIS A 141 36.68 -26.02 -30.98
CA HIS A 141 35.98 -24.79 -30.59
C HIS A 141 36.85 -23.74 -29.87
N PHE A 142 37.88 -24.19 -29.15
CA PHE A 142 38.72 -23.29 -28.34
C PHE A 142 40.18 -23.30 -28.76
N THR A 143 40.41 -23.29 -30.07
CA THR A 143 41.77 -23.28 -30.64
C THR A 143 42.43 -21.92 -30.39
N GLY A 144 43.59 -21.95 -29.74
CA GLY A 144 44.44 -20.78 -29.55
C GLY A 144 43.98 -19.75 -28.53
N LEU A 145 43.06 -20.12 -27.63
CA LEU A 145 42.57 -19.24 -26.58
C LEU A 145 43.35 -19.47 -25.29
N HIS A 146 44.62 -19.11 -25.34
CA HIS A 146 45.56 -19.43 -24.26
C HIS A 146 45.44 -18.48 -23.07
N ALA A 147 44.85 -17.30 -23.27
CA ALA A 147 44.62 -16.33 -22.19
C ALA A 147 43.29 -16.50 -21.45
N LEU A 148 42.41 -17.39 -21.93
CA LEU A 148 41.07 -17.55 -21.38
C LEU A 148 41.08 -18.11 -19.96
N ARG A 149 40.60 -17.29 -19.01
CA ARG A 149 40.53 -17.64 -17.58
C ARG A 149 39.13 -18.06 -17.11
N PHE A 150 38.09 -17.44 -17.68
CA PHE A 150 36.70 -17.65 -17.24
C PHE A 150 35.83 -18.17 -18.39
N LEU A 151 35.16 -19.29 -18.17
CA LEU A 151 34.17 -19.82 -19.13
C LEU A 151 32.85 -20.15 -18.43
N TYR A 152 31.79 -19.44 -18.81
CA TYR A 152 30.45 -19.67 -18.29
C TYR A 152 29.58 -20.23 -19.41
N MET A 153 28.95 -21.37 -19.15
CA MET A 153 27.92 -21.92 -20.04
C MET A 153 26.87 -22.68 -19.23
N ASP A 154 26.14 -21.92 -18.43
CA ASP A 154 25.00 -22.43 -17.66
C ASP A 154 23.72 -22.42 -18.48
N GLY A 155 22.85 -23.38 -18.22
CA GLY A 155 21.45 -23.30 -18.67
C GLY A 155 21.19 -23.57 -20.14
N ASN A 156 21.89 -24.56 -20.70
CA ASN A 156 21.67 -24.95 -22.10
C ASN A 156 20.81 -26.21 -22.27
N CYS A 157 20.45 -26.87 -21.18
CA CYS A 157 19.49 -27.99 -21.22
C CYS A 157 18.74 -28.20 -19.89
N TYR A 158 17.67 -27.42 -19.72
CA TYR A 158 16.77 -27.54 -18.56
C TYR A 158 15.38 -26.96 -18.91
N TYR A 159 14.44 -27.00 -17.97
CA TYR A 159 13.04 -26.59 -18.22
C TYR A 159 12.84 -25.22 -18.92
N MET A 160 13.71 -24.25 -18.66
CA MET A 160 13.63 -22.91 -19.29
C MET A 160 14.31 -22.80 -20.66
N ASN A 161 15.20 -23.75 -20.97
CA ASN A 161 15.94 -23.76 -22.24
C ASN A 161 16.20 -25.23 -22.60
N PRO A 162 15.13 -25.95 -23.01
CA PRO A 162 15.20 -27.41 -23.11
C PRO A 162 15.97 -27.95 -24.31
N CYS A 163 16.56 -29.13 -24.11
CA CYS A 163 17.14 -29.91 -25.19
C CYS A 163 16.63 -31.36 -25.03
N PRO A 164 16.64 -32.16 -26.12
CA PRO A 164 16.09 -33.52 -26.02
C PRO A 164 16.89 -34.47 -25.14
N ARG A 165 18.22 -34.41 -25.23
CA ARG A 165 19.11 -35.28 -24.44
C ARG A 165 19.87 -34.47 -23.39
N ALA A 166 21.05 -33.95 -23.73
CA ALA A 166 21.92 -33.25 -22.78
C ALA A 166 23.02 -32.51 -23.50
N LEU A 167 23.67 -31.60 -22.79
CA LEU A 167 24.89 -30.97 -23.28
C LEU A 167 25.98 -32.03 -23.35
N GLU A 168 26.68 -32.05 -24.48
CA GLU A 168 27.79 -32.98 -24.70
C GLU A 168 29.10 -32.20 -24.62
N VAL A 169 29.93 -32.55 -23.64
CA VAL A 169 31.28 -32.01 -23.55
C VAL A 169 32.24 -33.13 -23.94
N ALA A 170 32.84 -33.03 -25.12
CA ALA A 170 33.75 -34.05 -25.63
C ALA A 170 34.97 -34.21 -24.70
N PRO A 171 35.46 -35.45 -24.50
CA PRO A 171 36.62 -35.65 -23.62
C PRO A 171 37.81 -34.80 -24.06
N GLY A 172 38.35 -34.01 -23.14
CA GLY A 172 39.50 -33.15 -23.42
C GLY A 172 39.25 -31.96 -24.33
N ALA A 173 37.98 -31.57 -24.50
CA ALA A 173 37.62 -30.44 -25.38
C ALA A 173 38.19 -29.10 -24.89
N LEU A 174 38.21 -28.91 -23.58
CA LEU A 174 38.71 -27.69 -22.96
C LEU A 174 40.19 -27.75 -22.58
N LEU A 175 40.83 -28.89 -22.81
CA LEU A 175 42.20 -29.15 -22.34
C LEU A 175 43.25 -28.17 -22.91
N GLY A 176 43.00 -27.64 -24.11
CA GLY A 176 43.86 -26.62 -24.72
C GLY A 176 43.87 -25.26 -24.03
N LEU A 177 42.87 -25.00 -23.17
CA LEU A 177 42.78 -23.75 -22.39
C LEU A 177 43.71 -23.84 -21.17
N GLY A 178 44.97 -23.46 -21.38
CA GLY A 178 46.02 -23.59 -20.36
C GLY A 178 45.90 -22.71 -19.13
N ASN A 179 45.23 -21.56 -19.26
CA ASN A 179 45.05 -20.61 -18.15
C ASN A 179 43.63 -20.60 -17.55
N LEU A 180 42.79 -21.57 -17.91
CA LEU A 180 41.39 -21.60 -17.44
C LEU A 180 41.32 -21.90 -15.94
N THR A 181 40.78 -20.94 -15.18
CA THR A 181 40.62 -21.06 -13.74
C THR A 181 39.16 -21.31 -13.31
N HIS A 182 38.21 -20.62 -13.95
CA HIS A 182 36.78 -20.69 -13.60
C HIS A 182 35.97 -21.36 -14.72
N LEU A 183 35.28 -22.45 -14.39
CA LEU A 183 34.36 -23.14 -15.30
C LEU A 183 33.00 -23.35 -14.63
N SER A 184 31.93 -22.98 -15.34
CA SER A 184 30.55 -23.10 -14.86
C SER A 184 29.66 -23.78 -15.92
N LEU A 185 29.06 -24.91 -15.55
CA LEU A 185 28.24 -25.72 -16.46
C LEU A 185 27.01 -26.23 -15.72
N LYS A 186 26.25 -25.31 -15.14
CA LYS A 186 25.02 -25.62 -14.41
C LYS A 186 23.86 -25.82 -15.38
N TYR A 187 22.83 -26.54 -14.93
CA TYR A 187 21.56 -26.68 -15.66
C TYR A 187 21.76 -27.14 -17.13
N ASN A 188 22.58 -28.18 -17.29
CA ASN A 188 22.91 -28.73 -18.62
C ASN A 188 22.54 -30.20 -18.81
N ASN A 189 21.81 -30.78 -17.85
CA ASN A 189 21.37 -32.19 -17.90
C ASN A 189 22.52 -33.22 -17.96
N LEU A 190 23.71 -32.84 -17.48
CA LEU A 190 24.89 -33.70 -17.53
C LEU A 190 24.72 -34.87 -16.56
N THR A 191 25.12 -36.06 -17.00
CA THR A 191 25.06 -37.27 -16.15
C THR A 191 26.41 -37.65 -15.55
N GLU A 192 27.47 -36.96 -15.97
CA GLU A 192 28.81 -37.19 -15.46
C GLU A 192 29.68 -35.94 -15.63
N VAL A 193 30.75 -35.89 -14.85
CA VAL A 193 31.72 -34.80 -14.94
C VAL A 193 32.43 -34.94 -16.29
N PRO A 194 32.59 -33.83 -17.05
CA PRO A 194 33.33 -33.92 -18.32
C PRO A 194 34.77 -34.41 -18.13
N ARG A 195 35.20 -35.27 -19.03
CA ARG A 195 36.50 -35.96 -18.91
C ARG A 195 37.64 -35.03 -19.32
N ARG A 196 38.77 -35.18 -18.63
CA ARG A 196 39.99 -34.42 -18.89
C ARG A 196 39.76 -32.91 -18.98
N LEU A 197 39.39 -32.33 -17.85
CA LEU A 197 39.30 -30.88 -17.70
C LEU A 197 40.70 -30.31 -17.45
N PRO A 198 40.88 -28.98 -17.65
CA PRO A 198 42.21 -28.40 -17.42
C PRO A 198 42.68 -28.47 -15.96
N PRO A 199 43.92 -28.92 -15.70
CA PRO A 199 44.52 -28.88 -14.35
C PRO A 199 44.63 -27.50 -13.69
N SER A 200 44.59 -26.43 -14.50
CA SER A 200 44.64 -25.05 -14.00
C SER A 200 43.40 -24.59 -13.22
N LEU A 201 42.28 -25.31 -13.33
CA LEU A 201 41.00 -24.92 -12.69
C LEU A 201 41.09 -24.79 -11.16
N ASP A 202 40.67 -23.63 -10.64
CA ASP A 202 40.43 -23.45 -9.19
C ASP A 202 38.94 -23.42 -8.80
N THR A 203 38.04 -23.13 -9.74
CA THR A 203 36.60 -23.08 -9.46
C THR A 203 35.83 -23.87 -10.53
N LEU A 204 35.15 -24.92 -10.11
CA LEU A 204 34.37 -25.80 -10.99
C LEU A 204 32.92 -25.93 -10.46
N LEU A 205 31.96 -25.43 -11.24
CA LEU A 205 30.56 -25.35 -10.81
C LEU A 205 29.69 -26.24 -11.71
N LEU A 206 29.16 -27.32 -11.15
CA LEU A 206 28.38 -28.32 -11.89
C LEU A 206 27.00 -28.54 -11.27
N SER A 207 26.45 -27.51 -10.62
CA SER A 207 25.23 -27.64 -9.85
C SER A 207 23.99 -27.73 -10.74
N TYR A 208 22.98 -28.45 -10.25
CA TYR A 208 21.71 -28.65 -10.96
C TYR A 208 21.86 -29.31 -12.32
N ASN A 209 22.75 -30.29 -12.38
CA ASN A 209 22.81 -31.29 -13.45
C ASN A 209 22.21 -32.56 -12.83
N HIS A 210 22.42 -33.73 -13.43
CA HIS A 210 22.05 -35.01 -12.80
C HIS A 210 23.24 -35.95 -12.73
N ILE A 211 24.36 -35.42 -12.22
CA ILE A 211 25.56 -36.20 -11.96
C ILE A 211 25.32 -36.95 -10.65
N VAL A 212 24.88 -38.18 -10.81
CA VAL A 212 24.31 -38.98 -9.74
C VAL A 212 25.35 -39.94 -9.10
N THR A 213 26.50 -40.10 -9.75
CA THR A 213 27.64 -40.87 -9.21
C THR A 213 28.92 -40.05 -9.36
N LEU A 214 29.84 -40.23 -8.41
CA LEU A 214 31.17 -39.62 -8.49
C LEU A 214 32.26 -40.60 -8.08
N ALA A 215 33.48 -40.30 -8.52
CA ALA A 215 34.68 -41.11 -8.24
C ALA A 215 35.93 -40.26 -8.46
N PRO A 216 37.09 -40.66 -7.88
CA PRO A 216 38.35 -39.89 -8.04
C PRO A 216 38.71 -39.55 -9.49
N GLU A 217 38.44 -40.49 -10.39
CA GLU A 217 38.74 -40.32 -11.82
C GLU A 217 37.87 -39.26 -12.50
N ASP A 218 36.69 -39.01 -11.96
CA ASP A 218 35.83 -37.91 -12.44
C ASP A 218 36.43 -36.53 -12.20
N LEU A 219 37.26 -36.41 -11.15
CA LEU A 219 37.96 -35.17 -10.82
C LEU A 219 39.48 -35.33 -10.96
N ALA A 220 39.91 -36.07 -11.98
CA ALA A 220 41.31 -36.46 -12.15
C ALA A 220 42.19 -35.28 -12.54
N ASN A 221 43.37 -35.19 -11.91
CA ASN A 221 44.39 -34.17 -12.19
C ASN A 221 43.95 -32.71 -11.91
N LEU A 222 42.93 -32.53 -11.07
CA LEU A 222 42.43 -31.19 -10.71
C LEU A 222 42.91 -30.80 -9.31
N THR A 223 44.23 -30.79 -9.13
CA THR A 223 44.84 -30.56 -7.82
C THR A 223 44.88 -29.08 -7.40
N ALA A 224 44.62 -28.17 -8.35
CA ALA A 224 44.53 -26.73 -8.05
C ALA A 224 43.12 -26.27 -7.67
N LEU A 225 42.21 -27.22 -7.42
CA LEU A 225 40.79 -26.92 -7.25
C LEU A 225 40.53 -26.35 -5.85
N ARG A 226 39.98 -25.15 -5.81
CA ARG A 226 39.73 -24.39 -4.58
C ARG A 226 38.25 -24.37 -4.18
N VAL A 227 37.36 -24.20 -5.17
CA VAL A 227 35.91 -24.25 -4.98
C VAL A 227 35.31 -25.32 -5.88
N LEU A 228 34.46 -26.18 -5.31
CA LEU A 228 33.76 -27.23 -6.06
C LEU A 228 32.29 -27.26 -5.67
N ASP A 229 31.42 -27.03 -6.66
CA ASP A 229 29.96 -27.11 -6.48
C ASP A 229 29.40 -28.26 -7.30
N VAL A 230 28.97 -29.32 -6.62
CA VAL A 230 28.27 -30.46 -7.24
C VAL A 230 26.88 -30.67 -6.61
N GLY A 231 26.29 -29.58 -6.14
CA GLY A 231 25.02 -29.63 -5.42
C GLY A 231 23.82 -29.64 -6.35
N GLY A 232 22.70 -30.16 -5.84
CA GLY A 232 21.46 -30.22 -6.61
C GLY A 232 21.50 -31.19 -7.78
N ASN A 233 22.29 -32.26 -7.64
CA ASN A 233 22.47 -33.24 -8.71
C ASN A 233 21.63 -34.51 -8.54
N CYS A 234 21.21 -34.83 -7.32
CA CYS A 234 20.00 -35.64 -7.16
C CYS A 234 19.21 -35.15 -5.95
N ARG A 235 18.06 -34.54 -6.26
CA ARG A 235 17.39 -33.59 -5.39
C ARG A 235 16.23 -34.19 -4.62
N ARG A 236 15.79 -33.44 -3.61
CA ARG A 236 14.56 -33.71 -2.88
C ARG A 236 13.48 -32.71 -3.35
N CYS A 237 12.60 -33.17 -4.23
CA CYS A 237 11.64 -32.28 -4.88
C CYS A 237 10.48 -31.82 -3.98
N ASP A 238 10.32 -32.41 -2.80
CA ASP A 238 9.38 -31.90 -1.80
C ASP A 238 9.69 -30.47 -1.35
N HIS A 239 10.96 -30.05 -1.51
CA HIS A 239 11.41 -28.68 -1.22
C HIS A 239 11.58 -27.77 -2.46
N ALA A 240 11.51 -28.35 -3.66
CA ALA A 240 11.74 -27.59 -4.90
C ALA A 240 10.63 -26.57 -5.18
N ARG A 241 11.03 -25.37 -5.61
CA ARG A 241 10.09 -24.37 -6.12
C ARG A 241 9.96 -24.37 -7.64
N ASN A 242 10.84 -25.13 -8.30
CA ASN A 242 10.91 -25.18 -9.76
C ASN A 242 10.74 -26.63 -10.22
N PRO A 243 10.66 -26.87 -11.55
CA PRO A 243 10.62 -28.27 -12.02
C PRO A 243 11.84 -29.06 -11.54
N CYS A 244 11.60 -30.32 -11.19
CA CYS A 244 12.54 -31.11 -10.41
C CYS A 244 12.31 -32.60 -10.65
N ARG A 245 13.38 -33.34 -10.90
CA ARG A 245 13.34 -34.81 -10.94
C ARG A 245 13.90 -35.36 -9.65
N GLU A 246 13.20 -36.34 -9.06
CA GLU A 246 13.56 -36.88 -7.75
C GLU A 246 14.82 -37.71 -7.88
N CYS A 247 15.66 -37.65 -6.84
CA CYS A 247 16.86 -38.49 -6.77
C CYS A 247 16.42 -39.95 -6.80
N PRO A 248 16.99 -40.77 -7.71
CA PRO A 248 16.55 -42.18 -7.75
C PRO A 248 16.99 -42.98 -6.53
N LYS A 249 16.31 -44.09 -6.27
CA LYS A 249 16.60 -44.92 -5.11
C LYS A 249 18.02 -45.49 -5.17
N ASN A 250 18.65 -45.54 -4.00
CA ASN A 250 20.05 -46.00 -3.81
C ASN A 250 21.12 -45.01 -4.27
N PHE A 251 20.73 -43.80 -4.63
CA PHE A 251 21.64 -42.76 -5.11
C PHE A 251 21.59 -41.56 -4.14
N PRO A 252 22.58 -40.65 -4.17
CA PRO A 252 23.77 -40.74 -5.02
C PRO A 252 24.80 -41.75 -4.51
N LYS A 253 25.77 -42.05 -5.37
CA LYS A 253 26.85 -42.98 -5.04
C LYS A 253 28.20 -42.28 -5.22
N LEU A 254 28.71 -41.73 -4.11
CA LEU A 254 30.02 -41.08 -4.09
C LEU A 254 31.06 -42.04 -3.51
N HIS A 255 32.10 -42.34 -4.29
CA HIS A 255 33.20 -43.19 -3.84
C HIS A 255 33.95 -42.47 -2.70
N PRO A 256 34.28 -43.18 -1.59
CA PRO A 256 35.09 -42.64 -0.49
C PRO A 256 36.24 -41.70 -0.83
N ASP A 257 37.00 -42.02 -1.88
CA ASP A 257 38.21 -41.26 -2.22
C ASP A 257 38.00 -40.19 -3.30
N THR A 258 36.75 -39.80 -3.57
CA THR A 258 36.40 -38.85 -4.63
C THR A 258 37.13 -37.51 -4.51
N PHE A 259 37.18 -36.97 -3.30
CA PHE A 259 37.76 -35.65 -3.05
C PHE A 259 39.17 -35.67 -2.46
N SER A 260 39.70 -36.87 -2.17
CA SER A 260 40.91 -37.03 -1.35
C SER A 260 42.21 -36.45 -1.92
N HIS A 261 42.24 -36.23 -3.23
CA HIS A 261 43.40 -35.59 -3.91
C HIS A 261 43.29 -34.06 -4.09
N LEU A 262 42.22 -33.45 -3.59
CA LEU A 262 42.00 -32.00 -3.73
C LEU A 262 42.54 -31.22 -2.52
N SER A 263 43.86 -31.15 -2.41
CA SER A 263 44.53 -30.57 -1.24
C SER A 263 44.30 -29.07 -1.02
N ARG A 264 44.03 -28.33 -2.10
CA ARG A 264 43.80 -26.88 -2.03
C ARG A 264 42.32 -26.46 -1.84
N LEU A 265 41.42 -27.44 -1.71
CA LEU A 265 39.98 -27.16 -1.64
C LEU A 265 39.58 -26.37 -0.38
N GLU A 266 39.04 -25.17 -0.59
CA GLU A 266 38.53 -24.29 0.48
C GLU A 266 37.01 -24.37 0.63
N GLY A 267 36.30 -24.45 -0.50
CA GLY A 267 34.82 -24.48 -0.50
C GLY A 267 34.29 -25.72 -1.18
N LEU A 268 33.31 -26.37 -0.56
CA LEU A 268 32.65 -27.56 -1.12
C LEU A 268 31.12 -27.47 -0.94
N VAL A 269 30.38 -27.56 -2.03
CA VAL A 269 28.92 -27.49 -2.01
C VAL A 269 28.32 -28.86 -2.33
N LEU A 270 27.68 -29.46 -1.33
CA LEU A 270 26.97 -30.74 -1.44
C LEU A 270 25.48 -30.58 -1.16
N LYS A 271 24.92 -29.40 -1.40
CA LYS A 271 23.49 -29.15 -1.14
C LYS A 271 22.59 -29.99 -2.04
N ASP A 272 21.38 -30.25 -1.56
CA ASP A 272 20.32 -30.92 -2.33
C ASP A 272 20.81 -32.16 -3.10
N SER A 273 21.53 -33.02 -2.38
CA SER A 273 22.05 -34.28 -2.89
C SER A 273 21.43 -35.50 -2.18
N SER A 274 20.34 -35.30 -1.45
CA SER A 274 19.59 -36.38 -0.77
C SER A 274 20.47 -37.29 0.10
N LEU A 275 21.31 -36.67 0.91
CA LEU A 275 22.28 -37.35 1.75
C LEU A 275 21.70 -37.55 3.15
N TYR A 276 21.58 -38.80 3.57
CA TYR A 276 21.14 -39.16 4.92
C TYR A 276 22.33 -39.27 5.89
N LYS A 277 23.53 -39.36 5.33
CA LYS A 277 24.77 -39.33 6.10
C LYS A 277 25.94 -38.90 5.23
N LEU A 278 27.03 -38.48 5.89
CA LEU A 278 28.28 -38.19 5.22
C LEU A 278 29.25 -39.34 5.46
N GLU A 279 30.16 -39.53 4.50
CA GLU A 279 31.26 -40.47 4.65
C GLU A 279 32.49 -39.72 5.17
N LYS A 280 33.08 -40.21 6.25
CA LYS A 280 34.32 -39.67 6.81
C LYS A 280 35.46 -39.57 5.78
N ASP A 281 35.53 -40.57 4.91
CA ASP A 281 36.55 -40.64 3.86
C ASP A 281 36.51 -39.47 2.87
N TRP A 282 35.34 -38.88 2.62
CA TRP A 282 35.21 -37.71 1.73
C TRP A 282 36.06 -36.52 2.18
N PHE A 283 36.15 -36.31 3.48
CA PHE A 283 36.85 -35.17 4.07
C PHE A 283 38.28 -35.46 4.54
N ARG A 284 38.77 -36.68 4.28
CA ARG A 284 40.16 -37.02 4.54
C ARG A 284 41.02 -36.42 3.42
N GLY A 285 42.00 -35.61 3.82
CA GLY A 285 42.81 -34.85 2.89
C GLY A 285 42.23 -33.50 2.49
N LEU A 286 41.12 -33.10 3.12
CA LEU A 286 40.57 -31.74 2.94
C LEU A 286 40.89 -30.84 4.15
N GLY A 287 42.19 -30.68 4.35
CA GLY A 287 42.73 -29.96 5.49
C GLY A 287 42.50 -28.47 5.47
N ARG A 288 42.35 -27.90 4.28
CA ARG A 288 42.13 -26.44 4.12
C ARG A 288 40.65 -26.02 4.03
N LEU A 289 39.71 -26.94 4.32
CA LEU A 289 38.32 -26.72 4.03
C LEU A 289 37.72 -25.68 4.96
N GLN A 290 37.34 -24.54 4.37
CA GLN A 290 36.79 -23.39 5.08
C GLN A 290 35.28 -23.25 4.95
N VAL A 291 34.70 -23.66 3.81
CA VAL A 291 33.26 -23.53 3.57
C VAL A 291 32.68 -24.90 3.17
N LEU A 292 31.62 -25.31 3.87
CA LEU A 292 30.89 -26.54 3.55
C LEU A 292 29.37 -26.31 3.58
N ASP A 293 28.73 -26.45 2.41
CA ASP A 293 27.29 -26.30 2.24
C ASP A 293 26.63 -27.69 2.17
N LEU A 294 25.86 -28.04 3.20
CA LEU A 294 25.14 -29.33 3.28
C LEU A 294 23.61 -29.12 3.30
N SER A 295 23.15 -28.00 2.77
CA SER A 295 21.73 -27.64 2.89
C SER A 295 20.83 -28.55 2.05
N GLU A 296 19.55 -28.64 2.43
CA GLU A 296 18.53 -29.40 1.69
C GLU A 296 18.83 -30.89 1.54
N ASN A 297 19.56 -31.45 2.51
CA ASN A 297 19.84 -32.90 2.58
C ASN A 297 18.90 -33.52 3.64
N PHE A 298 19.17 -34.75 4.06
CA PHE A 298 18.39 -35.41 5.13
C PHE A 298 19.27 -35.71 6.36
N LEU A 299 20.06 -34.72 6.77
CA LEU A 299 21.05 -34.91 7.86
C LEU A 299 20.53 -34.62 9.27
N TYR A 300 19.22 -34.43 9.43
CA TYR A 300 18.58 -34.23 10.75
C TYR A 300 19.02 -35.21 11.86
N ASP A 301 19.13 -36.50 11.55
CA ASP A 301 19.59 -37.49 12.54
C ASP A 301 21.11 -37.54 12.63
N TYR A 302 21.77 -37.40 11.48
CA TYR A 302 23.23 -37.44 11.39
C TYR A 302 23.92 -36.40 12.26
N ILE A 303 23.43 -35.17 12.23
CA ILE A 303 24.03 -34.06 13.02
C ILE A 303 23.88 -34.20 14.54
N THR A 304 22.96 -35.04 15.01
CA THR A 304 22.76 -35.27 16.45
C THR A 304 23.78 -36.20 17.07
N LYS A 305 24.38 -37.09 16.26
CA LYS A 305 25.34 -38.08 16.73
C LYS A 305 26.70 -38.13 16.03
N THR A 306 26.84 -37.53 14.85
CA THR A 306 28.10 -37.61 14.07
C THR A 306 29.34 -37.14 14.82
N THR A 307 30.46 -37.70 14.42
CA THR A 307 31.76 -37.38 15.00
C THR A 307 32.71 -36.73 13.95
N ILE A 308 32.17 -36.41 12.76
CA ILE A 308 32.97 -35.97 11.62
C ILE A 308 33.52 -34.54 11.76
N PHE A 309 32.87 -33.73 12.58
CA PHE A 309 33.28 -32.35 12.79
C PHE A 309 34.55 -32.21 13.63
N ASN A 310 34.99 -33.29 14.28
CA ASN A 310 36.32 -33.36 14.90
C ASN A 310 37.47 -33.23 13.89
N ASP A 311 37.21 -33.62 12.63
CA ASP A 311 38.19 -33.52 11.54
C ASP A 311 37.99 -32.32 10.60
N LEU A 312 37.13 -31.37 10.96
CA LEU A 312 36.90 -30.17 10.14
C LEU A 312 37.19 -28.92 10.97
N THR A 313 38.39 -28.89 11.52
CA THR A 313 38.80 -27.85 12.46
C THR A 313 39.09 -26.49 11.82
N GLN A 314 39.28 -26.43 10.50
CA GLN A 314 39.54 -25.17 9.78
C GLN A 314 38.26 -24.52 9.19
N LEU A 315 37.11 -25.14 9.43
CA LEU A 315 35.87 -24.75 8.80
C LEU A 315 35.35 -23.44 9.40
N ARG A 316 35.03 -22.48 8.52
CA ARG A 316 34.55 -21.15 8.90
C ARG A 316 33.04 -20.99 8.74
N ARG A 317 32.48 -21.53 7.65
CA ARG A 317 31.04 -21.48 7.39
C ARG A 317 30.49 -22.87 7.16
N LEU A 318 29.42 -23.21 7.90
CA LEU A 318 28.75 -24.51 7.81
C LEU A 318 27.25 -24.28 7.64
N ASN A 319 26.73 -24.64 6.46
CA ASN A 319 25.30 -24.47 6.15
C ASN A 319 24.61 -25.82 6.27
N LEU A 320 23.72 -25.95 7.27
CA LEU A 320 22.92 -27.15 7.49
C LEU A 320 21.42 -26.89 7.25
N SER A 321 21.11 -25.81 6.52
CA SER A 321 19.73 -25.34 6.40
C SER A 321 18.83 -26.27 5.60
N PHE A 322 17.55 -26.31 5.96
CA PHE A 322 16.55 -27.17 5.33
C PHE A 322 16.90 -28.67 5.30
N ASN A 323 17.62 -29.12 6.33
CA ASN A 323 17.80 -30.54 6.61
C ASN A 323 16.63 -31.00 7.48
N TYR A 324 15.44 -31.01 6.87
CA TYR A 324 14.20 -31.35 7.58
C TYR A 324 13.73 -32.73 7.16
N HIS A 325 13.05 -33.38 8.09
CA HIS A 325 12.46 -34.68 7.87
C HIS A 325 11.09 -34.43 7.24
N LYS A 326 10.81 -35.12 6.14
CA LYS A 326 9.54 -34.96 5.43
C LYS A 326 8.35 -35.12 6.37
N LYS A 327 7.42 -34.19 6.29
CA LYS A 327 6.13 -34.21 6.99
C LYS A 327 6.19 -34.06 8.52
N VAL A 328 7.38 -33.85 9.09
CA VAL A 328 7.52 -33.75 10.56
C VAL A 328 8.36 -32.56 10.99
N SER A 329 8.11 -32.13 12.23
CA SER A 329 9.03 -31.28 12.98
C SER A 329 9.38 -32.04 14.26
N PHE A 330 10.55 -31.76 14.82
CA PHE A 330 11.01 -32.43 16.05
C PHE A 330 10.67 -31.62 17.30
N ALA A 331 10.47 -32.31 18.42
CA ALA A 331 10.22 -31.66 19.70
C ALA A 331 11.47 -30.92 20.17
N HIS A 332 12.62 -31.60 20.05
CA HIS A 332 13.93 -31.03 20.36
C HIS A 332 14.93 -31.39 19.26
N LEU A 333 16.10 -30.76 19.33
CA LEU A 333 17.18 -31.01 18.37
C LEU A 333 18.51 -30.79 19.09
N HIS A 334 19.19 -31.87 19.45
CA HIS A 334 20.43 -31.79 20.23
C HIS A 334 21.64 -32.12 19.36
N LEU A 335 22.50 -31.12 19.16
CA LEU A 335 23.65 -31.25 18.26
C LEU A 335 24.70 -32.15 18.86
N ALA A 336 25.42 -32.84 17.98
CA ALA A 336 26.49 -33.75 18.41
C ALA A 336 27.59 -33.00 19.16
N SER A 337 28.28 -33.74 20.01
CA SER A 337 29.41 -33.24 20.78
C SER A 337 30.53 -32.72 19.86
N SER A 338 30.73 -33.35 18.71
CA SER A 338 31.80 -32.96 17.76
C SER A 338 31.74 -31.51 17.22
N PHE A 339 30.58 -30.86 17.27
CA PHE A 339 30.49 -29.42 16.93
C PHE A 339 31.44 -28.57 17.79
N GLY A 340 31.66 -29.02 19.04
CA GLY A 340 32.68 -28.46 19.93
C GLY A 340 34.02 -29.05 19.53
N SER A 341 34.62 -28.39 18.57
CA SER A 341 35.82 -28.82 17.80
C SER A 341 35.97 -27.92 16.57
N LEU A 342 34.84 -27.36 16.10
CA LEU A 342 34.85 -26.36 15.03
C LEU A 342 35.29 -24.99 15.56
N VAL A 343 36.56 -24.89 15.93
CA VAL A 343 37.09 -23.70 16.62
C VAL A 343 37.38 -22.51 15.71
N SER A 344 37.43 -22.74 14.40
CA SER A 344 37.51 -21.64 13.42
C SER A 344 36.14 -21.17 12.92
N LEU A 345 35.06 -21.80 13.39
CA LEU A 345 33.72 -21.55 12.88
C LEU A 345 33.24 -20.14 13.20
N GLU A 346 32.82 -19.43 12.16
CA GLU A 346 32.28 -18.08 12.25
C GLU A 346 30.76 -18.02 12.04
N LYS A 347 30.23 -18.84 11.15
CA LYS A 347 28.83 -18.79 10.75
C LYS A 347 28.28 -20.22 10.69
N LEU A 348 27.13 -20.42 11.34
CA LEU A 348 26.42 -21.71 11.33
C LEU A 348 24.96 -21.48 10.98
N ASP A 349 24.54 -22.03 9.83
CA ASP A 349 23.17 -21.86 9.34
C ASP A 349 22.32 -23.11 9.59
N MET A 350 21.30 -22.95 10.43
CA MET A 350 20.39 -24.04 10.83
C MET A 350 18.92 -23.72 10.57
N HIS A 351 18.65 -22.87 9.58
CA HIS A 351 17.26 -22.49 9.30
C HIS A 351 16.54 -23.61 8.53
N GLY A 352 15.24 -23.77 8.80
CA GLY A 352 14.41 -24.73 8.06
C GLY A 352 14.56 -26.22 8.35
N ILE A 353 15.23 -26.58 9.43
CA ILE A 353 15.27 -27.98 9.93
C ILE A 353 13.92 -28.44 10.52
N PHE A 354 13.15 -27.50 11.05
CA PHE A 354 11.89 -27.71 11.75
C PHE A 354 12.07 -28.47 13.08
N PHE A 355 12.13 -27.68 14.16
CA PHE A 355 12.12 -28.21 15.53
C PHE A 355 11.51 -27.17 16.47
N ARG A 356 10.76 -27.64 17.47
CA ARG A 356 9.81 -26.80 18.21
C ARG A 356 10.33 -26.16 19.50
N SER A 357 11.38 -26.72 20.08
CA SER A 357 11.95 -26.22 21.34
C SER A 357 13.46 -25.90 21.22
N LEU A 358 13.85 -24.71 21.69
CA LEU A 358 15.25 -24.29 21.78
C LEU A 358 15.62 -24.10 23.26
N THR A 359 16.55 -24.92 23.74
CA THR A 359 16.92 -24.98 25.17
C THR A 359 18.44 -24.84 25.36
N ASN A 360 18.88 -24.91 26.61
CA ASN A 360 20.30 -25.02 27.01
C ASN A 360 21.06 -26.19 26.34
N ILE A 361 20.35 -27.29 26.13
CA ILE A 361 20.93 -28.51 25.56
C ILE A 361 21.14 -28.37 24.05
N THR A 362 20.19 -27.74 23.37
CA THR A 362 20.20 -27.60 21.90
C THR A 362 21.56 -27.25 21.32
N LEU A 363 22.14 -26.14 21.78
CA LEU A 363 23.38 -25.59 21.25
C LEU A 363 24.55 -25.65 22.26
N GLN A 364 24.47 -26.59 23.21
CA GLN A 364 25.52 -26.88 24.20
C GLN A 364 26.94 -26.92 23.59
N SER A 365 27.08 -27.68 22.51
CA SER A 365 28.36 -27.87 21.81
C SER A 365 29.00 -26.60 21.25
N LEU A 366 28.19 -25.60 20.93
CA LEU A 366 28.66 -24.35 20.31
C LEU A 366 29.10 -23.26 21.29
N THR A 367 28.70 -23.39 22.56
CA THR A 367 28.82 -22.33 23.56
C THR A 367 30.24 -21.76 23.74
N ARG A 368 31.25 -22.59 23.55
CA ARG A 368 32.65 -22.19 23.76
C ARG A 368 33.49 -22.02 22.47
N LEU A 369 32.84 -21.99 21.31
CA LEU A 369 33.57 -21.78 20.05
C LEU A 369 33.99 -20.32 19.97
N PRO A 370 35.32 -20.05 19.97
CA PRO A 370 35.83 -18.69 20.21
C PRO A 370 35.55 -17.63 19.14
N LYS A 371 35.27 -18.03 17.90
CA LYS A 371 35.12 -17.08 16.80
C LYS A 371 33.73 -17.06 16.14
N LEU A 372 32.75 -17.75 16.74
CA LEU A 372 31.39 -17.86 16.19
C LEU A 372 30.59 -16.54 16.31
N GLN A 373 30.33 -15.92 15.16
CA GLN A 373 29.65 -14.62 15.08
C GLN A 373 28.17 -14.69 14.69
N SER A 374 27.83 -15.56 13.75
CA SER A 374 26.49 -15.64 13.17
C SER A 374 25.86 -16.99 13.46
N LEU A 375 24.60 -16.96 13.86
CA LEU A 375 23.84 -18.17 14.17
C LEU A 375 22.43 -17.99 13.60
N HIS A 376 22.06 -18.83 12.64
CA HIS A 376 20.81 -18.68 11.90
C HIS A 376 19.81 -19.78 12.22
N LEU A 377 18.81 -19.44 13.04
CA LEU A 377 17.79 -20.38 13.53
C LEU A 377 16.37 -20.01 13.08
N GLN A 378 16.26 -19.25 11.99
CA GLN A 378 14.97 -18.82 11.47
C GLN A 378 14.18 -19.97 10.84
N LEU A 379 12.90 -19.73 10.59
CA LEU A 379 12.04 -20.66 9.82
C LEU A 379 12.02 -22.10 10.37
N ASN A 380 12.07 -22.25 11.69
CA ASN A 380 12.15 -23.57 12.36
C ASN A 380 10.88 -24.01 13.12
N PHE A 381 9.81 -23.23 13.08
CA PHE A 381 8.58 -23.51 13.86
C PHE A 381 8.82 -23.65 15.37
N ILE A 382 9.80 -22.92 15.90
CA ILE A 382 10.15 -22.91 17.32
C ILE A 382 9.08 -22.14 18.07
N ASN A 383 8.46 -22.78 19.06
CA ASN A 383 7.46 -22.12 19.92
C ASN A 383 7.88 -21.93 21.38
N GLN A 384 9.04 -22.49 21.76
CA GLN A 384 9.65 -22.27 23.06
C GLN A 384 11.13 -22.02 22.86
N ALA A 385 11.59 -20.86 23.31
CA ALA A 385 12.98 -20.44 23.11
C ALA A 385 13.55 -19.86 24.40
N GLN A 386 14.59 -20.51 24.91
CA GLN A 386 15.31 -20.04 26.09
C GLN A 386 16.41 -19.07 25.61
N LEU A 387 16.05 -17.79 25.51
CA LEU A 387 16.93 -16.76 24.91
C LEU A 387 18.18 -16.46 25.73
N SER A 388 18.12 -16.72 27.04
CA SER A 388 19.26 -16.49 27.96
C SER A 388 20.55 -17.24 27.60
N ILE A 389 20.45 -18.32 26.81
CA ILE A 389 21.61 -19.11 26.38
C ILE A 389 22.66 -18.30 25.62
N PHE A 390 22.22 -17.28 24.88
CA PHE A 390 23.10 -16.50 24.01
C PHE A 390 24.06 -15.56 24.74
N GLY A 391 23.77 -15.25 26.00
CA GLY A 391 24.66 -14.45 26.83
C GLY A 391 26.02 -15.08 27.09
N ALA A 392 26.04 -16.41 27.25
CA ALA A 392 27.28 -17.14 27.52
C ALA A 392 28.23 -17.25 26.31
N PHE A 393 27.74 -17.01 25.10
CA PHE A 393 28.56 -17.11 23.88
C PHE A 393 29.59 -15.97 23.86
N PRO A 394 30.86 -16.27 23.52
CA PRO A 394 31.89 -15.23 23.61
C PRO A 394 31.92 -14.18 22.48
N SER A 395 31.44 -14.52 21.28
CA SER A 395 31.68 -13.66 20.09
C SER A 395 30.49 -13.38 19.17
N LEU A 396 29.26 -13.67 19.63
CA LEU A 396 28.09 -13.51 18.78
C LEU A 396 27.83 -12.05 18.39
N LEU A 397 27.68 -11.82 17.09
CA LEU A 397 27.19 -10.57 16.54
C LEU A 397 25.75 -10.64 16.03
N PHE A 398 25.30 -11.81 15.58
CA PHE A 398 23.99 -11.95 14.97
C PHE A 398 23.34 -13.30 15.29
N VAL A 399 22.13 -13.25 15.85
CA VAL A 399 21.31 -14.42 16.09
C VAL A 399 19.97 -14.19 15.39
N ASP A 400 19.68 -15.02 14.39
CA ASP A 400 18.43 -14.92 13.64
C ASP A 400 17.43 -15.96 14.17
N LEU A 401 16.43 -15.50 14.91
CA LEU A 401 15.31 -16.35 15.34
C LEU A 401 13.99 -15.89 14.71
N SER A 402 14.08 -15.28 13.52
CA SER A 402 12.89 -14.75 12.86
C SER A 402 12.06 -15.85 12.23
N ASP A 403 10.82 -15.53 11.88
CA ASP A 403 9.88 -16.46 11.24
C ASP A 403 9.76 -17.79 12.03
N ASN A 404 9.53 -17.65 13.34
CA ASN A 404 9.29 -18.77 14.22
C ASN A 404 7.90 -18.58 14.84
N ARG A 405 7.56 -19.41 15.84
CA ARG A 405 6.27 -19.31 16.55
C ARG A 405 6.45 -18.97 18.03
N ILE A 406 7.44 -18.12 18.34
CA ILE A 406 7.78 -17.79 19.72
C ILE A 406 6.76 -16.79 20.27
N SER A 407 6.35 -17.00 21.52
CA SER A 407 5.38 -16.13 22.19
C SER A 407 5.74 -15.76 23.63
N GLY A 408 6.98 -16.01 24.08
CA GLY A 408 7.35 -15.67 25.46
C GLY A 408 8.69 -16.20 25.95
N ALA A 409 8.79 -16.39 27.26
CA ALA A 409 10.02 -16.83 27.92
C ALA A 409 10.30 -18.32 27.71
N MET A 446 17.44 4.36 10.31
CA MET A 446 17.78 3.34 11.30
C MET A 446 19.23 2.92 11.16
N PRO A 447 20.06 3.08 12.23
CA PRO A 447 21.46 2.62 12.15
C PRO A 447 21.63 1.13 11.81
N SER A 448 22.79 0.81 11.25
CA SER A 448 22.97 -0.42 10.49
C SER A 448 22.91 -1.71 11.30
N CYS A 449 23.47 -1.70 12.51
CA CYS A 449 23.56 -2.89 13.41
C CYS A 449 24.50 -4.01 12.93
N ASN A 450 25.24 -3.76 11.85
CA ASN A 450 26.06 -4.82 11.23
C ASN A 450 27.20 -5.32 12.10
N LEU A 451 27.95 -4.41 12.74
CA LEU A 451 29.10 -4.77 13.57
C LEU A 451 28.77 -4.87 15.08
N ASN A 452 27.50 -5.17 15.42
CA ASN A 452 27.03 -5.08 16.81
C ASN A 452 26.12 -6.26 17.15
N PHE A 453 26.13 -6.65 18.42
CA PHE A 453 25.36 -7.80 18.89
C PHE A 453 23.85 -7.58 18.71
N THR A 454 23.27 -8.32 17.76
CA THR A 454 21.90 -8.14 17.28
C THR A 454 21.13 -9.45 17.40
N LEU A 455 19.90 -9.37 17.92
CA LEU A 455 18.98 -10.51 18.00
C LEU A 455 17.73 -10.20 17.19
N ASP A 456 17.44 -11.05 16.20
CA ASP A 456 16.26 -10.89 15.36
C ASP A 456 15.16 -11.84 15.82
N LEU A 457 14.10 -11.26 16.38
CA LEU A 457 12.89 -11.99 16.79
C LEU A 457 11.68 -11.56 15.97
N SER A 458 11.92 -11.04 14.77
CA SER A 458 10.85 -10.55 13.93
C SER A 458 10.02 -11.71 13.38
N ARG A 459 8.77 -11.44 13.02
CA ARG A 459 7.86 -12.46 12.45
C ARG A 459 7.64 -13.66 13.40
N ASN A 460 7.35 -13.34 14.65
CA ASN A 460 7.01 -14.33 15.68
C ASN A 460 5.64 -13.99 16.26
N ASN A 461 5.17 -14.75 17.26
CA ASN A 461 3.81 -14.57 17.83
C ASN A 461 3.77 -13.90 19.21
N LEU A 462 4.67 -12.95 19.44
CA LEU A 462 4.70 -12.20 20.70
C LEU A 462 3.52 -11.24 20.71
N VAL A 463 2.71 -11.31 21.77
CA VAL A 463 1.54 -10.42 21.96
C VAL A 463 1.77 -9.40 23.09
N THR A 464 2.38 -9.86 24.18
CA THR A 464 2.83 -8.96 25.24
C THR A 464 4.27 -9.32 25.60
N ILE A 465 5.11 -8.30 25.75
CA ILE A 465 6.51 -8.46 26.10
C ILE A 465 6.66 -8.50 27.63
N GLN A 466 7.29 -9.59 28.12
CA GLN A 466 7.64 -9.74 29.53
C GLN A 466 9.16 -9.62 29.66
N GLN A 467 9.62 -8.86 30.65
CA GLN A 467 11.06 -8.58 30.82
C GLN A 467 11.95 -9.81 31.00
N GLU A 468 11.40 -10.88 31.57
CA GLU A 468 12.13 -12.11 31.86
C GLU A 468 12.61 -12.86 30.60
N MET A 469 12.03 -12.51 29.44
CA MET A 469 12.55 -12.91 28.13
C MET A 469 14.02 -12.59 27.92
N PHE A 470 14.42 -11.40 28.36
CA PHE A 470 15.70 -10.82 28.00
C PHE A 470 16.80 -10.98 29.06
N THR A 471 16.58 -11.84 30.06
CA THR A 471 17.59 -12.07 31.10
C THR A 471 18.86 -12.66 30.49
N ARG A 472 20.00 -12.15 30.93
CA ARG A 472 21.32 -12.55 30.43
C ARG A 472 21.66 -12.00 29.03
N LEU A 473 20.90 -11.01 28.56
CA LEU A 473 21.17 -10.37 27.26
C LEU A 473 21.48 -8.87 27.43
N SER A 474 22.21 -8.54 28.49
CA SER A 474 22.59 -7.15 28.78
C SER A 474 23.63 -6.59 27.80
N ARG A 475 24.34 -7.47 27.10
CA ARG A 475 25.30 -7.09 26.07
C ARG A 475 24.64 -6.67 24.73
N LEU A 476 23.35 -6.95 24.58
CA LEU A 476 22.64 -6.78 23.31
C LEU A 476 22.49 -5.31 22.91
N GLN A 477 22.91 -4.98 21.68
CA GLN A 477 22.89 -3.61 21.18
C GLN A 477 21.77 -3.29 20.18
N CYS A 478 21.31 -4.32 19.45
CA CYS A 478 20.19 -4.18 18.52
C CYS A 478 19.19 -5.31 18.72
N LEU A 479 17.90 -4.96 18.74
CA LEU A 479 16.84 -5.94 18.88
C LEU A 479 15.76 -5.68 17.84
N ARG A 480 15.47 -6.69 17.01
CA ARG A 480 14.39 -6.60 16.04
C ARG A 480 13.18 -7.38 16.52
N LEU A 481 12.06 -6.68 16.72
CA LEU A 481 10.79 -7.30 17.07
C LEU A 481 9.69 -6.95 16.06
N SER A 482 10.08 -6.68 14.82
CA SER A 482 9.12 -6.26 13.81
C SER A 482 8.23 -7.41 13.35
N HIS A 483 7.06 -7.09 12.82
CA HIS A 483 6.12 -8.07 12.29
C HIS A 483 5.73 -9.14 13.32
N ASN A 484 5.61 -8.73 14.57
CA ASN A 484 5.06 -9.56 15.63
C ASN A 484 3.60 -9.14 15.80
N SER A 485 2.96 -9.53 16.90
CA SER A 485 1.59 -9.15 17.18
C SER A 485 1.45 -8.40 18.51
N ILE A 486 2.45 -7.58 18.83
CA ILE A 486 2.54 -6.98 20.16
C ILE A 486 1.46 -5.91 20.29
N SER A 487 0.47 -6.18 21.13
CA SER A 487 -0.56 -5.19 21.47
C SER A 487 -0.58 -5.03 23.00
N GLN A 488 0.06 -3.98 23.47
CA GLN A 488 0.39 -3.80 24.88
C GLN A 488 0.55 -2.33 25.17
N ALA A 489 -0.07 -1.88 26.27
CA ALA A 489 0.15 -0.53 26.79
C ALA A 489 1.51 -0.53 27.48
N VAL A 490 2.55 -0.40 26.65
CA VAL A 490 3.93 -0.49 27.08
C VAL A 490 4.23 0.67 28.04
N ASN A 491 4.92 0.39 29.15
CA ASN A 491 4.99 1.35 30.26
C ASN A 491 6.31 1.47 31.04
N GLY A 492 7.39 0.87 30.55
CA GLY A 492 8.70 0.97 31.19
C GLY A 492 9.21 -0.24 31.96
N SER A 493 8.47 -1.35 31.93
CA SER A 493 8.85 -2.58 32.66
C SER A 493 9.04 -3.78 31.75
N GLN A 494 9.23 -3.52 30.45
CA GLN A 494 9.23 -4.56 29.43
C GLN A 494 10.63 -4.98 28.96
N PHE A 495 11.59 -4.05 28.96
CA PHE A 495 12.92 -4.28 28.40
C PHE A 495 14.05 -4.05 29.42
N VAL A 496 13.76 -4.29 30.69
CA VAL A 496 14.62 -3.88 31.81
C VAL A 496 16.06 -4.43 31.73
N PRO A 497 16.23 -5.73 31.37
CA PRO A 497 17.59 -6.29 31.27
C PRO A 497 18.46 -5.75 30.13
N LEU A 498 17.86 -5.12 29.13
CA LEU A 498 18.60 -4.68 27.93
C LEU A 498 19.32 -3.34 28.13
N THR A 499 20.32 -3.35 29.01
CA THR A 499 20.99 -2.11 29.44
C THR A 499 21.92 -1.50 28.40
N SER A 500 22.34 -2.27 27.39
CA SER A 500 23.20 -1.74 26.31
C SER A 500 22.47 -1.47 25.00
N LEU A 501 21.15 -1.61 24.98
CA LEU A 501 20.38 -1.56 23.73
C LEU A 501 20.34 -0.14 23.16
N ARG A 502 20.81 -0.02 21.92
CA ARG A 502 20.81 1.25 21.19
C ARG A 502 19.73 1.34 20.10
N VAL A 503 19.37 0.20 19.50
CA VAL A 503 18.40 0.17 18.40
C VAL A 503 17.30 -0.84 18.74
N LEU A 504 16.05 -0.41 18.61
CA LEU A 504 14.89 -1.26 18.87
C LEU A 504 13.86 -1.07 17.74
N ASP A 505 13.66 -2.12 16.95
CA ASP A 505 12.70 -2.12 15.84
C ASP A 505 11.40 -2.81 16.29
N LEU A 506 10.36 -2.02 16.50
CA LEU A 506 9.03 -2.53 16.83
C LEU A 506 7.98 -2.25 15.73
N SER A 507 8.43 -2.20 14.47
CA SER A 507 7.54 -1.92 13.34
C SER A 507 6.60 -3.09 13.06
N HIS A 508 5.46 -2.80 12.45
CA HIS A 508 4.45 -3.81 12.11
C HIS A 508 4.01 -4.61 13.35
N ASN A 509 3.57 -3.87 14.36
CA ASN A 509 3.01 -4.43 15.60
C ASN A 509 1.71 -3.68 15.88
N LYS A 510 1.17 -3.79 17.10
CA LYS A 510 -0.06 -3.08 17.47
C LYS A 510 0.08 -2.37 18.82
N LEU A 511 1.24 -1.73 19.01
CA LEU A 511 1.62 -1.13 20.30
C LEU A 511 0.70 0.02 20.68
N ASP A 512 0.32 0.06 21.96
CA ASP A 512 -0.56 1.08 22.49
C ASP A 512 0.27 2.15 23.18
N LEU A 513 0.51 3.25 22.47
CA LEU A 513 1.30 4.35 22.99
C LEU A 513 0.41 5.22 23.88
N TYR A 514 0.63 5.11 25.20
CA TYR A 514 -0.26 5.72 26.18
C TYR A 514 0.49 6.13 27.45
N HIS A 515 1.14 5.17 28.09
CA HIS A 515 1.87 5.42 29.34
C HIS A 515 3.12 6.29 29.11
N GLY A 516 3.37 7.17 30.08
CA GLY A 516 4.42 8.18 29.98
C GLY A 516 5.85 7.68 30.10
N ARG A 517 6.05 6.47 30.62
CA ARG A 517 7.39 5.92 30.85
C ARG A 517 7.77 4.80 29.86
N SER A 518 7.13 4.76 28.69
CA SER A 518 7.44 3.77 27.65
C SER A 518 8.89 3.87 27.19
N PHE A 519 9.56 2.73 27.19
CA PHE A 519 10.96 2.62 26.72
C PHE A 519 11.99 3.38 27.57
N THR A 520 11.58 3.86 28.74
CA THR A 520 12.43 4.69 29.60
C THR A 520 13.48 3.84 30.32
N GLU A 521 13.19 2.55 30.45
CA GLU A 521 14.14 1.57 30.98
C GLU A 521 15.30 1.22 30.02
N LEU A 522 15.35 1.84 28.84
CA LEU A 522 16.45 1.70 27.88
C LEU A 522 17.28 2.99 27.84
N PRO A 523 18.30 3.11 28.71
CA PRO A 523 19.03 4.39 28.81
C PRO A 523 19.87 4.75 27.57
N GLN A 524 20.44 3.76 26.90
CA GLN A 524 21.26 3.98 25.70
C GLN A 524 20.44 4.07 24.40
N LEU A 525 19.11 3.97 24.46
CA LEU A 525 18.29 3.87 23.25
C LEU A 525 18.47 5.09 22.32
N GLU A 526 18.99 4.83 21.13
CA GLU A 526 19.25 5.84 20.10
C GLU A 526 18.27 5.83 18.92
N ALA A 527 17.77 4.65 18.56
CA ALA A 527 16.91 4.49 17.38
C ALA A 527 15.70 3.62 17.72
N LEU A 528 14.50 4.14 17.47
CA LEU A 528 13.26 3.46 17.82
C LEU A 528 12.32 3.51 16.62
N ASP A 529 11.98 2.33 16.07
CA ASP A 529 11.06 2.22 14.93
C ASP A 529 9.71 1.72 15.44
N LEU A 530 8.72 2.62 15.41
CA LEU A 530 7.33 2.29 15.77
C LEU A 530 6.41 2.48 14.58
N SER A 531 6.93 2.25 13.37
CA SER A 531 6.14 2.39 12.15
C SER A 531 5.18 1.21 11.95
N TYR A 532 4.14 1.42 11.17
CA TYR A 532 3.09 0.41 10.91
C TYR A 532 2.49 -0.25 12.17
N ASN A 533 2.39 0.53 13.24
CA ASN A 533 1.53 0.24 14.40
C ASN A 533 0.27 1.11 14.32
N SER A 534 -0.45 0.98 13.22
CA SER A 534 -1.58 1.86 12.91
C SER A 534 -2.90 1.51 13.59
N GLN A 535 -3.13 0.22 13.87
CA GLN A 535 -4.43 -0.26 14.35
C GLN A 535 -4.91 0.46 15.62
N PRO A 536 -4.02 0.64 16.63
CA PRO A 536 -4.45 1.42 17.80
C PRO A 536 -4.90 2.84 17.47
N PHE A 537 -4.22 3.51 16.52
CA PHE A 537 -4.60 4.87 16.10
C PHE A 537 -5.87 4.95 15.25
N SER A 538 -6.42 3.81 14.82
CA SER A 538 -7.73 3.74 14.15
C SER A 538 -8.90 3.42 15.09
N MET A 539 -8.63 3.33 16.40
CA MET A 539 -9.67 3.11 17.39
C MET A 539 -10.40 4.43 17.66
N GLN A 540 -11.50 4.63 16.94
CA GLN A 540 -12.25 5.90 17.00
C GLN A 540 -12.72 6.19 18.42
N GLY A 541 -12.27 7.33 18.94
CA GLY A 541 -12.62 7.76 20.29
C GLY A 541 -11.66 7.32 21.39
N VAL A 542 -10.66 6.50 21.05
CA VAL A 542 -9.64 6.08 22.02
C VAL A 542 -8.34 6.78 21.67
N GLY A 543 -7.97 7.74 22.49
CA GLY A 543 -6.81 8.60 22.25
C GLY A 543 -5.51 8.00 22.75
N HIS A 544 -4.42 8.70 22.45
CA HIS A 544 -3.06 8.21 22.72
C HIS A 544 -2.14 9.32 23.17
N ASN A 545 -1.02 8.92 23.75
CA ASN A 545 -0.11 9.85 24.41
C ASN A 545 1.33 9.52 24.01
N LEU A 546 1.98 10.51 23.40
CA LEU A 546 3.35 10.40 22.92
C LEU A 546 4.35 11.19 23.77
N SER A 547 4.00 11.45 25.03
CA SER A 547 4.87 12.24 25.92
C SER A 547 6.13 11.49 26.36
N PHE A 548 6.15 10.15 26.21
CA PHE A 548 7.34 9.33 26.46
C PHE A 548 8.56 9.74 25.64
N VAL A 549 8.35 10.29 24.44
CA VAL A 549 9.44 10.71 23.55
C VAL A 549 10.39 11.70 24.25
N ALA A 550 9.83 12.61 25.04
CA ALA A 550 10.62 13.55 25.84
C ALA A 550 11.45 12.90 26.94
N GLN A 551 11.03 11.72 27.41
CA GLN A 551 11.71 11.01 28.50
C GLN A 551 12.80 10.03 28.03
N LEU A 552 13.11 10.04 26.73
CA LEU A 552 14.18 9.18 26.18
C LEU A 552 15.40 10.05 25.89
N PRO A 553 16.33 10.15 26.88
CA PRO A 553 17.32 11.23 26.87
C PRO A 553 18.40 11.15 25.78
N SER A 554 18.62 9.97 25.20
CA SER A 554 19.61 9.82 24.13
C SER A 554 19.04 9.30 22.79
N LEU A 555 17.74 9.52 22.57
CA LEU A 555 17.08 9.14 21.30
C LEU A 555 17.43 10.12 20.17
N ARG A 556 17.90 9.57 19.05
CA ARG A 556 18.30 10.36 17.85
C ARG A 556 17.37 10.14 16.64
N TYR A 557 16.91 8.91 16.44
CA TYR A 557 16.01 8.56 15.34
C TYR A 557 14.71 7.99 15.92
N LEU A 558 13.58 8.52 15.43
CA LEU A 558 12.26 7.98 15.75
C LEU A 558 11.44 7.86 14.47
N SER A 559 10.79 6.72 14.27
CA SER A 559 9.79 6.55 13.22
C SER A 559 8.41 6.33 13.83
N LEU A 560 7.47 7.21 13.47
CA LEU A 560 6.05 7.01 13.72
C LEU A 560 5.31 6.87 12.39
N ALA A 561 6.01 6.32 11.40
CA ALA A 561 5.52 6.32 10.02
C ALA A 561 4.40 5.31 9.80
N HIS A 562 3.52 5.60 8.86
CA HIS A 562 2.40 4.72 8.48
C HIS A 562 1.59 4.21 9.67
N ASN A 563 1.29 5.13 10.58
CA ASN A 563 0.44 4.87 11.75
C ASN A 563 -0.99 5.41 11.63
N GLY A 564 -1.29 6.19 10.59
CA GLY A 564 -2.60 6.80 10.43
C GLY A 564 -3.01 7.74 11.58
N ILE A 565 -2.02 8.38 12.19
CA ILE A 565 -2.25 9.31 13.29
C ILE A 565 -3.04 10.47 12.72
N HIS A 566 -4.27 10.63 13.23
CA HIS A 566 -5.18 11.66 12.74
C HIS A 566 -5.96 12.44 13.81
N SER A 567 -6.21 11.86 14.99
CA SER A 567 -6.93 12.57 16.06
C SER A 567 -6.66 12.01 17.45
N ARG A 568 -7.00 12.79 18.47
CA ARG A 568 -6.89 12.40 19.89
C ARG A 568 -5.49 11.91 20.24
N VAL A 569 -4.53 12.81 20.12
CA VAL A 569 -3.13 12.50 20.37
C VAL A 569 -2.51 13.73 21.05
N SER A 570 -1.35 13.55 21.70
CA SER A 570 -0.59 14.64 22.31
C SER A 570 -0.42 15.82 21.35
N GLN A 571 -0.65 17.02 21.86
CA GLN A 571 -0.58 18.24 21.05
C GLN A 571 0.84 18.69 20.72
N LYS A 572 1.83 18.24 21.50
CA LYS A 572 3.23 18.68 21.37
C LYS A 572 4.22 17.55 21.64
N LEU A 573 5.06 17.25 20.66
CA LEU A 573 6.21 16.38 20.86
C LEU A 573 7.38 17.22 21.35
N SER A 574 8.20 16.64 22.22
CA SER A 574 9.42 17.28 22.73
C SER A 574 10.57 16.30 22.82
N SER A 575 11.78 16.84 22.57
CA SER A 575 13.03 16.11 22.76
C SER A 575 14.20 17.06 22.60
N ALA A 576 15.15 16.98 23.53
CA ALA A 576 16.43 17.68 23.39
C ALA A 576 17.35 16.99 22.38
N SER A 577 17.24 15.66 22.29
CA SER A 577 18.20 14.82 21.56
C SER A 577 17.83 14.46 20.10
N LEU A 578 16.54 14.38 19.80
CA LEU A 578 16.06 13.83 18.52
C LEU A 578 16.54 14.62 17.29
N ARG A 579 17.14 13.88 16.34
CA ARG A 579 17.73 14.42 15.11
C ARG A 579 16.85 14.18 13.87
N ALA A 580 16.18 13.03 13.81
CA ALA A 580 15.37 12.69 12.65
C ALA A 580 14.06 12.09 13.12
N LEU A 581 12.96 12.54 12.51
CA LEU A 581 11.64 12.00 12.76
C LEU A 581 10.98 11.65 11.43
N ASP A 582 10.61 10.38 11.25
CA ASP A 582 9.79 9.95 10.12
C ASP A 582 8.32 9.96 10.56
N PHE A 583 7.57 10.93 10.04
CA PHE A 583 6.13 11.04 10.34
C PHE A 583 5.30 10.83 9.07
N SER A 584 5.87 10.13 8.09
CA SER A 584 5.18 9.92 6.82
C SER A 584 4.05 8.93 7.02
N GLY A 585 3.04 8.97 6.15
CA GLY A 585 1.93 8.02 6.22
C GLY A 585 1.01 8.20 7.40
N ASN A 586 0.75 9.45 7.77
CA ASN A 586 -0.21 9.81 8.83
C ASN A 586 -1.20 10.82 8.23
N SER A 587 -2.06 11.43 9.06
CA SER A 587 -2.96 12.51 8.59
C SER A 587 -2.75 13.79 9.36
N LEU A 588 -1.60 14.40 9.10
CA LEU A 588 -1.30 15.73 9.62
C LEU A 588 -2.33 16.72 9.08
N SER A 589 -2.87 16.43 7.88
CA SER A 589 -4.00 17.14 7.30
C SER A 589 -5.19 17.28 8.26
N GLN A 590 -5.66 16.14 8.80
CA GLN A 590 -6.74 16.14 9.80
C GLN A 590 -6.35 16.86 11.08
N MET A 591 -5.12 16.63 11.54
CA MET A 591 -4.62 17.25 12.77
C MET A 591 -4.61 18.77 12.66
N TRP A 592 -4.01 19.28 11.59
CA TRP A 592 -3.93 20.72 11.35
C TRP A 592 -5.27 21.37 10.99
N ALA A 593 -6.26 20.56 10.61
CA ALA A 593 -7.64 21.02 10.46
C ALA A 593 -8.43 21.17 11.78
N GLU A 594 -7.90 20.72 12.91
CA GLU A 594 -8.58 20.84 14.23
C GLU A 594 -8.20 22.14 14.95
N GLY A 595 -8.53 23.27 14.33
CA GLY A 595 -8.14 24.57 14.85
C GLY A 595 -6.64 24.65 14.99
N ASP A 596 -6.18 25.12 16.15
CA ASP A 596 -4.75 25.28 16.43
C ASP A 596 -4.24 24.28 17.49
N LEU A 597 -4.91 23.14 17.62
CA LEU A 597 -4.51 22.13 18.61
C LEU A 597 -3.12 21.57 18.33
N TYR A 598 -2.86 21.26 17.07
CA TYR A 598 -1.60 20.65 16.67
C TYR A 598 -0.71 21.62 15.89
N LEU A 599 -0.93 22.92 16.08
CA LEU A 599 -0.13 23.96 15.43
C LEU A 599 1.37 23.86 15.77
N CYS A 600 1.68 23.49 17.02
CA CYS A 600 3.05 23.40 17.53
C CYS A 600 3.45 21.95 17.85
N PHE A 601 3.00 21.01 17.02
CA PHE A 601 3.18 19.58 17.28
C PHE A 601 4.64 19.13 17.21
N PHE A 602 5.39 19.69 16.26
CA PHE A 602 6.82 19.39 16.09
C PHE A 602 7.77 20.38 16.77
N LYS A 603 7.24 21.56 17.13
CA LYS A 603 8.03 22.67 17.73
C LYS A 603 9.05 22.24 18.77
N GLY A 604 8.62 21.40 19.72
CA GLY A 604 9.46 21.00 20.85
C GLY A 604 10.64 20.09 20.54
N LEU A 605 10.71 19.58 19.31
CA LEU A 605 11.85 18.80 18.83
C LEU A 605 12.94 19.79 18.43
N ARG A 606 13.56 20.40 19.44
CA ARG A 606 14.32 21.64 19.24
C ARG A 606 15.68 21.49 18.53
N ASN A 607 16.16 20.24 18.38
CA ASN A 607 17.39 19.97 17.62
C ASN A 607 17.16 19.11 16.37
N LEU A 608 15.92 19.05 15.90
CA LEU A 608 15.54 18.20 14.78
C LEU A 608 16.17 18.72 13.48
N VAL A 609 16.85 17.82 12.77
CA VAL A 609 17.50 18.11 11.49
C VAL A 609 16.67 17.62 10.30
N GLN A 610 16.07 16.44 10.43
CA GLN A 610 15.28 15.81 9.35
C GLN A 610 13.84 15.55 9.81
N LEU A 611 12.88 15.94 8.97
CA LEU A 611 11.47 15.67 9.22
C LEU A 611 10.83 15.17 7.93
N ASP A 612 10.27 13.96 7.99
CA ASP A 612 9.54 13.40 6.84
C ASP A 612 8.03 13.55 7.06
N LEU A 613 7.39 14.40 6.26
CA LEU A 613 5.93 14.57 6.26
C LEU A 613 5.30 14.12 4.94
N SER A 614 5.86 13.07 4.35
CA SER A 614 5.34 12.51 3.11
C SER A 614 4.06 11.73 3.36
N GLU A 615 3.20 11.63 2.35
CA GLU A 615 1.94 10.87 2.44
C GLU A 615 1.14 11.23 3.70
N ASN A 616 0.93 12.53 3.90
CA ASN A 616 0.13 13.02 5.02
C ASN A 616 -1.21 13.65 4.59
N HIS A 617 -1.63 13.39 3.35
CA HIS A 617 -2.90 13.91 2.79
C HIS A 617 -3.00 15.44 2.80
N LEU A 618 -1.86 16.12 2.77
CA LEU A 618 -1.82 17.58 2.91
C LEU A 618 -2.20 18.25 1.60
N HIS A 619 -3.37 18.90 1.59
CA HIS A 619 -3.83 19.71 0.45
C HIS A 619 -3.29 21.15 0.51
N THR A 620 -3.01 21.63 1.72
CA THR A 620 -2.57 23.00 1.97
C THR A 620 -1.45 23.00 3.01
N LEU A 621 -0.56 23.99 2.92
CA LEU A 621 0.58 24.10 3.82
C LEU A 621 0.93 25.56 4.08
N LEU A 622 0.48 26.07 5.22
CA LEU A 622 0.47 27.51 5.52
C LEU A 622 1.75 27.97 6.22
N PRO A 623 2.02 29.29 6.19
CA PRO A 623 3.08 29.91 7.00
C PRO A 623 3.02 29.57 8.48
N ARG A 624 1.82 29.62 9.05
CA ARG A 624 1.51 29.07 10.38
C ARG A 624 2.31 27.82 10.70
N HIS A 625 2.15 26.82 9.85
CA HIS A 625 2.61 25.47 10.13
C HIS A 625 4.12 25.34 9.99
N LEU A 626 4.67 25.96 8.94
CA LEU A 626 6.11 25.98 8.69
C LEU A 626 6.88 26.82 9.72
N ASP A 627 6.28 27.91 10.20
CA ASP A 627 6.90 28.76 11.23
C ASP A 627 7.09 28.03 12.56
N ASN A 628 6.16 27.16 12.90
CA ASN A 628 6.22 26.42 14.17
C ASN A 628 6.93 25.06 14.08
N LEU A 629 7.53 24.74 12.94
CA LEU A 629 8.52 23.66 12.87
C LEU A 629 9.82 24.14 13.54
N PRO A 630 10.66 23.21 14.02
CA PRO A 630 11.90 23.65 14.68
C PRO A 630 12.85 24.36 13.72
N LYS A 631 13.39 25.50 14.15
CA LYS A 631 14.32 26.30 13.31
C LYS A 631 15.66 25.61 12.97
N SER A 632 15.97 24.52 13.69
CA SER A 632 17.12 23.66 13.37
C SER A 632 16.97 22.82 12.09
N LEU A 633 15.77 22.79 11.53
CA LEU A 633 15.43 21.85 10.45
C LEU A 633 16.17 22.13 9.15
N ARG A 634 16.82 21.09 8.62
CA ARG A 634 17.61 21.17 7.38
C ARG A 634 17.04 20.37 6.20
N GLN A 635 16.37 19.26 6.46
CA GLN A 635 15.75 18.44 5.42
C GLN A 635 14.27 18.27 5.75
N LEU A 636 13.41 18.67 4.80
CA LEU A 636 11.97 18.50 4.93
C LEU A 636 11.49 17.71 3.72
N ARG A 637 10.86 16.57 3.97
CA ARG A 637 10.29 15.74 2.92
C ARG A 637 8.76 15.83 2.96
N LEU A 638 8.17 16.12 1.79
CA LEU A 638 6.73 16.26 1.62
C LEU A 638 6.23 15.48 0.38
N ARG A 639 6.83 14.31 0.12
CA ARG A 639 6.48 13.49 -1.05
C ARG A 639 5.04 13.01 -0.99
N ASP A 640 4.42 12.86 -2.17
CA ASP A 640 3.12 12.19 -2.31
C ASP A 640 2.06 12.72 -1.33
N ASN A 641 1.98 14.04 -1.25
CA ASN A 641 0.89 14.74 -0.57
C ASN A 641 -0.07 15.22 -1.67
N ASN A 642 -1.05 16.04 -1.32
CA ASN A 642 -2.05 16.54 -2.27
C ASN A 642 -1.90 18.06 -2.53
N LEU A 643 -0.65 18.52 -2.63
CA LEU A 643 -0.36 19.95 -2.75
C LEU A 643 -0.44 20.46 -4.18
N ALA A 644 -1.51 21.20 -4.48
CA ALA A 644 -1.68 21.85 -5.78
C ALA A 644 -1.18 23.31 -5.80
N PHE A 645 -0.81 23.83 -4.63
CA PHE A 645 -0.32 25.20 -4.48
C PHE A 645 0.75 25.20 -3.38
N PHE A 646 1.75 26.08 -3.53
CA PHE A 646 2.77 26.27 -2.51
C PHE A 646 3.26 27.71 -2.50
N ASN A 647 3.15 28.36 -1.35
CA ASN A 647 3.59 29.75 -1.17
C ASN A 647 5.10 29.75 -0.98
N TRP A 648 5.84 30.01 -2.06
CA TRP A 648 7.31 29.90 -2.05
C TRP A 648 8.00 30.91 -1.16
N SER A 649 7.40 32.10 -1.00
CA SER A 649 7.97 33.14 -0.13
C SER A 649 8.01 32.73 1.34
N SER A 650 7.13 31.82 1.75
CA SER A 650 7.12 31.32 3.13
C SER A 650 8.32 30.43 3.49
N LEU A 651 9.11 29.97 2.50
CA LEU A 651 10.38 29.27 2.78
C LEU A 651 11.41 30.12 3.53
N THR A 652 11.25 31.45 3.53
CA THR A 652 12.05 32.37 4.36
C THR A 652 11.99 32.04 5.86
N VAL A 653 10.88 31.47 6.30
CA VAL A 653 10.63 31.13 7.72
C VAL A 653 11.39 29.87 8.18
N LEU A 654 11.91 29.08 7.24
CA LEU A 654 12.77 27.92 7.53
C LEU A 654 14.23 28.24 7.16
N PRO A 655 14.95 28.98 8.02
CA PRO A 655 16.24 29.60 7.61
C PRO A 655 17.37 28.63 7.25
N ARG A 656 17.35 27.43 7.81
CA ARG A 656 18.42 26.44 7.62
C ARG A 656 18.04 25.28 6.70
N LEU A 657 16.91 25.42 5.99
CA LEU A 657 16.46 24.41 5.06
C LEU A 657 17.41 24.28 3.87
N GLU A 658 17.97 23.08 3.71
CA GLU A 658 18.88 22.73 2.61
C GLU A 658 18.30 21.79 1.57
N ALA A 659 17.39 20.90 1.98
CA ALA A 659 16.79 19.92 1.09
C ALA A 659 15.27 19.93 1.25
N LEU A 660 14.55 20.15 0.15
CA LEU A 660 13.10 20.18 0.14
C LEU A 660 12.62 19.19 -0.92
N ASP A 661 11.80 18.21 -0.49
CA ASP A 661 11.27 17.19 -1.37
C ASP A 661 9.75 17.38 -1.51
N LEU A 662 9.33 17.89 -2.67
CA LEU A 662 7.90 18.06 -3.00
C LEU A 662 7.47 17.12 -4.15
N ALA A 663 8.21 16.02 -4.35
CA ALA A 663 7.93 15.12 -5.45
C ALA A 663 6.59 14.42 -5.28
N GLY A 664 5.89 14.17 -6.39
CA GLY A 664 4.63 13.42 -6.37
C GLY A 664 3.42 14.20 -5.87
N ASN A 665 3.50 15.52 -5.94
CA ASN A 665 2.37 16.40 -5.61
C ASN A 665 1.66 16.80 -6.91
N GLN A 666 0.79 17.82 -6.88
CA GLN A 666 0.04 18.26 -8.07
C GLN A 666 0.24 19.74 -8.41
N LEU A 667 1.48 20.22 -8.25
CA LEU A 667 1.81 21.60 -8.61
C LEU A 667 1.67 21.78 -10.11
N LYS A 668 0.92 22.81 -10.51
CA LYS A 668 0.67 23.11 -11.94
C LYS A 668 1.69 24.07 -12.54
N ALA A 669 2.42 24.79 -11.68
CA ALA A 669 3.46 25.72 -12.14
C ALA A 669 4.43 26.06 -11.01
N LEU A 670 5.56 26.63 -11.40
CA LEU A 670 6.48 27.24 -10.45
C LEU A 670 6.35 28.75 -10.61
N SER A 671 5.43 29.32 -9.82
CA SER A 671 5.09 30.75 -9.89
C SER A 671 4.45 31.19 -8.56
N ASN A 672 3.66 32.26 -8.58
CA ASN A 672 3.04 32.85 -7.36
C ASN A 672 4.16 33.29 -6.40
N GLY A 673 4.98 34.21 -6.91
CA GLY A 673 6.22 34.60 -6.24
C GLY A 673 7.32 33.60 -6.55
N SER A 674 8.55 34.08 -6.66
CA SER A 674 9.71 33.21 -6.92
C SER A 674 10.27 32.68 -5.60
N LEU A 675 11.36 31.90 -5.68
CA LEU A 675 12.11 31.52 -4.48
C LEU A 675 12.65 32.80 -3.84
N PRO A 676 12.49 32.91 -2.51
CA PRO A 676 12.94 34.09 -1.79
C PRO A 676 14.46 34.22 -1.62
N PRO A 677 14.94 35.45 -1.41
CA PRO A 677 16.35 35.78 -1.23
C PRO A 677 16.94 35.28 0.06
N GLY A 678 18.22 34.90 -0.01
CA GLY A 678 18.98 34.45 1.15
C GLY A 678 18.71 33.02 1.57
N ILE A 679 17.88 32.34 0.78
CA ILE A 679 17.49 30.97 1.02
C ILE A 679 18.76 30.14 0.88
N ARG A 680 18.96 29.22 1.82
CA ARG A 680 20.15 28.39 1.83
C ARG A 680 19.92 27.03 1.17
N LEU A 681 18.84 26.92 0.40
CA LEU A 681 18.41 25.68 -0.22
C LEU A 681 19.42 25.15 -1.24
N GLN A 682 19.68 23.85 -1.15
CA GLN A 682 20.66 23.13 -1.99
C GLN A 682 20.02 22.09 -2.90
N LYS A 683 19.08 21.30 -2.36
CA LYS A 683 18.35 20.29 -3.13
C LYS A 683 16.86 20.65 -3.19
N LEU A 684 16.30 20.67 -4.40
CA LEU A 684 14.85 20.85 -4.58
C LEU A 684 14.35 19.80 -5.54
N ASP A 685 13.41 18.97 -5.06
CA ASP A 685 12.81 17.90 -5.86
C ASP A 685 11.33 18.24 -6.04
N VAL A 686 10.95 18.63 -7.27
CA VAL A 686 9.54 18.87 -7.63
C VAL A 686 9.11 17.97 -8.80
N SER A 687 9.68 16.77 -8.84
CA SER A 687 9.40 15.79 -9.89
C SER A 687 8.05 15.13 -9.67
N SER A 688 7.51 14.54 -10.73
CA SER A 688 6.20 13.84 -10.70
C SER A 688 5.04 14.75 -10.23
N ASN A 689 5.10 16.02 -10.60
CA ASN A 689 4.01 16.97 -10.43
C ASN A 689 3.35 17.14 -11.80
N SER A 690 2.58 18.21 -12.00
CA SER A 690 2.04 18.56 -13.31
C SER A 690 2.50 19.95 -13.74
N ILE A 691 3.77 20.26 -13.50
CA ILE A 691 4.32 21.60 -13.74
C ILE A 691 4.40 21.89 -15.24
N GLY A 692 3.55 22.81 -15.69
CA GLY A 692 3.41 23.19 -17.11
C GLY A 692 4.18 24.43 -17.54
N PHE A 693 4.52 25.31 -16.60
CA PHE A 693 5.39 26.46 -16.89
C PHE A 693 6.09 26.98 -15.64
N VAL A 694 7.14 27.78 -15.86
CA VAL A 694 7.95 28.36 -14.80
C VAL A 694 8.14 29.86 -15.07
N ILE A 695 7.83 30.68 -14.07
CA ILE A 695 8.01 32.13 -14.16
C ILE A 695 9.49 32.46 -14.34
N PRO A 696 9.84 33.40 -15.25
CA PRO A 696 11.25 33.75 -15.39
C PRO A 696 11.85 34.33 -14.10
N GLY A 697 13.08 33.92 -13.80
CA GLY A 697 13.77 34.33 -12.59
C GLY A 697 13.37 33.57 -11.34
N PHE A 698 12.72 32.40 -11.51
CA PHE A 698 12.17 31.64 -10.38
C PHE A 698 13.27 31.12 -9.44
N PHE A 699 14.27 30.45 -10.00
CA PHE A 699 15.36 29.85 -9.23
C PHE A 699 16.50 30.82 -8.84
N VAL A 700 16.56 31.99 -9.49
CA VAL A 700 17.72 32.90 -9.43
C VAL A 700 18.22 33.19 -8.01
N ARG A 701 17.30 33.51 -7.10
CA ARG A 701 17.66 33.94 -5.75
C ARG A 701 18.17 32.82 -4.84
N ALA A 702 17.93 31.56 -5.22
CA ALA A 702 18.50 30.41 -4.53
C ALA A 702 19.96 30.20 -4.93
N THR A 703 20.83 31.03 -4.37
CA THR A 703 22.27 31.03 -4.65
C THR A 703 22.91 29.65 -4.51
N ARG A 704 22.58 28.98 -3.41
CA ARG A 704 23.25 27.74 -3.02
C ARG A 704 22.72 26.47 -3.70
N LEU A 705 21.76 26.62 -4.63
CA LEU A 705 21.08 25.47 -5.25
C LEU A 705 22.03 24.65 -6.12
N ILE A 706 22.01 23.34 -5.91
CA ILE A 706 22.97 22.39 -6.48
C ILE A 706 22.27 21.28 -7.28
N GLU A 707 21.32 20.59 -6.63
CA GLU A 707 20.47 19.60 -7.31
C GLU A 707 19.07 20.14 -7.55
N LEU A 708 18.51 19.79 -8.71
CA LEU A 708 17.18 20.23 -9.09
C LEU A 708 16.53 19.16 -9.96
N ASN A 709 15.44 18.58 -9.46
CA ASN A 709 14.71 17.54 -10.17
C ASN A 709 13.36 18.08 -10.68
N LEU A 710 13.29 18.33 -11.98
CA LEU A 710 12.05 18.73 -12.67
C LEU A 710 11.46 17.61 -13.53
N SER A 711 11.87 16.36 -13.30
CA SER A 711 11.45 15.25 -14.18
C SER A 711 9.99 14.85 -13.97
N ALA A 712 9.44 14.16 -14.97
CA ALA A 712 8.05 13.66 -14.95
C ALA A 712 7.02 14.78 -14.71
N ASN A 713 7.24 15.92 -15.35
CA ASN A 713 6.35 17.08 -15.27
C ASN A 713 5.70 17.33 -16.64
N ALA A 714 5.03 18.47 -16.81
CA ALA A 714 4.44 18.87 -18.10
C ALA A 714 5.20 20.01 -18.79
N LEU A 715 6.53 20.06 -18.59
CA LEU A 715 7.35 21.15 -19.16
C LEU A 715 7.48 21.02 -20.66
N LYS A 716 7.31 22.14 -21.36
CA LYS A 716 7.34 22.21 -22.82
C LYS A 716 8.71 22.67 -23.34
N THR A 717 9.44 23.46 -22.55
CA THR A 717 10.80 23.89 -22.87
C THR A 717 11.68 23.79 -21.62
N VAL A 718 12.92 24.26 -21.74
CA VAL A 718 13.82 24.47 -20.59
C VAL A 718 14.55 25.80 -20.87
N ASP A 719 14.08 26.87 -20.23
CA ASP A 719 14.53 28.23 -20.51
C ASP A 719 15.67 28.65 -19.56
N PRO A 720 16.75 29.26 -20.10
CA PRO A 720 17.83 29.77 -19.22
C PRO A 720 17.45 30.90 -18.27
N SER A 721 16.39 31.66 -18.60
CA SER A 721 15.91 32.76 -17.75
C SER A 721 15.38 32.30 -16.38
N TRP A 722 14.99 31.03 -16.28
CA TRP A 722 14.58 30.42 -15.00
C TRP A 722 15.70 30.42 -13.95
N PHE A 723 16.93 30.16 -14.40
CA PHE A 723 18.09 30.00 -13.52
C PHE A 723 19.03 31.18 -13.45
N GLY A 724 19.17 31.95 -14.53
CA GLY A 724 20.15 33.02 -14.56
C GLY A 724 21.55 32.48 -14.33
N SER A 725 22.20 33.00 -13.30
CA SER A 725 23.57 32.64 -12.92
C SER A 725 23.74 31.20 -12.40
N LEU A 726 22.64 30.60 -11.94
CA LEU A 726 22.62 29.24 -11.41
C LEU A 726 23.00 28.12 -12.38
N ALA A 727 22.83 28.37 -13.67
CA ALA A 727 23.13 27.38 -14.70
C ALA A 727 24.58 26.88 -14.63
N GLY A 728 25.52 27.78 -14.37
CA GLY A 728 26.91 27.39 -14.15
C GLY A 728 27.16 26.63 -12.85
N THR A 729 26.47 27.06 -11.79
CA THR A 729 26.56 26.49 -10.45
C THR A 729 25.94 25.10 -10.26
N LEU A 730 24.85 24.83 -10.99
CA LEU A 730 24.09 23.58 -10.83
C LEU A 730 24.92 22.36 -11.20
N LYS A 731 24.82 21.32 -10.38
CA LYS A 731 25.51 20.04 -10.61
C LYS A 731 24.58 18.90 -11.04
N ILE A 732 23.30 18.96 -10.66
CA ILE A 732 22.28 18.04 -11.17
C ILE A 732 21.05 18.83 -11.60
N LEU A 733 20.68 18.69 -12.87
CA LEU A 733 19.47 19.28 -13.43
C LEU A 733 18.75 18.19 -14.22
N ASP A 734 17.84 17.49 -13.55
CA ASP A 734 17.06 16.43 -14.18
C ASP A 734 15.84 17.06 -14.85
N VAL A 735 15.74 16.85 -16.16
CA VAL A 735 14.67 17.41 -16.97
C VAL A 735 13.99 16.32 -17.82
N SER A 736 14.17 15.06 -17.44
CA SER A 736 13.69 13.91 -18.20
C SER A 736 12.19 13.68 -18.05
N ALA A 737 11.63 12.84 -18.92
CA ALA A 737 10.20 12.52 -18.91
C ALA A 737 9.29 13.78 -18.89
N ASN A 738 9.67 14.77 -19.70
CA ASN A 738 8.87 15.98 -19.89
C ASN A 738 8.47 16.05 -21.37
N PRO A 739 7.24 16.49 -21.68
CA PRO A 739 6.82 16.59 -23.08
C PRO A 739 7.38 17.84 -23.76
N LEU A 740 8.69 17.84 -24.00
CA LEU A 740 9.39 19.00 -24.55
C LEU A 740 9.03 19.22 -26.02
N HIS A 741 8.83 20.48 -26.39
CA HIS A 741 8.44 20.82 -27.75
C HIS A 741 9.69 20.93 -28.62
N CYS A 742 9.88 19.92 -29.47
CA CYS A 742 11.06 19.78 -30.32
C CYS A 742 10.80 20.36 -31.69
N ALA A 743 10.74 21.69 -31.72
CA ALA A 743 10.64 22.45 -32.96
C ALA A 743 12.03 22.52 -33.57
N CYS A 744 12.09 22.77 -34.87
CA CYS A 744 13.37 23.02 -35.55
C CYS A 744 14.01 24.27 -34.93
N GLY A 745 15.24 24.13 -34.43
CA GLY A 745 15.92 25.19 -33.70
C GLY A 745 15.20 25.61 -32.42
N ALA A 746 14.71 24.63 -31.67
CA ALA A 746 14.14 24.86 -30.34
C ALA A 746 15.21 25.44 -29.42
N ALA A 747 14.81 26.39 -28.58
CA ALA A 747 15.73 27.12 -27.70
C ALA A 747 16.54 26.21 -26.77
N PHE A 748 15.88 25.21 -26.20
CA PHE A 748 16.42 24.44 -25.09
C PHE A 748 17.62 23.53 -25.37
N VAL A 749 17.77 23.09 -26.63
CA VAL A 749 18.86 22.13 -26.97
C VAL A 749 20.25 22.72 -26.75
N ASP A 750 20.45 23.99 -27.11
CA ASP A 750 21.73 24.68 -26.89
C ASP A 750 22.01 24.96 -25.41
N PHE A 751 20.94 25.16 -24.62
CA PHE A 751 21.08 25.32 -23.17
C PHE A 751 21.51 24.02 -22.50
N LEU A 752 20.81 22.93 -22.82
CA LEU A 752 21.14 21.60 -22.28
C LEU A 752 22.51 21.09 -22.71
N LEU A 753 22.90 21.38 -23.95
CA LEU A 753 24.22 21.00 -24.46
C LEU A 753 25.37 21.77 -23.78
N GLU A 754 25.15 23.05 -23.50
CA GLU A 754 26.13 23.86 -22.76
C GLU A 754 26.34 23.35 -21.32
N ARG A 755 25.27 22.88 -20.68
CA ARG A 755 25.32 22.34 -19.31
C ARG A 755 25.19 20.80 -19.27
N GLN A 756 25.72 20.11 -20.28
CA GLN A 756 25.45 18.68 -20.46
C GLN A 756 25.97 17.77 -19.34
N GLU A 757 27.04 18.19 -18.66
CA GLU A 757 27.57 17.43 -17.50
C GLU A 757 26.61 17.38 -16.31
N ALA A 758 25.75 18.40 -16.18
CA ALA A 758 24.76 18.47 -15.09
C ALA A 758 23.42 17.77 -15.39
N VAL A 759 23.19 17.37 -16.65
CA VAL A 759 21.91 16.77 -17.06
C VAL A 759 22.06 15.25 -17.18
N PRO A 760 21.46 14.49 -16.24
CA PRO A 760 21.56 13.03 -16.31
C PRO A 760 20.62 12.44 -17.37
N GLY A 761 21.09 11.39 -18.04
CA GLY A 761 20.33 10.72 -19.09
C GLY A 761 20.03 11.59 -20.31
N LEU A 762 20.93 12.53 -20.62
CA LEU A 762 20.74 13.47 -21.72
C LEU A 762 20.63 12.79 -23.07
N SER A 763 21.46 11.78 -23.29
CA SER A 763 21.54 11.04 -24.56
C SER A 763 20.25 10.32 -24.93
N ARG A 764 19.60 9.71 -23.94
CA ARG A 764 18.42 8.85 -24.17
C ARG A 764 17.14 9.24 -23.42
N ARG A 765 17.25 9.67 -22.17
CA ARG A 765 16.08 9.92 -21.31
C ARG A 765 15.38 11.27 -21.51
N VAL A 766 16.11 12.28 -21.96
CA VAL A 766 15.51 13.60 -22.26
C VAL A 766 14.74 13.49 -23.57
N THR A 767 13.42 13.70 -23.49
CA THR A 767 12.46 13.23 -24.49
C THR A 767 11.59 14.35 -25.05
N CYS A 768 11.12 14.18 -26.29
CA CYS A 768 10.14 15.08 -26.91
C CYS A 768 8.70 14.63 -26.63
N GLY A 769 7.82 15.61 -26.42
CA GLY A 769 6.38 15.40 -26.38
C GLY A 769 5.66 15.78 -27.67
N SER A 770 6.29 16.64 -28.47
CA SER A 770 5.71 17.14 -29.71
C SER A 770 6.80 17.65 -30.67
N PRO A 771 6.54 17.70 -31.98
CA PRO A 771 5.31 17.21 -32.61
C PRO A 771 5.32 15.68 -32.77
N GLY A 772 4.15 15.12 -33.09
CA GLY A 772 4.03 13.68 -33.35
C GLY A 772 4.97 13.25 -34.46
N GLN A 773 5.47 12.02 -34.35
CA GLN A 773 6.60 11.48 -35.16
C GLN A 773 7.92 11.59 -34.39
N LEU A 774 8.03 12.58 -33.51
CA LEU A 774 9.12 12.66 -32.52
C LEU A 774 8.67 12.38 -31.07
N GLN A 775 7.36 12.23 -30.84
CA GLN A 775 6.80 12.02 -29.50
C GLN A 775 7.30 10.72 -28.85
N GLY A 776 7.84 10.84 -27.64
CA GLY A 776 8.40 9.70 -26.90
C GLY A 776 9.83 9.31 -27.27
N ARG A 777 10.41 10.01 -28.25
CA ARG A 777 11.76 9.73 -28.75
C ARG A 777 12.74 10.81 -28.29
N SER A 778 14.03 10.52 -28.39
CA SER A 778 15.09 11.41 -27.90
C SER A 778 15.09 12.78 -28.60
N ILE A 779 15.54 13.80 -27.87
CA ILE A 779 15.68 15.16 -28.43
C ILE A 779 16.75 15.27 -29.53
N PHE A 780 17.65 14.31 -29.62
CA PHE A 780 18.71 14.28 -30.63
C PHE A 780 18.43 13.44 -31.90
N THR A 781 17.21 12.91 -32.05
CA THR A 781 16.87 12.14 -33.28
C THR A 781 16.80 13.02 -34.54
N LEU F 8 -25.41 20.99 -29.66
CA LEU F 8 -24.61 21.23 -28.41
C LEU F 8 -25.40 20.90 -27.15
N PRO F 9 -24.70 20.58 -26.03
CA PRO F 9 -25.36 20.54 -24.73
C PRO F 9 -25.86 21.93 -24.33
N ALA F 10 -27.05 21.98 -23.75
CA ALA F 10 -27.82 23.23 -23.62
C ALA F 10 -27.18 24.34 -22.75
N PHE F 11 -26.68 23.96 -21.56
CA PHE F 11 -26.29 24.90 -20.52
C PHE F 11 -24.78 24.98 -20.26
N LEU F 12 -23.98 25.07 -21.33
CA LEU F 12 -22.53 25.19 -21.19
C LEU F 12 -22.18 26.49 -20.46
N PRO F 13 -21.13 26.50 -19.61
CA PRO F 13 -20.22 25.38 -19.36
C PRO F 13 -20.71 24.33 -18.35
N CYS F 14 -21.91 24.50 -17.80
CA CYS F 14 -22.49 23.54 -16.86
C CYS F 14 -23.01 22.28 -17.58
N GLU F 15 -23.51 21.32 -16.81
CA GLU F 15 -24.06 20.08 -17.36
C GLU F 15 -25.55 19.97 -17.03
N LEU F 16 -26.37 19.69 -18.05
CA LEU F 16 -27.78 19.35 -17.85
C LEU F 16 -27.86 17.87 -17.45
N GLN F 17 -28.48 17.61 -16.32
CA GLN F 17 -28.76 16.26 -15.86
C GLN F 17 -30.27 16.04 -16.02
N PRO F 18 -30.77 14.80 -15.80
CA PRO F 18 -32.23 14.61 -15.92
C PRO F 18 -33.06 15.40 -14.90
N HIS F 19 -34.34 15.58 -15.22
CA HIS F 19 -35.32 16.29 -14.35
C HIS F 19 -35.03 17.79 -14.18
N GLY F 20 -34.44 18.41 -15.20
CA GLY F 20 -34.15 19.85 -15.20
C GLY F 20 -33.10 20.29 -14.21
N GLN F 21 -32.13 19.42 -13.94
CA GLN F 21 -31.12 19.62 -12.90
C GLN F 21 -29.81 20.08 -13.53
N VAL F 22 -29.43 21.34 -13.30
CA VAL F 22 -28.20 21.90 -13.87
C VAL F 22 -27.09 21.88 -12.83
N ASP F 23 -25.94 21.32 -13.21
CA ASP F 23 -24.77 21.15 -12.35
C ASP F 23 -23.66 22.10 -12.82
N CYS F 24 -23.43 23.16 -12.03
CA CYS F 24 -22.34 24.12 -12.26
C CYS F 24 -21.25 24.03 -11.18
N ASN F 25 -21.16 22.90 -10.49
CA ASN F 25 -20.25 22.73 -9.37
C ASN F 25 -18.80 22.73 -9.86
N TRP F 26 -17.91 23.30 -9.06
CA TRP F 26 -16.46 23.25 -9.29
C TRP F 26 -16.00 23.70 -10.70
N LEU F 27 -16.63 24.76 -11.20
CA LEU F 27 -16.22 25.41 -12.46
C LEU F 27 -15.43 26.71 -12.30
N PHE F 28 -15.12 27.09 -11.06
CA PHE F 28 -14.32 28.29 -10.75
C PHE F 28 -14.91 29.59 -11.32
N LEU F 29 -16.22 29.67 -11.32
CA LEU F 29 -16.97 30.80 -11.85
C LEU F 29 -16.93 31.97 -10.87
N LYS F 30 -16.65 33.16 -11.38
CA LYS F 30 -16.61 34.39 -10.57
C LYS F 30 -17.98 35.09 -10.48
N SER F 31 -18.91 34.74 -11.38
CA SER F 31 -20.31 35.17 -11.29
C SER F 31 -21.24 34.09 -11.80
N VAL F 32 -22.53 34.25 -11.50
CA VAL F 32 -23.55 33.28 -11.91
C VAL F 32 -23.76 33.37 -13.44
N PRO F 33 -23.68 32.23 -14.15
CA PRO F 33 -23.90 32.25 -15.58
C PRO F 33 -25.38 32.38 -15.93
N HIS F 34 -25.71 33.31 -16.82
CA HIS F 34 -27.09 33.49 -17.30
C HIS F 34 -27.44 32.61 -18.48
N PHE F 35 -26.42 31.95 -19.06
CA PHE F 35 -26.56 31.04 -20.21
C PHE F 35 -26.97 31.78 -21.48
N SER F 36 -27.09 31.04 -22.58
CA SER F 36 -27.68 31.59 -23.81
C SER F 36 -29.20 31.72 -23.64
N ALA F 37 -29.79 32.70 -24.31
CA ALA F 37 -31.25 32.90 -24.32
C ALA F 37 -31.97 31.82 -25.14
N GLY F 38 -31.25 31.21 -26.08
CA GLY F 38 -31.75 30.04 -26.82
C GLY F 38 -31.92 28.78 -26.00
N ALA F 39 -31.21 28.70 -24.86
CA ALA F 39 -31.36 27.57 -23.92
C ALA F 39 -32.72 27.62 -23.21
N PRO F 40 -33.32 26.45 -22.94
CA PRO F 40 -34.64 26.41 -22.32
C PRO F 40 -34.58 26.70 -20.81
N ARG F 41 -34.44 27.98 -20.48
CA ARG F 41 -34.25 28.42 -19.08
C ARG F 41 -35.41 28.07 -18.15
N ALA F 42 -36.62 28.00 -18.70
CA ALA F 42 -37.81 27.62 -17.93
C ALA F 42 -37.83 26.14 -17.50
N ASN F 43 -37.10 25.27 -18.21
CA ASN F 43 -36.99 23.84 -17.85
C ASN F 43 -36.14 23.57 -16.59
N VAL F 44 -35.36 24.55 -16.12
CA VAL F 44 -34.43 24.36 -15.00
C VAL F 44 -35.13 24.42 -13.64
N THR F 45 -35.24 23.26 -12.99
CA THR F 45 -35.82 23.15 -11.64
C THR F 45 -34.79 23.12 -10.50
N SER F 46 -33.53 22.81 -10.82
CA SER F 46 -32.46 22.78 -9.81
C SER F 46 -31.16 23.32 -10.39
N LEU F 47 -30.51 24.22 -9.66
CA LEU F 47 -29.22 24.80 -10.08
C LEU F 47 -28.20 24.69 -8.95
N SER F 48 -27.20 23.83 -9.13
CA SER F 48 -26.12 23.65 -8.15
C SER F 48 -24.87 24.42 -8.57
N LEU F 49 -24.37 25.26 -7.67
CA LEU F 49 -23.18 26.11 -7.93
C LEU F 49 -22.13 25.93 -6.82
N ILE F 50 -21.97 24.68 -6.36
CA ILE F 50 -21.16 24.39 -5.18
C ILE F 50 -19.69 24.67 -5.44
N SER F 51 -19.05 25.38 -4.52
CA SER F 51 -17.60 25.60 -4.48
C SER F 51 -17.04 26.37 -5.70
N ASN F 52 -17.84 27.28 -6.24
CA ASN F 52 -17.35 28.25 -7.23
C ASN F 52 -16.74 29.45 -6.48
N ARG F 53 -16.40 30.52 -7.20
CA ARG F 53 -15.82 31.74 -6.61
C ARG F 53 -16.75 32.96 -6.74
N ILE F 54 -18.04 32.74 -6.55
CA ILE F 54 -19.02 33.81 -6.72
C ILE F 54 -19.11 34.58 -5.39
N HIS F 55 -18.53 35.78 -5.38
CA HIS F 55 -18.56 36.66 -4.20
C HIS F 55 -19.63 37.76 -4.28
N HIS F 56 -20.36 37.84 -5.39
CA HIS F 56 -21.40 38.87 -5.58
C HIS F 56 -22.58 38.31 -6.36
N LEU F 57 -23.78 38.45 -5.78
CA LEU F 57 -25.03 38.04 -6.43
C LEU F 57 -25.88 39.26 -6.78
N HIS F 58 -26.59 39.15 -7.90
CA HIS F 58 -27.31 40.28 -8.50
C HIS F 58 -28.76 39.93 -8.84
N ASP F 59 -29.59 40.97 -8.96
CA ASP F 59 -31.03 40.83 -9.28
C ASP F 59 -31.28 39.99 -10.55
N SER F 60 -30.38 40.13 -11.52
CA SER F 60 -30.50 39.46 -12.82
C SER F 60 -30.09 37.97 -12.84
N ASP F 61 -29.43 37.47 -11.79
CA ASP F 61 -28.77 36.15 -11.84
C ASP F 61 -29.69 34.94 -11.99
N PHE F 62 -30.86 34.99 -11.36
CA PHE F 62 -31.80 33.87 -11.38
C PHE F 62 -33.20 34.19 -11.92
N VAL F 63 -33.43 35.43 -12.36
CA VAL F 63 -34.77 35.93 -12.74
C VAL F 63 -35.39 35.18 -13.93
N HIS F 64 -34.57 34.82 -14.91
CA HIS F 64 -35.05 34.09 -16.09
C HIS F 64 -35.30 32.59 -15.84
N LEU F 65 -34.86 32.07 -14.69
CA LEU F 65 -35.15 30.68 -14.31
C LEU F 65 -36.56 30.59 -13.67
N SER F 66 -37.56 30.60 -14.55
CA SER F 66 -38.99 30.74 -14.17
C SER F 66 -39.56 29.66 -13.25
N ASN F 67 -39.00 28.46 -13.29
CA ASN F 67 -39.50 27.32 -12.49
C ASN F 67 -38.43 26.73 -11.55
N LEU F 68 -37.48 27.56 -11.14
CA LEU F 68 -36.38 27.13 -10.26
C LEU F 68 -36.92 26.84 -8.86
N ARG F 69 -36.62 25.64 -8.36
CA ARG F 69 -37.07 25.18 -7.04
C ARG F 69 -35.94 24.99 -6.04
N VAL F 70 -34.80 24.43 -6.48
CA VAL F 70 -33.63 24.23 -5.64
C VAL F 70 -32.46 25.06 -6.16
N LEU F 71 -31.73 25.68 -5.24
CA LEU F 71 -30.59 26.53 -5.56
C LEU F 71 -29.50 26.34 -4.50
N ASN F 72 -28.32 25.87 -4.92
CA ASN F 72 -27.22 25.58 -4.00
C ASN F 72 -26.01 26.45 -4.31
N LEU F 73 -25.76 27.44 -3.44
CA LEU F 73 -24.62 28.38 -3.57
C LEU F 73 -23.55 28.14 -2.49
N LYS F 74 -23.53 26.92 -1.98
CA LYS F 74 -22.63 26.51 -0.89
C LYS F 74 -21.14 26.67 -1.25
N TRP F 75 -20.33 27.04 -0.26
CA TRP F 75 -18.84 27.07 -0.36
C TRP F 75 -18.28 28.11 -1.36
N ASN F 76 -19.08 29.10 -1.72
CA ASN F 76 -18.70 30.08 -2.76
C ASN F 76 -17.78 31.20 -2.27
N CYS F 77 -17.82 31.48 -0.96
CA CYS F 77 -17.16 32.64 -0.38
C CYS F 77 -16.94 32.32 1.10
N PRO F 78 -16.12 31.29 1.37
CA PRO F 78 -16.04 30.77 2.74
C PRO F 78 -15.41 31.78 3.71
N PRO F 79 -15.98 31.92 4.92
CA PRO F 79 -15.35 32.79 5.93
C PRO F 79 -13.91 32.37 6.25
N ALA F 80 -13.13 33.31 6.78
CA ALA F 80 -11.69 33.14 7.01
C ALA F 80 -11.33 31.81 7.67
N GLY F 81 -11.99 31.50 8.78
CA GLY F 81 -11.70 30.28 9.53
C GLY F 81 -11.94 28.98 8.77
N LEU F 82 -12.89 29.00 7.83
CA LEU F 82 -13.25 27.84 7.02
C LEU F 82 -12.54 27.79 5.66
N SER F 83 -11.98 28.91 5.23
CA SER F 83 -11.12 28.96 4.04
C SER F 83 -9.85 28.15 4.29
N PRO F 84 -9.49 27.22 3.39
CA PRO F 84 -8.23 26.46 3.50
C PRO F 84 -6.97 27.33 3.75
N MET F 85 -6.88 28.47 3.08
CA MET F 85 -5.74 29.41 3.22
C MET F 85 -6.02 30.55 4.20
N HIS F 86 -7.15 30.47 4.91
CA HIS F 86 -7.66 31.53 5.79
C HIS F 86 -7.83 32.90 5.11
N PHE F 87 -8.26 32.88 3.85
CA PHE F 87 -8.59 34.09 3.11
C PHE F 87 -9.94 34.60 3.60
N PRO F 88 -10.03 35.90 3.99
CA PRO F 88 -11.35 36.44 4.33
C PRO F 88 -12.22 36.61 3.08
N CYS F 89 -13.52 36.51 3.26
CA CYS F 89 -14.47 36.67 2.15
C CYS F 89 -15.77 37.30 2.64
N ARG F 90 -16.27 38.26 1.87
CA ARG F 90 -17.56 38.88 2.11
C ARG F 90 -18.38 38.83 0.83
N MET F 91 -19.57 38.24 0.90
CA MET F 91 -20.45 38.07 -0.24
C MET F 91 -21.53 39.15 -0.19
N THR F 92 -21.63 39.94 -1.25
CA THR F 92 -22.70 40.93 -1.41
C THR F 92 -23.87 40.33 -2.18
N ILE F 93 -25.08 40.73 -1.84
CA ILE F 93 -26.30 40.22 -2.48
C ILE F 93 -27.27 41.39 -2.71
N GLU F 94 -27.60 41.66 -3.97
CA GLU F 94 -28.56 42.69 -4.32
C GLU F 94 -29.98 42.32 -3.82
N PRO F 95 -30.82 43.33 -3.50
CA PRO F 95 -32.08 43.11 -2.77
C PRO F 95 -33.06 42.09 -3.36
N ASN F 96 -33.22 42.09 -4.68
CA ASN F 96 -34.20 41.22 -5.35
C ASN F 96 -33.60 39.93 -5.96
N THR F 97 -32.43 39.53 -5.45
CA THR F 97 -31.70 38.36 -5.98
C THR F 97 -32.55 37.10 -5.93
N PHE F 98 -33.12 36.83 -4.76
CA PHE F 98 -33.97 35.66 -4.52
C PHE F 98 -35.47 35.94 -4.61
N LEU F 99 -35.88 37.19 -4.39
CA LEU F 99 -37.28 37.60 -4.62
C LEU F 99 -37.70 37.44 -6.08
N ALA F 100 -36.74 37.64 -6.99
CA ALA F 100 -36.97 37.43 -8.42
C ALA F 100 -37.24 35.97 -8.82
N VAL F 101 -37.08 35.02 -7.90
CA VAL F 101 -37.43 33.61 -8.10
C VAL F 101 -38.58 33.25 -7.15
N PRO F 102 -39.82 33.65 -7.49
CA PRO F 102 -40.95 33.37 -6.60
C PRO F 102 -41.37 31.90 -6.45
N THR F 103 -40.80 31.02 -7.27
CA THR F 103 -40.99 29.57 -7.18
C THR F 103 -39.96 28.84 -6.28
N LEU F 104 -38.98 29.57 -5.73
CA LEU F 104 -37.85 28.96 -5.00
C LEU F 104 -38.29 28.29 -3.69
N GLU F 105 -37.95 27.02 -3.54
CA GLU F 105 -38.31 26.21 -2.36
C GLU F 105 -37.14 25.83 -1.45
N GLU F 106 -35.95 25.62 -2.02
CA GLU F 106 -34.79 25.14 -1.28
C GLU F 106 -33.58 26.01 -1.61
N LEU F 107 -33.04 26.70 -0.62
CA LEU F 107 -31.86 27.55 -0.79
C LEU F 107 -30.77 27.16 0.20
N ASN F 108 -29.55 26.97 -0.31
CA ASN F 108 -28.38 26.68 0.50
C ASN F 108 -27.34 27.80 0.33
N LEU F 109 -27.18 28.62 1.37
CA LEU F 109 -26.19 29.70 1.40
C LEU F 109 -25.03 29.43 2.37
N SER F 110 -24.81 28.16 2.71
CA SER F 110 -23.79 27.80 3.72
C SER F 110 -22.36 28.00 3.22
N TYR F 111 -21.43 28.19 4.16
CA TYR F 111 -20.01 28.44 3.85
C TYR F 111 -19.83 29.65 2.91
N ASN F 112 -20.58 30.71 3.22
CA ASN F 112 -20.50 32.00 2.52
C ASN F 112 -20.43 33.10 3.55
N GLY F 113 -19.53 34.05 3.33
CA GLY F 113 -19.37 35.19 4.23
C GLY F 113 -20.44 36.25 4.04
N ILE F 114 -21.68 35.94 4.44
CA ILE F 114 -22.78 36.91 4.46
C ILE F 114 -23.05 37.30 5.91
N THR F 115 -23.33 38.58 6.14
CA THR F 115 -23.50 39.11 7.49
C THR F 115 -24.94 39.42 7.88
N THR F 116 -25.86 39.35 6.92
CA THR F 116 -27.29 39.46 7.21
C THR F 116 -28.09 38.54 6.29
N VAL F 117 -29.32 38.25 6.71
CA VAL F 117 -30.21 37.37 5.96
C VAL F 117 -30.75 38.18 4.78
N PRO F 118 -30.67 37.63 3.56
CA PRO F 118 -31.23 38.35 2.41
C PRO F 118 -32.76 38.27 2.36
N ALA F 119 -33.34 39.09 1.49
CA ALA F 119 -34.78 39.04 1.25
C ALA F 119 -35.09 37.74 0.53
N LEU F 120 -36.12 37.04 0.99
CA LEU F 120 -36.46 35.71 0.49
C LEU F 120 -37.92 35.63 0.07
N PRO F 121 -38.21 34.82 -0.97
CA PRO F 121 -39.59 34.70 -1.44
C PRO F 121 -40.44 33.86 -0.49
N SER F 122 -41.74 34.15 -0.46
CA SER F 122 -42.66 33.49 0.47
C SER F 122 -42.87 32.00 0.19
N SER F 123 -42.44 31.53 -0.98
CA SER F 123 -42.46 30.12 -1.35
C SER F 123 -41.40 29.24 -0.68
N LEU F 124 -40.41 29.85 -0.01
CA LEU F 124 -39.26 29.10 0.51
C LEU F 124 -39.64 28.11 1.62
N VAL F 125 -39.25 26.84 1.41
CA VAL F 125 -39.51 25.73 2.34
C VAL F 125 -38.28 25.36 3.19
N SER F 126 -37.09 25.41 2.58
CA SER F 126 -35.84 25.01 3.24
C SER F 126 -34.73 26.05 3.02
N LEU F 127 -34.03 26.39 4.10
CA LEU F 127 -32.98 27.42 4.10
C LEU F 127 -31.80 27.02 4.98
N SER F 128 -30.61 26.98 4.39
CA SER F 128 -29.37 26.78 5.14
C SER F 128 -28.58 28.08 5.19
N LEU F 129 -28.36 28.60 6.39
CA LEU F 129 -27.45 29.72 6.64
C LEU F 129 -26.25 29.28 7.49
N SER F 130 -25.96 27.99 7.48
CA SER F 130 -24.91 27.43 8.33
C SER F 130 -23.54 27.89 7.87
N HIS F 131 -22.61 28.01 8.81
CA HIS F 131 -21.24 28.42 8.50
C HIS F 131 -21.16 29.69 7.65
N THR F 132 -21.95 30.69 8.05
CA THR F 132 -21.91 32.03 7.44
C THR F 132 -21.31 33.01 8.46
N SER F 133 -21.36 34.31 8.15
CA SER F 133 -20.96 35.36 9.09
C SER F 133 -22.15 36.11 9.72
N ILE F 134 -23.35 35.51 9.69
CA ILE F 134 -24.54 36.09 10.32
C ILE F 134 -24.46 35.89 11.82
N LEU F 135 -24.35 37.00 12.57
CA LEU F 135 -24.29 36.96 14.03
C LEU F 135 -25.58 37.44 14.69
N VAL F 136 -26.59 37.84 13.91
CA VAL F 136 -27.85 38.36 14.46
C VAL F 136 -29.06 37.91 13.62
N LEU F 137 -30.01 37.23 14.28
CA LEU F 137 -31.33 36.94 13.71
C LEU F 137 -32.38 37.75 14.47
N GLY F 138 -33.35 38.29 13.73
CA GLY F 138 -34.31 39.25 14.26
C GLY F 138 -35.66 39.13 13.59
N PRO F 139 -36.68 39.87 14.08
CA PRO F 139 -38.05 39.73 13.57
C PRO F 139 -38.18 40.04 12.07
N THR F 140 -37.47 41.06 11.61
CA THR F 140 -37.55 41.52 10.23
C THR F 140 -36.96 40.56 9.18
N HIS F 141 -36.06 39.69 9.61
CA HIS F 141 -35.30 38.81 8.69
C HIS F 141 -36.15 37.73 7.98
N PHE F 142 -37.23 37.30 8.61
CA PHE F 142 -38.09 36.23 8.09
C PHE F 142 -39.53 36.69 7.84
N THR F 143 -39.67 37.87 7.25
CA THR F 143 -41.00 38.45 6.96
C THR F 143 -41.69 37.66 5.85
N GLY F 144 -42.88 37.15 6.14
CA GLY F 144 -43.73 36.52 5.15
C GLY F 144 -43.36 35.12 4.69
N LEU F 145 -42.50 34.43 5.43
CA LEU F 145 -42.04 33.09 5.06
C LEU F 145 -42.89 32.03 5.76
N HIS F 146 -44.16 31.97 5.39
CA HIS F 146 -45.13 31.09 6.01
C HIS F 146 -44.99 29.62 5.60
N ALA F 147 -44.34 29.36 4.47
CA ALA F 147 -44.10 27.98 3.99
C ALA F 147 -42.81 27.33 4.53
N LEU F 148 -41.97 28.10 5.22
CA LEU F 148 -40.65 27.63 5.66
C LEU F 148 -40.75 26.54 6.74
N ARG F 149 -40.29 25.34 6.40
CA ARG F 149 -40.31 24.17 7.29
C ARG F 149 -38.96 23.87 7.94
N PHE F 150 -37.86 24.09 7.20
CA PHE F 150 -36.51 23.74 7.64
C PHE F 150 -35.61 24.97 7.70
N LEU F 151 -34.98 25.21 8.86
CA LEU F 151 -33.97 26.28 9.01
C LEU F 151 -32.70 25.74 9.67
N TYR F 152 -31.59 25.78 8.93
CA TYR F 152 -30.29 25.35 9.42
C TYR F 152 -29.39 26.57 9.53
N MET F 153 -28.82 26.79 10.71
CA MET F 153 -27.78 27.80 10.91
C MET F 153 -26.80 27.34 11.99
N ASP F 154 -26.07 26.27 11.67
CA ASP F 154 -25.01 25.75 12.52
C ASP F 154 -23.68 26.46 12.24
N GLY F 155 -22.85 26.58 13.26
CA GLY F 155 -21.44 26.93 13.10
C GLY F 155 -21.11 28.36 12.76
N ASN F 156 -21.81 29.31 13.38
CA ASN F 156 -21.54 30.74 13.18
C ASN F 156 -20.71 31.37 14.31
N CYS F 157 -20.44 30.63 15.39
CA CYS F 157 -19.53 31.09 16.45
C CYS F 157 -18.86 29.94 17.21
N TYR F 158 -17.78 29.43 16.65
CA TYR F 158 -16.94 28.40 17.29
C TYR F 158 -15.52 28.44 16.72
N TYR F 159 -14.63 27.57 17.20
CA TYR F 159 -13.20 27.60 16.82
C TYR F 159 -12.89 27.69 15.30
N MET F 160 -13.73 27.06 14.47
CA MET F 160 -13.54 27.05 13.00
C MET F 160 -14.16 28.27 12.29
N ASN F 161 -15.08 28.97 12.96
CA ASN F 161 -15.76 30.15 12.41
C ASN F 161 -16.06 31.11 13.57
N PRO F 162 -15.00 31.75 14.11
CA PRO F 162 -15.13 32.46 15.38
C PRO F 162 -15.86 33.79 15.34
N CYS F 163 -16.51 34.12 16.46
CA CYS F 163 -17.05 35.45 16.70
C CYS F 163 -16.61 35.87 18.12
N PRO F 164 -16.61 37.19 18.42
CA PRO F 164 -16.10 37.63 19.73
C PRO F 164 -16.99 37.23 20.91
N ARG F 165 -18.32 37.34 20.75
CA ARG F 165 -19.26 36.99 21.81
C ARG F 165 -20.07 35.73 21.43
N ALA F 166 -21.20 35.90 20.75
CA ALA F 166 -22.09 34.77 20.44
C ALA F 166 -23.12 35.16 19.40
N LEU F 167 -23.78 34.15 18.84
CA LEU F 167 -24.92 34.38 17.97
C LEU F 167 -26.06 34.92 18.84
N GLU F 168 -26.70 35.98 18.35
CA GLU F 168 -27.87 36.57 19.02
C GLU F 168 -29.12 36.19 18.22
N VAL F 169 -30.02 35.45 18.86
CA VAL F 169 -31.34 35.19 18.32
C VAL F 169 -32.31 36.02 19.17
N ALA F 170 -32.86 37.07 18.57
CA ALA F 170 -33.76 37.98 19.30
C ALA F 170 -35.01 37.23 19.76
N PRO F 171 -35.54 37.56 20.96
CA PRO F 171 -36.74 36.88 21.44
C PRO F 171 -37.89 36.99 20.43
N GLY F 172 -38.45 35.85 20.05
CA GLY F 172 -39.55 35.80 19.09
C GLY F 172 -39.21 36.16 17.65
N ALA F 173 -37.94 36.11 17.28
CA ALA F 173 -37.49 36.42 15.91
C ALA F 173 -38.03 35.45 14.87
N LEU F 174 -38.11 34.17 15.25
CA LEU F 174 -38.61 33.10 14.37
C LEU F 174 -40.11 32.83 14.51
N LEU F 175 -40.78 33.55 15.41
CA LEU F 175 -42.17 33.26 15.77
C LEU F 175 -43.16 33.40 14.59
N GLY F 176 -42.84 34.27 13.62
CA GLY F 176 -43.63 34.41 12.40
C GLY F 176 -43.61 33.22 11.44
N LEU F 177 -42.65 32.31 11.61
CA LEU F 177 -42.55 31.10 10.79
C LEU F 177 -43.55 30.05 11.29
N GLY F 178 -44.77 30.10 10.77
CA GLY F 178 -45.88 29.28 11.25
C GLY F 178 -45.79 27.79 10.97
N ASN F 179 -45.08 27.41 9.93
CA ASN F 179 -44.93 25.99 9.53
C ASN F 179 -43.53 25.41 9.83
N LEU F 180 -42.71 26.10 10.62
CA LEU F 180 -41.34 25.66 10.92
C LEU F 180 -41.36 24.41 11.79
N THR F 181 -40.82 23.32 11.26
CA THR F 181 -40.74 22.04 11.98
C THR F 181 -39.32 21.71 12.45
N HIS F 182 -38.31 21.97 11.61
CA HIS F 182 -36.90 21.64 11.90
C HIS F 182 -36.07 22.92 12.10
N LEU F 183 -35.43 23.05 13.27
CA LEU F 183 -34.50 24.14 13.57
C LEU F 183 -33.19 23.58 14.11
N SER F 184 -32.06 24.05 13.55
CA SER F 184 -30.71 23.62 13.95
C SER F 184 -29.81 24.83 14.18
N LEU F 185 -29.26 24.94 15.40
CA LEU F 185 -28.42 26.09 15.81
C LEU F 185 -27.25 25.60 16.65
N LYS F 186 -26.49 24.67 16.08
CA LYS F 186 -25.31 24.09 16.73
C LYS F 186 -24.11 25.02 16.58
N TYR F 187 -23.14 24.86 17.47
CA TYR F 187 -21.84 25.56 17.38
C TYR F 187 -21.97 27.08 17.20
N ASN F 188 -22.83 27.69 18.04
CA ASN F 188 -23.12 29.13 17.97
C ASN F 188 -22.78 29.90 19.25
N ASN F 189 -22.12 29.25 20.21
CA ASN F 189 -21.74 29.86 21.50
C ASN F 189 -22.92 30.37 22.35
N LEU F 190 -24.11 29.78 22.15
CA LEU F 190 -25.31 30.20 22.86
C LEU F 190 -25.21 29.79 24.33
N THR F 191 -25.65 30.67 25.22
CA THR F 191 -25.67 30.39 26.66
C THR F 191 -27.07 30.04 27.17
N GLU F 192 -28.08 30.17 26.31
CA GLU F 192 -29.45 29.83 26.64
C GLU F 192 -30.27 29.51 25.40
N VAL F 193 -31.38 28.81 25.59
CA VAL F 193 -32.30 28.48 24.50
C VAL F 193 -32.94 29.79 24.04
N PRO F 194 -33.00 30.03 22.71
CA PRO F 194 -33.68 31.25 22.23
C PRO F 194 -35.13 31.34 22.66
N ARG F 195 -35.56 32.53 23.06
CA ARG F 195 -36.89 32.74 23.65
C ARG F 195 -37.97 32.77 22.58
N ARG F 196 -39.14 32.23 22.94
CA ARG F 196 -40.33 32.20 22.08
C ARG F 196 -40.05 31.67 20.67
N LEU F 197 -39.72 30.38 20.62
CA LEU F 197 -39.58 29.65 19.36
C LEU F 197 -40.98 29.23 18.88
N PRO F 198 -41.12 28.89 17.59
CA PRO F 198 -42.43 28.48 17.08
C PRO F 198 -42.95 27.18 17.72
N PRO F 199 -44.22 27.16 18.17
CA PRO F 199 -44.88 25.93 18.66
C PRO F 199 -44.98 24.77 17.64
N SER F 200 -44.86 25.08 16.35
CA SER F 200 -44.90 24.05 15.30
C SER F 200 -43.68 23.10 15.25
N LEU F 201 -42.58 23.46 15.93
CA LEU F 201 -41.33 22.67 15.90
C LEU F 201 -41.49 21.23 16.40
N ASP F 202 -41.06 20.27 15.58
CA ASP F 202 -40.88 18.88 16.03
C ASP F 202 -39.42 18.47 16.25
N THR F 203 -38.46 19.18 15.65
CA THR F 203 -37.04 18.86 15.80
C THR F 203 -36.25 20.14 16.12
N LEU F 204 -35.63 20.18 17.30
CA LEU F 204 -34.83 21.32 17.77
C LEU F 204 -33.43 20.84 18.19
N LEU F 205 -32.41 21.32 17.47
CA LEU F 205 -31.03 20.86 17.65
C LEU F 205 -30.14 22.02 18.14
N LEU F 206 -29.69 21.94 19.39
CA LEU F 206 -28.90 23.00 20.03
C LEU F 206 -27.55 22.48 20.57
N SER F 207 -27.02 21.44 19.92
CA SER F 207 -25.83 20.75 20.42
C SER F 207 -24.56 21.56 20.20
N TYR F 208 -23.59 21.38 21.11
CA TYR F 208 -22.30 22.05 21.07
C TYR F 208 -22.39 23.57 21.11
N ASN F 209 -23.32 24.06 21.93
CA ASN F 209 -23.35 25.44 22.41
C ASN F 209 -22.82 25.36 23.86
N HIS F 210 -23.05 26.39 24.67
CA HIS F 210 -22.75 26.32 26.11
C HIS F 210 -23.97 26.66 26.96
N ILE F 211 -25.09 26.02 26.61
CA ILE F 211 -26.35 26.15 27.36
C ILE F 211 -26.21 25.24 28.58
N VAL F 212 -25.80 25.87 29.67
CA VAL F 212 -25.29 25.18 30.85
C VAL F 212 -26.39 25.00 31.93
N THR F 213 -27.51 25.73 31.79
CA THR F 213 -28.70 25.55 32.63
C THR F 213 -29.95 25.43 31.76
N LEU F 214 -30.92 24.64 32.24
CA LEU F 214 -32.22 24.49 31.58
C LEU F 214 -33.37 24.54 32.59
N ALA F 215 -34.54 24.85 32.06
CA ALA F 215 -35.77 24.97 32.85
C ALA F 215 -37.00 24.84 31.92
N PRO F 216 -38.18 24.50 32.47
CA PRO F 216 -39.42 24.37 31.64
C PRO F 216 -39.70 25.57 30.72
N GLU F 217 -39.42 26.76 31.23
CA GLU F 217 -39.65 28.01 30.49
C GLU F 217 -38.73 28.18 29.29
N ASP F 218 -37.56 27.54 29.31
CA ASP F 218 -36.66 27.53 28.16
C ASP F 218 -37.25 26.77 26.97
N LEU F 219 -38.10 25.79 27.24
CA LEU F 219 -38.78 25.00 26.20
C LEU F 219 -40.30 25.22 26.23
N ALA F 220 -40.70 26.48 26.49
CA ALA F 220 -42.11 26.82 26.70
C ALA F 220 -42.91 26.76 25.40
N ASN F 221 -44.12 26.22 25.49
CA ASN F 221 -45.08 26.10 24.37
C ASN F 221 -44.60 25.25 23.18
N LEU F 222 -43.62 24.37 23.41
CA LEU F 222 -43.09 23.47 22.38
C LEU F 222 -43.63 22.05 22.59
N THR F 223 -44.95 21.93 22.61
CA THR F 223 -45.61 20.64 22.88
C THR F 223 -45.62 19.68 21.69
N ALA F 224 -45.30 20.18 20.49
CA ALA F 224 -45.19 19.33 19.29
C ALA F 224 -43.77 18.74 19.09
N LEU F 225 -42.91 18.88 20.10
CA LEU F 225 -41.50 18.56 19.98
C LEU F 225 -41.31 17.04 20.04
N ARG F 226 -40.70 16.49 18.99
CA ARG F 226 -40.49 15.05 18.83
C ARG F 226 -39.02 14.65 19.06
N VAL F 227 -38.08 15.45 18.55
CA VAL F 227 -36.64 15.24 18.76
C VAL F 227 -36.04 16.50 19.40
N LEU F 228 -35.26 16.31 20.46
CA LEU F 228 -34.56 17.42 21.14
C LEU F 228 -33.10 17.04 21.41
N ASP F 229 -32.17 17.81 20.85
CA ASP F 229 -30.73 17.63 21.06
C ASP F 229 -30.16 18.82 21.82
N VAL F 230 -29.80 18.60 23.08
CA VAL F 230 -29.11 19.62 23.90
C VAL F 230 -27.75 19.08 24.40
N GLY F 231 -27.15 18.18 23.63
CA GLY F 231 -25.92 17.50 24.02
C GLY F 231 -24.67 18.30 23.71
N GLY F 232 -23.60 18.01 24.44
CA GLY F 232 -22.32 18.69 24.25
C GLY F 232 -22.33 20.14 24.66
N ASN F 233 -23.15 20.49 25.66
CA ASN F 233 -23.29 21.87 26.11
C ASN F 233 -22.49 22.19 27.38
N CYS F 234 -22.16 21.17 28.18
CA CYS F 234 -20.99 21.30 29.05
C CYS F 234 -20.25 19.96 29.13
N ARG F 235 -19.08 19.95 28.51
CA ARG F 235 -18.42 18.75 28.01
C ARG F 235 -17.33 18.23 28.92
N ARG F 236 -16.91 16.99 28.65
CA ARG F 236 -15.73 16.39 29.25
C ARG F 236 -14.61 16.39 28.20
N CYS F 237 -13.69 17.35 28.33
CA CYS F 237 -12.65 17.56 27.30
C CYS F 237 -11.54 16.52 27.28
N ASP F 238 -11.46 15.65 28.29
CA ASP F 238 -10.56 14.50 28.25
C ASP F 238 -10.84 13.54 27.08
N HIS F 239 -12.09 13.56 26.57
CA HIS F 239 -12.50 12.78 25.38
C HIS F 239 -12.57 13.59 24.07
N ALA F 240 -12.47 14.92 24.15
CA ALA F 240 -12.58 15.77 22.97
C ALA F 240 -11.42 15.60 21.97
N ARG F 241 -11.74 15.52 20.68
CA ARG F 241 -10.72 15.56 19.64
C ARG F 241 -10.53 16.95 19.04
N ASN F 242 -11.42 17.87 19.40
CA ASN F 242 -11.42 19.24 18.90
C ASN F 242 -11.25 20.22 20.07
N PRO F 243 -11.10 21.53 19.79
CA PRO F 243 -11.07 22.50 20.89
C PRO F 243 -12.33 22.43 21.75
N CYS F 244 -12.15 22.57 23.06
CA CYS F 244 -13.16 22.22 24.03
C CYS F 244 -12.94 23.00 25.33
N ARG F 245 -14.02 23.60 25.84
CA ARG F 245 -14.03 24.19 27.19
C ARG F 245 -14.71 23.23 28.16
N GLU F 246 -14.10 23.05 29.32
CA GLU F 246 -14.57 22.07 30.31
C GLU F 246 -15.85 22.57 30.95
N CYS F 247 -16.74 21.64 31.25
CA CYS F 247 -17.97 21.96 31.98
C CYS F 247 -17.59 22.57 33.33
N PRO F 248 -18.14 23.76 33.66
CA PRO F 248 -17.74 24.37 34.93
C PRO F 248 -18.26 23.62 36.15
N LYS F 249 -17.63 23.83 37.30
CA LYS F 249 -18.00 23.11 38.52
C LYS F 249 -19.43 23.44 38.93
N ASN F 250 -20.12 22.41 39.43
CA ASN F 250 -21.53 22.46 39.86
C ASN F 250 -22.56 22.53 38.72
N PHE F 251 -22.11 22.34 37.48
CA PHE F 251 -22.97 22.37 36.30
C PHE F 251 -22.93 21.00 35.61
N PRO F 252 -23.88 20.69 34.72
CA PRO F 252 -25.03 21.52 34.39
C PRO F 252 -26.11 21.51 35.46
N LYS F 253 -27.05 22.45 35.34
CA LYS F 253 -28.17 22.60 36.26
C LYS F 253 -29.48 22.48 35.49
N LEU F 254 -30.04 21.28 35.45
CA LEU F 254 -31.32 21.01 34.81
C LEU F 254 -32.41 20.94 35.89
N HIS F 255 -33.42 21.81 35.77
CA HIS F 255 -34.57 21.80 36.67
C HIS F 255 -35.34 20.46 36.47
N PRO F 256 -35.74 19.79 37.58
CA PRO F 256 -36.57 18.57 37.52
C PRO F 256 -37.69 18.51 36.47
N ASP F 257 -38.40 19.61 36.26
CA ASP F 257 -39.57 19.63 35.37
C ASP F 257 -39.28 20.16 33.96
N THR F 258 -38.00 20.18 33.56
CA THR F 258 -37.58 20.77 32.27
C THR F 258 -38.28 20.15 31.06
N PHE F 259 -38.36 18.82 31.05
CA PHE F 259 -38.90 18.08 29.91
C PHE F 259 -40.35 17.58 30.11
N SER F 260 -40.91 17.81 31.30
CA SER F 260 -42.17 17.18 31.73
C SER F 260 -43.42 17.53 30.90
N HIS F 261 -43.38 18.64 30.16
CA HIS F 261 -44.49 19.03 29.27
C HIS F 261 -44.35 18.55 27.80
N LEU F 262 -43.29 17.80 27.49
CA LEU F 262 -43.03 17.33 26.12
C LEU F 262 -43.58 15.92 25.89
N SER F 263 -44.92 15.83 25.82
CA SER F 263 -45.61 14.53 25.72
C SER F 263 -45.37 13.77 24.40
N ARG F 264 -45.04 14.48 23.32
CA ARG F 264 -44.77 13.85 22.02
C ARG F 264 -43.31 13.49 21.75
N LEU F 265 -42.43 13.74 22.72
CA LEU F 265 -40.98 13.54 22.55
C LEU F 265 -40.63 12.04 22.37
N GLU F 266 -40.06 11.73 21.21
CA GLU F 266 -39.58 10.39 20.88
C GLU F 266 -38.07 10.25 21.11
N GLY F 267 -37.30 11.27 20.75
CA GLY F 267 -35.85 11.26 20.85
C GLY F 267 -35.31 12.37 21.73
N LEU F 268 -34.38 12.03 22.62
CA LEU F 268 -33.71 12.99 23.50
C LEU F 268 -32.19 12.74 23.54
N VAL F 269 -31.41 13.75 23.22
CA VAL F 269 -29.94 13.65 23.22
C VAL F 269 -29.37 14.47 24.38
N LEU F 270 -28.79 13.75 25.35
CA LEU F 270 -28.10 14.34 26.50
C LEU F 270 -26.62 13.96 26.53
N LYS F 271 -26.03 13.71 25.37
CA LYS F 271 -24.62 13.32 25.30
C LYS F 271 -23.69 14.45 25.77
N ASP F 272 -22.51 14.07 26.24
CA ASP F 272 -21.42 15.00 26.62
C ASP F 272 -21.91 16.21 27.45
N SER F 273 -22.69 15.90 28.47
CA SER F 273 -23.22 16.89 29.42
C SER F 273 -22.67 16.69 30.84
N SER F 274 -21.60 15.90 31.00
CA SER F 274 -20.93 15.68 32.29
C SER F 274 -21.87 15.24 33.41
N LEU F 275 -22.73 14.28 33.10
CA LEU F 275 -23.75 13.79 34.02
C LEU F 275 -23.25 12.54 34.74
N TYR F 276 -23.19 12.63 36.07
CA TYR F 276 -22.83 11.49 36.93
C TYR F 276 -24.04 10.67 37.34
N LYS F 277 -25.22 11.26 37.17
CA LYS F 277 -26.48 10.57 37.38
C LYS F 277 -27.61 11.28 36.62
N LEU F 278 -28.71 10.56 36.44
CA LEU F 278 -29.92 11.14 35.89
C LEU F 278 -30.91 11.39 37.03
N GLU F 279 -31.73 12.41 36.85
CA GLU F 279 -32.84 12.69 37.74
C GLU F 279 -34.10 12.00 37.21
N LYS F 280 -34.75 11.22 38.08
CA LYS F 280 -36.01 10.56 37.76
C LYS F 280 -37.09 11.53 37.24
N ASP F 281 -37.10 12.74 37.81
CA ASP F 281 -38.06 13.79 37.44
C ASP F 281 -37.99 14.22 35.97
N TRP F 282 -36.80 14.16 35.37
CA TRP F 282 -36.61 14.53 33.95
C TRP F 282 -37.45 13.70 33.00
N PHE F 283 -37.58 12.40 33.31
CA PHE F 283 -38.28 11.44 32.46
C PHE F 283 -39.71 11.13 32.90
N ARG F 284 -40.25 11.89 33.86
CA ARG F 284 -41.67 11.84 34.20
C ARG F 284 -42.43 12.62 33.14
N GLY F 285 -43.39 11.98 32.48
CA GLY F 285 -44.08 12.54 31.32
C GLY F 285 -43.42 12.21 29.98
N LEU F 286 -42.26 11.56 30.01
CA LEU F 286 -41.58 11.04 28.82
C LEU F 286 -41.64 9.52 28.88
N GLY F 287 -42.82 8.96 29.16
CA GLY F 287 -43.01 7.50 29.21
C GLY F 287 -42.92 6.83 27.84
N ARG F 288 -43.27 7.57 26.79
CA ARG F 288 -43.20 7.10 25.40
C ARG F 288 -41.95 7.52 24.63
N LEU F 289 -40.86 7.76 25.34
CA LEU F 289 -39.56 8.07 24.74
C LEU F 289 -39.00 6.81 24.05
N GLN F 290 -38.65 6.92 22.78
CA GLN F 290 -38.11 5.82 21.98
C GLN F 290 -36.57 5.82 21.81
N VAL F 291 -35.96 7.00 21.78
CA VAL F 291 -34.51 7.13 21.60
C VAL F 291 -33.91 8.00 22.71
N LEU F 292 -32.88 7.50 23.39
CA LEU F 292 -32.16 8.23 24.43
C LEU F 292 -30.64 8.08 24.27
N ASP F 293 -29.96 9.19 23.97
CA ASP F 293 -28.50 9.23 23.82
C ASP F 293 -27.86 9.82 25.10
N LEU F 294 -27.15 8.96 25.83
CA LEU F 294 -26.47 9.35 27.07
C LEU F 294 -24.95 9.21 26.96
N SER F 295 -24.42 9.26 25.73
CA SER F 295 -23.00 8.98 25.51
C SER F 295 -22.09 10.06 26.07
N GLU F 296 -20.84 9.70 26.34
CA GLU F 296 -19.79 10.64 26.81
C GLU F 296 -20.14 11.37 28.12
N ASN F 297 -20.92 10.71 28.98
CA ASN F 297 -21.23 11.21 30.31
C ASN F 297 -20.38 10.43 31.32
N PHE F 298 -20.71 10.52 32.62
CA PHE F 298 -20.01 9.77 33.67
C PHE F 298 -20.95 8.77 34.36
N LEU F 299 -21.74 8.04 33.57
CA LEU F 299 -22.77 7.14 34.10
C LEU F 299 -22.32 5.70 34.38
N TYR F 300 -21.02 5.45 34.34
CA TYR F 300 -20.45 4.11 34.65
C TYR F 300 -20.96 3.45 35.94
N ASP F 301 -21.09 4.22 37.03
CA ASP F 301 -21.62 3.68 38.29
C ASP F 301 -23.15 3.69 38.28
N TYR F 302 -23.74 4.74 37.72
CA TYR F 302 -25.19 4.90 37.65
C TYR F 302 -25.90 3.72 36.98
N ILE F 303 -25.38 3.27 35.84
CA ILE F 303 -25.99 2.16 35.07
C ILE F 303 -25.94 0.79 35.78
N THR F 304 -25.06 0.62 36.77
CA THR F 304 -24.96 -0.64 37.52
C THR F 304 -26.03 -0.80 38.59
N LYS F 305 -26.58 0.31 39.07
CA LYS F 305 -27.60 0.28 40.13
C LYS F 305 -28.91 1.02 39.87
N THR F 306 -28.97 1.89 38.86
CA THR F 306 -30.18 2.68 38.60
C THR F 306 -31.45 1.87 38.39
N THR F 307 -32.56 2.50 38.74
CA THR F 307 -33.88 1.90 38.63
C THR F 307 -34.76 2.67 37.62
N ILE F 308 -34.16 3.63 36.90
CA ILE F 308 -34.90 4.57 36.05
C ILE F 308 -35.42 3.93 34.77
N PHE F 309 -34.80 2.84 34.34
CA PHE F 309 -35.24 2.13 33.12
C PHE F 309 -36.56 1.36 33.28
N ASN F 310 -37.03 1.19 34.52
CA ASN F 310 -38.40 0.73 34.79
C ASN F 310 -39.48 1.71 34.29
N ASP F 311 -39.13 2.99 34.17
CA ASP F 311 -40.04 4.04 33.66
C ASP F 311 -39.80 4.43 32.20
N LEU F 312 -38.92 3.72 31.50
CA LEU F 312 -38.62 4.01 30.09
C LEU F 312 -38.89 2.79 29.23
N THR F 313 -40.08 2.22 29.39
CA THR F 313 -40.40 0.89 28.83
C THR F 313 -40.61 0.87 27.30
N GLN F 314 -40.79 2.04 26.69
CA GLN F 314 -40.97 2.18 25.24
C GLN F 314 -39.67 2.45 24.47
N LEU F 315 -38.54 2.42 25.17
CA LEU F 315 -37.26 2.81 24.60
C LEU F 315 -36.76 1.75 23.59
N ARG F 316 -36.41 2.22 22.40
CA ARG F 316 -35.94 1.37 21.29
C ARG F 316 -34.42 1.43 21.11
N ARG F 317 -33.84 2.62 21.22
CA ARG F 317 -32.39 2.82 21.11
C ARG F 317 -31.84 3.52 22.34
N LEU F 318 -30.81 2.94 22.95
CA LEU F 318 -30.17 3.48 24.15
C LEU F 318 -28.66 3.51 23.94
N ASN F 319 -28.09 4.71 23.85
CA ASN F 319 -26.65 4.89 23.63
C ASN F 319 -25.99 5.26 24.96
N LEU F 320 -25.16 4.35 25.48
CA LEU F 320 -24.40 4.57 26.72
C LEU F 320 -22.89 4.65 26.45
N SER F 321 -22.51 4.90 25.20
CA SER F 321 -21.11 4.79 24.76
C SER F 321 -20.21 5.86 25.37
N PHE F 322 -18.95 5.48 25.60
CA PHE F 322 -17.94 6.35 26.21
C PHE F 322 -18.34 6.97 27.57
N ASN F 323 -19.13 6.22 28.34
CA ASN F 323 -19.36 6.52 29.75
C ASN F 323 -18.25 5.84 30.55
N TYR F 324 -17.03 6.35 30.39
CA TYR F 324 -15.86 5.78 31.03
C TYR F 324 -15.39 6.68 32.16
N HIS F 325 -14.78 6.06 33.16
CA HIS F 325 -14.22 6.76 34.30
C HIS F 325 -12.83 7.18 33.90
N LYS F 326 -12.49 8.44 34.13
CA LYS F 326 -11.18 8.98 33.76
C LYS F 326 -10.06 8.13 34.37
N LYS F 327 -9.08 7.80 33.53
CA LYS F 327 -7.85 7.09 33.92
C LYS F 327 -8.02 5.64 34.34
N VAL F 328 -9.23 5.09 34.30
CA VAL F 328 -9.46 3.70 34.74
C VAL F 328 -10.28 2.87 33.76
N SER F 329 -10.10 1.56 33.83
CA SER F 329 -11.02 0.58 33.28
C SER F 329 -11.46 -0.30 34.45
N PHE F 330 -12.66 -0.89 34.34
CA PHE F 330 -13.21 -1.74 35.38
C PHE F 330 -12.92 -3.22 35.14
N ALA F 331 -12.81 -4.00 36.22
CA ALA F 331 -12.60 -5.44 36.11
C ALA F 331 -13.84 -6.12 35.54
N HIS F 332 -15.00 -5.71 36.06
CA HIS F 332 -16.31 -6.16 35.56
C HIS F 332 -17.26 -4.97 35.44
N LEU F 333 -18.40 -5.21 34.79
CA LEU F 333 -19.43 -4.20 34.61
C LEU F 333 -20.79 -4.90 34.59
N HIS F 334 -21.52 -4.81 35.70
CA HIS F 334 -22.80 -5.52 35.85
C HIS F 334 -23.96 -4.55 35.76
N LEU F 335 -24.78 -4.70 34.72
CA LEU F 335 -25.87 -3.77 34.44
C LEU F 335 -26.98 -3.93 35.46
N ALA F 336 -27.67 -2.84 35.75
CA ALA F 336 -28.76 -2.84 36.71
C ALA F 336 -29.89 -3.77 36.27
N SER F 337 -30.64 -4.25 37.26
CA SER F 337 -31.81 -5.09 37.04
C SER F 337 -32.87 -4.40 36.18
N SER F 338 -33.02 -3.08 36.31
CA SER F 338 -34.02 -2.30 35.55
C SER F 338 -33.92 -2.37 34.01
N PHE F 339 -32.75 -2.71 33.47
CA PHE F 339 -32.61 -2.95 32.02
C PHE F 339 -33.56 -4.04 31.53
N GLY F 340 -33.86 -5.01 32.40
CA GLY F 340 -34.90 -6.02 32.17
C GLY F 340 -36.31 -5.60 31.78
N SER F 341 -36.61 -4.31 31.95
CA SER F 341 -37.90 -3.71 31.69
C SER F 341 -37.99 -3.09 30.29
N LEU F 342 -36.85 -2.92 29.65
CA LEU F 342 -36.77 -2.31 28.32
C LEU F 342 -37.13 -3.32 27.23
N VAL F 343 -38.40 -3.72 27.22
CA VAL F 343 -38.88 -4.81 26.33
C VAL F 343 -39.10 -4.38 24.87
N SER F 344 -39.12 -3.07 24.61
CA SER F 344 -39.09 -2.54 23.23
C SER F 344 -37.69 -2.30 22.68
N LEU F 345 -36.65 -2.56 23.48
CA LEU F 345 -35.27 -2.21 23.12
C LEU F 345 -34.77 -3.03 21.94
N GLU F 346 -34.28 -2.34 20.91
CA GLU F 346 -33.73 -2.94 19.70
C GLU F 346 -32.21 -2.82 19.61
N LYS F 347 -31.66 -1.69 20.06
CA LYS F 347 -30.24 -1.37 19.91
C LYS F 347 -29.72 -0.80 21.23
N LEU F 348 -28.61 -1.36 21.71
CA LEU F 348 -27.94 -0.90 22.93
C LEU F 348 -26.45 -0.71 22.66
N ASP F 349 -25.99 0.54 22.76
CA ASP F 349 -24.60 0.88 22.47
C ASP F 349 -23.81 1.07 23.78
N MET F 350 -22.81 0.21 23.99
CA MET F 350 -21.97 0.21 25.18
C MET F 350 -20.48 0.28 24.86
N HIS F 351 -20.12 0.88 23.71
CA HIS F 351 -18.72 0.95 23.33
C HIS F 351 -17.98 2.05 24.11
N GLY F 352 -16.71 1.82 24.42
CA GLY F 352 -15.88 2.83 25.07
C GLY F 352 -16.08 3.14 26.55
N ILE F 353 -16.83 2.29 27.26
CA ILE F 353 -16.94 2.37 28.73
C ILE F 353 -15.64 1.95 29.46
N PHE F 354 -14.87 1.08 28.81
CA PHE F 354 -13.66 0.47 29.37
C PHE F 354 -13.95 -0.46 30.55
N PHE F 355 -14.04 -1.76 30.24
CA PHE F 355 -14.15 -2.82 31.24
C PHE F 355 -13.55 -4.11 30.66
N ARG F 356 -12.88 -4.88 31.51
CA ARG F 356 -11.95 -5.92 31.06
C ARG F 356 -12.52 -7.33 30.92
N SER F 357 -13.64 -7.62 31.60
CA SER F 357 -14.26 -8.95 31.58
C SER F 357 -15.73 -8.91 31.14
N LEU F 358 -16.10 -9.79 30.20
CA LEU F 358 -17.47 -10.00 29.76
C LEU F 358 -17.92 -11.42 30.12
N THR F 359 -18.90 -11.51 31.03
CA THR F 359 -19.34 -12.79 31.61
C THR F 359 -20.87 -12.96 31.48
N ASN F 360 -21.39 -14.08 32.00
CA ASN F 360 -22.86 -14.27 32.09
C ASN F 360 -23.58 -13.26 32.98
N ILE F 361 -22.88 -12.68 33.95
CA ILE F 361 -23.45 -11.66 34.84
C ILE F 361 -23.58 -10.30 34.12
N THR F 362 -22.59 -9.94 33.32
CA THR F 362 -22.51 -8.64 32.63
C THR F 362 -23.83 -8.17 32.03
N LEU F 363 -24.40 -9.02 31.17
CA LEU F 363 -25.61 -8.69 30.40
C LEU F 363 -26.82 -9.53 30.81
N GLN F 364 -26.82 -10.05 32.03
CA GLN F 364 -27.92 -10.81 32.65
C GLN F 364 -29.31 -10.19 32.39
N SER F 365 -29.42 -8.89 32.65
CA SER F 365 -30.67 -8.13 32.50
C SER F 365 -31.24 -8.07 31.08
N LEU F 366 -30.38 -8.20 30.07
CA LEU F 366 -30.76 -8.10 28.66
C LEU F 366 -31.20 -9.43 28.02
N THR F 367 -30.89 -10.55 28.66
CA THR F 367 -30.99 -11.89 28.05
C THR F 367 -32.38 -12.24 27.51
N ARG F 368 -33.44 -11.75 28.15
CA ARG F 368 -34.82 -12.06 27.76
C ARG F 368 -35.58 -10.90 27.10
N LEU F 369 -34.90 -9.84 26.69
CA LEU F 369 -35.55 -8.72 25.99
C LEU F 369 -35.88 -9.19 24.57
N PRO F 370 -37.19 -9.27 24.22
CA PRO F 370 -37.63 -10.00 23.03
C PRO F 370 -37.27 -9.40 21.67
N LYS F 371 -36.95 -8.11 21.60
CA LYS F 371 -36.71 -7.44 20.32
C LYS F 371 -35.30 -6.87 20.12
N LEU F 372 -34.38 -7.22 21.02
CA LEU F 372 -32.99 -6.71 20.98
C LEU F 372 -32.17 -7.34 19.84
N GLN F 373 -31.83 -6.52 18.84
CA GLN F 373 -31.12 -6.95 17.63
C GLN F 373 -29.62 -6.61 17.61
N SER F 374 -29.28 -5.41 18.07
CA SER F 374 -27.91 -4.90 17.98
C SER F 374 -27.33 -4.66 19.35
N LEU F 375 -26.10 -5.10 19.55
CA LEU F 375 -25.40 -4.95 20.82
C LEU F 375 -23.95 -4.55 20.51
N HIS F 376 -23.57 -3.36 20.94
CA HIS F 376 -22.27 -2.76 20.56
C HIS F 376 -21.33 -2.67 21.77
N LEU F 377 -20.36 -3.60 21.81
CA LEU F 377 -19.41 -3.75 22.92
C LEU F 377 -17.95 -3.52 22.48
N GLN F 378 -17.76 -2.81 21.38
CA GLN F 378 -16.42 -2.54 20.85
C GLN F 378 -15.63 -1.55 21.72
N LEU F 379 -14.32 -1.46 21.48
CA LEU F 379 -13.45 -0.44 22.10
C LEU F 379 -13.51 -0.37 23.63
N ASN F 380 -13.64 -1.54 24.26
CA ASN F 380 -13.81 -1.66 25.73
C ASN F 380 -12.62 -2.24 26.51
N PHE F 381 -11.51 -2.55 25.83
CA PHE F 381 -10.34 -3.22 26.45
C PHE F 381 -10.67 -4.55 27.15
N ILE F 382 -11.67 -5.26 26.61
CA ILE F 382 -12.10 -6.57 27.12
C ILE F 382 -11.04 -7.60 26.76
N ASN F 383 -10.50 -8.29 27.76
CA ASN F 383 -9.53 -9.38 27.54
C ASN F 383 -10.03 -10.78 27.90
N GLN F 384 -11.21 -10.87 28.50
CA GLN F 384 -11.88 -12.15 28.76
C GLN F 384 -13.34 -12.01 28.34
N ALA F 385 -13.77 -12.87 27.42
CA ALA F 385 -15.12 -12.81 26.87
C ALA F 385 -15.73 -14.20 26.80
N GLN F 386 -16.81 -14.39 27.55
CA GLN F 386 -17.59 -15.63 27.53
C GLN F 386 -18.61 -15.51 26.38
N LEU F 387 -18.20 -15.90 25.17
CA LEU F 387 -19.02 -15.70 23.96
C LEU F 387 -20.30 -16.54 23.92
N SER F 388 -20.32 -17.65 24.66
CA SER F 388 -21.50 -18.54 24.75
C SER F 388 -22.80 -17.87 25.23
N ILE F 389 -22.68 -16.74 25.93
CA ILE F 389 -23.84 -16.00 26.44
C ILE F 389 -24.82 -15.55 25.35
N PHE F 390 -24.31 -15.28 24.15
CA PHE F 390 -25.12 -14.73 23.07
C PHE F 390 -26.08 -15.74 22.42
N GLY F 391 -25.85 -17.03 22.64
CA GLY F 391 -26.76 -18.08 22.17
C GLY F 391 -28.15 -18.03 22.80
N ALA F 392 -28.21 -17.66 24.08
CA ALA F 392 -29.48 -17.59 24.80
C ALA F 392 -30.38 -16.40 24.41
N PHE F 393 -29.81 -15.39 23.74
CA PHE F 393 -30.57 -14.21 23.33
C PHE F 393 -31.56 -14.58 22.22
N PRO F 394 -32.81 -14.11 22.30
CA PRO F 394 -33.81 -14.55 21.31
C PRO F 394 -33.73 -13.90 19.92
N SER F 395 -33.21 -12.67 19.81
CA SER F 395 -33.34 -11.90 18.55
C SER F 395 -32.09 -11.19 18.01
N LEU F 396 -30.91 -11.54 18.51
CA LEU F 396 -29.69 -10.84 18.10
C LEU F 396 -29.35 -11.05 16.62
N LEU F 397 -29.15 -9.94 15.92
CA LEU F 397 -28.62 -9.95 14.55
C LEU F 397 -27.15 -9.48 14.47
N PHE F 398 -26.73 -8.63 15.41
CA PHE F 398 -25.39 -8.06 15.36
C PHE F 398 -24.80 -7.86 16.75
N VAL F 399 -23.62 -8.45 16.98
CA VAL F 399 -22.84 -8.25 18.20
C VAL F 399 -21.48 -7.73 17.78
N ASP F 400 -21.15 -6.50 18.19
CA ASP F 400 -19.85 -5.90 17.88
C ASP F 400 -18.94 -6.02 19.10
N LEU F 401 -17.96 -6.92 19.00
CA LEU F 401 -16.90 -7.03 20.01
C LEU F 401 -15.53 -6.69 19.42
N SER F 402 -15.52 -5.82 18.40
CA SER F 402 -14.28 -5.46 17.73
C SER F 402 -13.44 -4.49 18.56
N ASP F 403 -12.17 -4.35 18.19
CA ASP F 403 -11.24 -3.44 18.87
C ASP F 403 -11.22 -3.66 20.40
N ASN F 404 -11.07 -4.93 20.78
CA ASN F 404 -10.92 -5.31 22.18
C ASN F 404 -9.56 -6.02 22.33
N ARG F 405 -9.31 -6.65 23.47
CA ARG F 405 -8.06 -7.40 23.72
C ARG F 405 -8.33 -8.89 23.95
N ILE F 406 -9.31 -9.44 23.24
CA ILE F 406 -9.74 -10.84 23.45
C ILE F 406 -8.74 -11.78 22.80
N SER F 407 -8.42 -12.87 23.51
CA SER F 407 -7.50 -13.90 23.02
C SER F 407 -8.04 -15.31 23.30
N SER F 448 -23.98 -10.52 2.16
CA SER F 448 -24.08 -9.19 2.76
C SER F 448 -24.02 -9.18 4.30
N CYS F 449 -24.64 -10.19 4.91
CA CYS F 449 -24.73 -10.35 6.39
C CYS F 449 -25.67 -9.36 7.10
N ASN F 450 -26.27 -8.44 6.35
CA ASN F 450 -27.36 -7.62 6.84
C ASN F 450 -28.49 -8.63 7.05
N LEU F 451 -29.25 -8.42 8.11
CA LEU F 451 -30.39 -9.26 8.50
C LEU F 451 -30.07 -10.74 8.81
N ASN F 452 -28.82 -11.03 9.17
CA ASN F 452 -28.40 -12.36 9.64
C ASN F 452 -27.48 -12.23 10.85
N PHE F 453 -27.53 -13.24 11.71
CA PHE F 453 -26.81 -13.24 12.98
C PHE F 453 -25.30 -13.21 12.77
N THR F 454 -24.70 -12.06 13.10
CA THR F 454 -23.30 -11.74 12.81
C THR F 454 -22.57 -11.36 14.10
N LEU F 455 -21.38 -11.90 14.28
CA LEU F 455 -20.50 -11.58 15.41
C LEU F 455 -19.19 -10.98 14.88
N ASP F 456 -18.88 -9.77 15.32
CA ASP F 456 -17.64 -9.09 14.92
C ASP F 456 -16.60 -9.20 16.03
N LEU F 457 -15.56 -9.99 15.78
CA LEU F 457 -14.42 -10.14 16.67
C LEU F 457 -13.13 -9.60 16.04
N SER F 458 -13.28 -8.69 15.09
CA SER F 458 -12.13 -8.16 14.38
C SER F 458 -11.32 -7.24 15.29
N ARG F 459 -10.03 -7.07 14.99
CA ARG F 459 -9.14 -6.20 15.76
C ARG F 459 -9.03 -6.61 17.24
N ASN F 460 -8.81 -7.90 17.45
CA ASN F 460 -8.58 -8.49 18.78
C ASN F 460 -7.24 -9.21 18.78
N ASN F 461 -6.87 -9.87 19.89
CA ASN F 461 -5.55 -10.52 20.02
C ASN F 461 -5.57 -12.05 19.93
N LEU F 462 -6.45 -12.60 19.09
CA LEU F 462 -6.52 -14.05 18.88
C LEU F 462 -5.30 -14.50 18.08
N VAL F 463 -4.56 -15.47 18.60
CA VAL F 463 -3.37 -16.02 17.94
C VAL F 463 -3.62 -17.44 17.43
N THR F 464 -4.32 -18.26 18.21
CA THR F 464 -4.79 -19.57 17.75
C THR F 464 -6.27 -19.70 18.13
N ILE F 465 -7.07 -20.20 17.18
CA ILE F 465 -8.50 -20.41 17.38
C ILE F 465 -8.75 -21.79 17.99
N GLN F 466 -9.43 -21.82 19.13
CA GLN F 466 -9.87 -23.05 19.79
C GLN F 466 -11.39 -23.17 19.64
N GLN F 467 -11.87 -24.36 19.27
CA GLN F 467 -13.31 -24.55 19.01
C GLN F 467 -14.26 -24.23 20.17
N GLU F 468 -13.79 -24.38 21.41
CA GLU F 468 -14.62 -24.13 22.60
C GLU F 468 -15.00 -22.66 22.79
N MET F 469 -14.33 -21.76 22.08
CA MET F 469 -14.77 -20.36 21.91
C MET F 469 -16.21 -20.22 21.46
N PHE F 470 -16.60 -21.05 20.50
CA PHE F 470 -17.84 -20.89 19.75
C PHE F 470 -19.00 -21.76 20.24
N THR F 471 -18.88 -22.38 21.42
CA THR F 471 -19.96 -23.21 21.96
C THR F 471 -21.20 -22.36 22.21
N ARG F 472 -22.35 -22.92 21.84
CA ARG F 472 -23.65 -22.25 21.95
C ARG F 472 -23.89 -21.16 20.88
N LEU F 473 -23.05 -21.13 19.83
CA LEU F 473 -23.21 -20.17 18.72
C LEU F 473 -23.49 -20.87 17.39
N SER F 474 -24.28 -21.95 17.43
CA SER F 474 -24.61 -22.73 16.23
C SER F 474 -25.56 -21.99 15.27
N ARG F 475 -26.25 -20.98 15.78
CA ARG F 475 -27.14 -20.12 14.99
C ARG F 475 -26.37 -19.06 14.15
N LEU F 476 -25.08 -18.88 14.42
CA LEU F 476 -24.29 -17.80 13.82
C LEU F 476 -24.07 -17.99 12.31
N GLN F 477 -24.41 -16.96 11.53
CA GLN F 477 -24.33 -17.02 10.06
C GLN F 477 -23.13 -16.25 9.47
N CYS F 478 -22.68 -15.20 10.16
CA CYS F 478 -21.50 -14.45 9.73
C CYS F 478 -20.54 -14.23 10.90
N LEU F 479 -19.25 -14.43 10.66
CA LEU F 479 -18.22 -14.23 11.68
C LEU F 479 -17.08 -13.41 11.09
N ARG F 480 -16.78 -12.28 11.71
CA ARG F 480 -15.65 -11.44 11.31
C ARG F 480 -14.50 -11.64 12.30
N LEU F 481 -13.37 -12.13 11.80
CA LEU F 481 -12.15 -12.29 12.59
C LEU F 481 -10.96 -11.56 11.94
N SER F 482 -11.25 -10.49 11.19
CA SER F 482 -10.20 -9.77 10.49
C SER F 482 -9.34 -8.95 11.44
N HIS F 483 -8.11 -8.65 11.00
CA HIS F 483 -7.18 -7.81 11.77
C HIS F 483 -6.92 -8.37 13.18
N ASN F 484 -6.87 -9.70 13.28
CA ASN F 484 -6.42 -10.38 14.49
C ASN F 484 -4.97 -10.76 14.26
N SER F 485 -4.43 -11.65 15.09
CA SER F 485 -3.05 -12.12 14.94
C SER F 485 -2.97 -13.64 14.76
N ILE F 486 -3.95 -14.20 14.07
CA ILE F 486 -4.10 -15.65 14.00
C ILE F 486 -2.99 -16.23 13.14
N SER F 487 -2.06 -16.94 13.78
CA SER F 487 -1.02 -17.70 13.07
C SER F 487 -1.10 -19.16 13.51
N GLN F 488 -1.74 -19.97 12.68
CA GLN F 488 -2.13 -21.33 13.04
C GLN F 488 -2.26 -22.18 11.79
N ALA F 489 -1.69 -23.38 11.84
CA ALA F 489 -1.89 -24.38 10.80
C ALA F 489 -3.29 -24.96 10.98
N VAL F 490 -4.25 -24.21 10.47
CA VAL F 490 -5.68 -24.49 10.60
C VAL F 490 -5.97 -25.82 9.89
N ASN F 491 -6.75 -26.70 10.51
CA ASN F 491 -6.85 -28.09 10.05
C ASN F 491 -8.24 -28.78 10.11
N GLY F 492 -9.30 -28.04 10.42
CA GLY F 492 -10.66 -28.59 10.47
C GLY F 492 -11.27 -28.82 11.85
N SER F 493 -10.58 -28.42 12.91
CA SER F 493 -11.05 -28.61 14.29
C SER F 493 -11.22 -27.30 15.06
N GLN F 494 -11.31 -26.19 14.32
CA GLN F 494 -11.28 -24.85 14.89
C GLN F 494 -12.64 -24.18 15.02
N PHE F 495 -13.56 -24.49 14.10
CA PHE F 495 -14.88 -23.82 14.02
C PHE F 495 -16.04 -24.81 14.11
N VAL F 496 -15.83 -25.92 14.82
CA VAL F 496 -16.76 -27.06 14.81
C VAL F 496 -18.20 -26.71 15.21
N PRO F 497 -18.40 -25.90 16.28
CA PRO F 497 -19.76 -25.53 16.67
C PRO F 497 -20.54 -24.65 15.70
N LEU F 498 -19.86 -23.98 14.76
CA LEU F 498 -20.50 -23.01 13.86
C LEU F 498 -21.17 -23.67 12.65
N THR F 499 -22.21 -24.45 12.92
CA THR F 499 -22.85 -25.29 11.89
C THR F 499 -23.69 -24.52 10.86
N SER F 500 -24.09 -23.28 11.18
CA SER F 500 -24.87 -22.45 10.25
C SER F 500 -24.05 -21.36 9.53
N LEU F 501 -22.72 -21.34 9.74
CA LEU F 501 -21.89 -20.25 9.26
C LEU F 501 -21.76 -20.24 7.74
N ARG F 502 -22.16 -19.12 7.13
CA ARG F 502 -22.07 -18.92 5.68
C ARG F 502 -20.91 -18.00 5.25
N VAL F 503 -20.55 -17.02 6.09
CA VAL F 503 -19.51 -16.06 5.77
C VAL F 503 -18.48 -16.03 6.90
N LEU F 504 -17.20 -16.14 6.53
CA LEU F 504 -16.08 -16.10 7.48
C LEU F 504 -14.99 -15.19 6.94
N ASP F 505 -14.78 -14.06 7.61
CA ASP F 505 -13.75 -13.09 7.24
C ASP F 505 -12.51 -13.28 8.13
N LEU F 506 -11.45 -13.82 7.54
CA LEU F 506 -10.16 -14.01 8.22
C LEU F 506 -9.04 -13.14 7.61
N SER F 507 -9.40 -11.99 7.04
CA SER F 507 -8.42 -11.11 6.41
C SER F 507 -7.51 -10.44 7.45
N HIS F 508 -6.32 -10.03 7.02
CA HIS F 508 -5.34 -9.38 7.88
C HIS F 508 -5.01 -10.24 9.12
N ASN F 509 -4.61 -11.47 8.86
CA ASN F 509 -4.16 -12.43 9.87
C ASN F 509 -2.85 -13.04 9.39
N LYS F 510 -2.40 -14.14 9.98
CA LYS F 510 -1.17 -14.81 9.55
C LYS F 510 -1.38 -16.32 9.42
N LEU F 511 -2.51 -16.70 8.82
CA LEU F 511 -2.94 -18.10 8.76
C LEU F 511 -2.01 -18.94 7.90
N ASP F 512 -1.72 -20.15 8.38
CA ASP F 512 -0.82 -21.07 7.70
C ASP F 512 -1.65 -22.10 6.95
N LEU F 513 -1.81 -21.86 5.64
CA LEU F 513 -2.59 -22.75 4.78
C LEU F 513 -1.72 -23.94 4.39
N TYR F 514 -2.01 -25.10 4.98
CA TYR F 514 -1.17 -26.28 4.84
C TYR F 514 -1.98 -27.58 4.90
N HIS F 515 -2.71 -27.77 5.98
CA HIS F 515 -3.51 -28.98 6.19
C HIS F 515 -4.71 -29.04 5.23
N GLY F 516 -5.02 -30.25 4.77
CA GLY F 516 -5.99 -30.49 3.72
C GLY F 516 -7.45 -30.35 4.10
N ARG F 517 -7.76 -30.35 5.40
CA ARG F 517 -9.14 -30.28 5.88
C ARG F 517 -9.50 -28.91 6.50
N SER F 518 -8.77 -27.86 6.15
CA SER F 518 -9.04 -26.50 6.65
C SER F 518 -10.44 -26.04 6.30
N PHE F 519 -11.18 -25.56 7.31
CA PHE F 519 -12.53 -25.00 7.15
C PHE F 519 -13.58 -26.00 6.69
N THR F 520 -13.25 -27.29 6.71
CA THR F 520 -14.13 -28.35 6.20
C THR F 520 -15.26 -28.64 7.19
N GLU F 521 -15.03 -28.30 8.45
CA GLU F 521 -16.05 -28.38 9.51
C GLU F 521 -17.16 -27.31 9.40
N LEU F 522 -17.10 -26.46 8.38
CA LEU F 522 -18.14 -25.47 8.09
C LEU F 522 -18.93 -25.87 6.83
N PRO F 523 -20.01 -26.67 7.01
CA PRO F 523 -20.70 -27.22 5.83
C PRO F 523 -21.43 -26.18 4.97
N GLN F 524 -22.00 -25.15 5.60
CA GLN F 524 -22.72 -24.09 4.86
C GLN F 524 -21.82 -22.96 4.34
N LEU F 525 -20.50 -23.05 4.54
CA LEU F 525 -19.59 -21.95 4.21
C LEU F 525 -19.66 -21.55 2.74
N GLU F 526 -20.09 -20.33 2.49
CA GLU F 526 -20.24 -19.76 1.13
C GLU F 526 -19.17 -18.72 0.77
N ALA F 527 -18.69 -17.96 1.74
CA ALA F 527 -17.75 -16.86 1.48
C ALA F 527 -16.61 -16.89 2.50
N LEU F 528 -15.37 -16.93 2.00
CA LEU F 528 -14.19 -17.04 2.84
C LEU F 528 -13.17 -16.00 2.40
N ASP F 529 -12.85 -15.05 3.28
CA ASP F 529 -11.86 -14.01 3.01
C ASP F 529 -10.57 -14.34 3.74
N LEU F 530 -9.53 -14.70 2.97
CA LEU F 530 -8.19 -14.97 3.50
C LEU F 530 -7.18 -14.00 2.91
N SER F 531 -7.63 -12.77 2.64
CA SER F 531 -6.75 -11.74 2.07
C SER F 531 -5.84 -11.15 3.15
N TYR F 532 -4.73 -10.55 2.71
CA TYR F 532 -3.73 -9.95 3.62
C TYR F 532 -3.23 -10.90 4.75
N ASN F 533 -3.17 -12.19 4.45
CA ASN F 533 -2.42 -13.19 5.21
C ASN F 533 -1.11 -13.51 4.47
N SER F 534 -0.32 -12.47 4.21
CA SER F 534 0.86 -12.59 3.35
C SER F 534 2.12 -13.14 4.03
N GLN F 535 2.27 -12.91 5.34
CA GLN F 535 3.52 -13.24 6.04
C GLN F 535 3.93 -14.70 5.90
N PRO F 536 2.99 -15.65 6.07
CA PRO F 536 3.36 -17.05 5.81
C PRO F 536 3.89 -17.32 4.41
N PHE F 537 3.33 -16.69 3.40
CA PHE F 537 3.78 -16.83 2.01
C PHE F 537 5.11 -16.12 1.69
N SER F 538 5.64 -15.32 2.61
CA SER F 538 6.98 -14.71 2.52
C SER F 538 8.07 -15.52 3.25
N MET F 539 7.71 -16.67 3.81
CA MET F 539 8.67 -17.55 4.48
C MET F 539 9.47 -18.33 3.43
N GLN F 540 10.63 -17.79 3.06
CA GLN F 540 11.46 -18.35 1.97
C GLN F 540 11.83 -19.80 2.27
N GLY F 541 11.41 -20.69 1.37
CA GLY F 541 11.67 -22.11 1.49
C GLY F 541 10.62 -22.92 2.22
N VAL F 542 9.61 -22.25 2.80
CA VAL F 542 8.53 -22.94 3.49
C VAL F 542 7.27 -22.83 2.64
N GLY F 543 6.87 -23.94 2.03
CA GLY F 543 5.75 -23.97 1.10
C GLY F 543 4.40 -24.12 1.76
N HIS F 544 3.35 -24.08 0.94
CA HIS F 544 1.97 -24.10 1.41
C HIS F 544 1.07 -24.92 0.50
N ASN F 545 -0.09 -25.29 1.02
CA ASN F 545 -1.00 -26.22 0.36
C ASN F 545 -2.42 -25.68 0.41
N LEU F 546 -2.98 -25.46 -0.78
CA LEU F 546 -4.32 -24.92 -0.97
C LEU F 546 -5.34 -25.98 -1.43
N SER F 547 -5.07 -27.25 -1.18
CA SER F 547 -5.97 -28.34 -1.59
C SER F 547 -7.28 -28.38 -0.80
N PHE F 548 -7.33 -27.71 0.35
CA PHE F 548 -8.57 -27.56 1.14
C PHE F 548 -9.73 -26.90 0.37
N VAL F 549 -9.39 -26.03 -0.60
CA VAL F 549 -10.40 -25.32 -1.39
C VAL F 549 -11.37 -26.28 -2.08
N ALA F 550 -10.83 -27.41 -2.57
CA ALA F 550 -11.63 -28.47 -3.19
C ALA F 550 -12.59 -29.17 -2.23
N GLN F 551 -12.26 -29.18 -0.95
CA GLN F 551 -13.03 -29.86 0.08
C GLN F 551 -14.11 -28.99 0.73
N LEU F 552 -14.35 -27.78 0.21
CA LEU F 552 -15.38 -26.88 0.73
C LEU F 552 -16.58 -26.90 -0.22
N PRO F 553 -17.58 -27.79 0.06
CA PRO F 553 -18.54 -28.19 -0.96
C PRO F 553 -19.54 -27.13 -1.41
N SER F 554 -19.77 -26.10 -0.60
CA SER F 554 -20.70 -25.02 -0.97
C SER F 554 -20.07 -23.61 -0.97
N LEU F 555 -18.74 -23.55 -1.17
CA LEU F 555 -18.02 -22.28 -1.26
C LEU F 555 -18.25 -21.61 -2.63
N ARG F 556 -18.65 -20.34 -2.60
CA ARG F 556 -18.91 -19.53 -3.81
C ARG F 556 -17.91 -18.39 -4.02
N TYR F 557 -17.49 -17.75 -2.94
CA TYR F 557 -16.53 -16.64 -2.98
C TYR F 557 -15.30 -17.01 -2.15
N LEU F 558 -14.12 -16.83 -2.75
CA LEU F 558 -12.84 -16.96 -2.03
C LEU F 558 -11.95 -15.78 -2.38
N SER F 559 -11.34 -15.17 -1.36
CA SER F 559 -10.30 -14.17 -1.56
C SER F 559 -8.95 -14.70 -1.04
N LEU F 560 -7.96 -14.76 -1.92
CA LEU F 560 -6.57 -14.97 -1.56
C LEU F 560 -5.76 -13.73 -1.91
N ALA F 561 -6.41 -12.57 -1.83
CA ALA F 561 -5.84 -11.32 -2.33
C ALA F 561 -4.76 -10.78 -1.42
N HIS F 562 -3.79 -10.06 -2.01
CA HIS F 562 -2.70 -9.42 -1.27
C HIS F 562 -1.99 -10.35 -0.28
N ASN F 563 -1.71 -11.56 -0.75
CA ASN F 563 -0.96 -12.58 -0.01
C ASN F 563 0.50 -12.74 -0.46
N GLY F 564 0.90 -12.10 -1.57
CA GLY F 564 2.25 -12.24 -2.11
C GLY F 564 2.61 -13.67 -2.49
N ILE F 565 1.61 -14.46 -2.92
CA ILE F 565 1.82 -15.83 -3.33
C ILE F 565 2.69 -15.78 -4.58
N HIS F 566 3.88 -16.36 -4.46
CA HIS F 566 4.87 -16.34 -5.52
C HIS F 566 5.62 -17.66 -5.78
N SER F 567 5.76 -18.53 -4.78
CA SER F 567 6.43 -19.81 -4.95
C SER F 567 6.03 -20.85 -3.90
N ARG F 568 6.35 -22.11 -4.20
CA ARG F 568 6.13 -23.24 -3.30
C ARG F 568 4.69 -23.32 -2.79
N VAL F 569 3.79 -23.53 -3.73
CA VAL F 569 2.37 -23.61 -3.44
C VAL F 569 1.76 -24.69 -4.35
N SER F 570 0.56 -25.17 -4.00
CA SER F 570 -0.16 -26.13 -4.83
C SER F 570 -0.23 -25.71 -6.29
N GLN F 571 0.03 -26.65 -7.18
CA GLN F 571 0.07 -26.40 -8.62
C GLN F 571 -1.31 -26.24 -9.25
N LYS F 572 -2.37 -26.75 -8.60
CA LYS F 572 -3.74 -26.74 -9.13
C LYS F 572 -4.78 -26.49 -8.04
N LEU F 573 -5.57 -25.43 -8.22
CA LEU F 573 -6.77 -25.24 -7.40
C LEU F 573 -7.93 -25.96 -8.07
N SER F 574 -8.82 -26.50 -7.24
CA SER F 574 -10.05 -27.16 -7.71
C SER F 574 -11.25 -26.79 -6.86
N SER F 575 -12.41 -26.72 -7.49
CA SER F 575 -13.69 -26.57 -6.81
C SER F 575 -14.82 -26.74 -7.80
N ALA F 576 -15.81 -27.55 -7.42
CA ALA F 576 -17.06 -27.66 -8.18
C ALA F 576 -17.96 -26.44 -7.99
N SER F 577 -17.90 -25.82 -6.81
CA SER F 577 -18.85 -24.77 -6.42
C SER F 577 -18.39 -23.31 -6.66
N LEU F 578 -17.08 -23.06 -6.60
CA LEU F 578 -16.56 -21.68 -6.55
C LEU F 578 -16.91 -20.83 -7.79
N ARG F 579 -17.48 -19.66 -7.52
CA ARG F 579 -17.94 -18.70 -8.54
C ARG F 579 -17.03 -17.50 -8.75
N ALA F 580 -16.42 -17.02 -7.68
CA ALA F 580 -15.54 -15.85 -7.76
C ALA F 580 -14.29 -16.10 -6.94
N LEU F 581 -13.13 -15.77 -7.53
CA LEU F 581 -11.84 -15.84 -6.86
C LEU F 581 -11.14 -14.49 -7.03
N ASP F 582 -10.81 -13.85 -5.91
CA ASP F 582 -9.95 -12.66 -5.91
C ASP F 582 -8.52 -13.12 -5.64
N PHE F 583 -7.68 -13.06 -6.68
CA PHE F 583 -6.28 -13.44 -6.58
C PHE F 583 -5.38 -12.23 -6.84
N SER F 584 -5.92 -11.02 -6.62
CA SER F 584 -5.16 -9.80 -6.88
C SER F 584 -4.07 -9.64 -5.81
N GLY F 585 -3.02 -8.91 -6.15
CA GLY F 585 -1.96 -8.63 -5.17
C GLY F 585 -1.11 -9.85 -4.81
N ASN F 586 -0.82 -10.69 -5.79
CA ASN F 586 0.09 -11.84 -5.65
C ASN F 586 1.15 -11.72 -6.76
N SER F 587 1.98 -12.75 -6.96
CA SER F 587 2.94 -12.78 -8.09
C SER F 587 2.73 -14.00 -8.96
N LEU F 588 1.63 -13.96 -9.69
CA LEU F 588 1.35 -14.94 -10.74
C LEU F 588 2.46 -14.88 -11.79
N SER F 589 3.05 -13.70 -11.96
CA SER F 589 4.25 -13.49 -12.77
C SER F 589 5.38 -14.46 -12.44
N GLN F 590 5.76 -14.52 -11.16
CA GLN F 590 6.79 -15.47 -10.70
C GLN F 590 6.36 -16.92 -10.88
N MET F 591 5.10 -17.21 -10.57
CA MET F 591 4.55 -18.56 -10.68
C MET F 591 4.60 -19.06 -12.12
N TRP F 592 4.08 -18.25 -13.04
CA TRP F 592 4.07 -18.60 -14.47
C TRP F 592 5.46 -18.58 -15.13
N ALA F 593 6.44 -17.95 -14.47
CA ALA F 593 7.84 -18.04 -14.87
C ALA F 593 8.57 -19.34 -14.44
N GLU F 594 7.94 -20.18 -13.61
CA GLU F 594 8.55 -21.46 -13.16
C GLU F 594 8.17 -22.63 -14.08
N GLY F 595 8.58 -22.52 -15.34
CA GLY F 595 8.21 -23.50 -16.35
C GLY F 595 6.71 -23.59 -16.47
N ASP F 596 6.21 -24.82 -16.49
CA ASP F 596 4.77 -25.09 -16.62
C ASP F 596 4.17 -25.66 -15.33
N LEU F 597 4.77 -25.37 -14.18
CA LEU F 597 4.28 -25.86 -12.89
C LEU F 597 2.89 -25.32 -12.58
N TYR F 598 2.70 -24.02 -12.79
CA TYR F 598 1.44 -23.36 -12.48
C TYR F 598 0.64 -23.00 -13.73
N LEU F 599 0.89 -23.70 -14.84
CA LEU F 599 0.17 -23.48 -16.09
C LEU F 599 -1.34 -23.69 -15.96
N CYS F 600 -1.73 -24.68 -15.14
CA CYS F 600 -3.14 -25.07 -14.95
C CYS F 600 -3.63 -24.78 -13.52
N PHE F 601 -3.16 -23.67 -12.95
CA PHE F 601 -3.41 -23.33 -11.55
C PHE F 601 -4.88 -23.03 -11.26
N PHE F 602 -5.54 -22.35 -12.19
CA PHE F 602 -6.97 -22.02 -12.07
C PHE F 602 -7.91 -23.00 -12.78
N LYS F 603 -7.37 -23.81 -13.68
CA LYS F 603 -8.13 -24.77 -14.50
C LYS F 603 -9.26 -25.50 -13.76
N GLY F 604 -8.92 -26.06 -12.61
CA GLY F 604 -9.85 -26.91 -11.85
C GLY F 604 -11.03 -26.21 -11.20
N LEU F 605 -11.05 -24.88 -11.22
CA LEU F 605 -12.18 -24.09 -10.75
C LEU F 605 -13.22 -24.06 -11.87
N ARG F 606 -13.86 -25.21 -12.08
CA ARG F 606 -14.60 -25.46 -13.33
C ARG F 606 -15.92 -24.70 -13.50
N ASN F 607 -16.42 -24.06 -12.45
CA ASN F 607 -17.60 -23.18 -12.56
C ASN F 607 -17.31 -21.71 -12.26
N LEU F 608 -16.04 -21.32 -12.32
CA LEU F 608 -15.62 -19.97 -11.99
C LEU F 608 -16.16 -18.96 -13.01
N VAL F 609 -16.82 -17.91 -12.50
CA VAL F 609 -17.39 -16.84 -13.31
C VAL F 609 -16.49 -15.59 -13.28
N GLN F 610 -15.94 -15.26 -12.10
CA GLN F 610 -15.11 -14.06 -11.91
C GLN F 610 -13.72 -14.43 -11.41
N LEU F 611 -12.70 -13.87 -12.04
CA LEU F 611 -11.32 -14.04 -11.61
C LEU F 611 -10.63 -12.69 -11.61
N ASP F 612 -10.13 -12.28 -10.46
CA ASP F 612 -9.36 -11.03 -10.34
C ASP F 612 -7.87 -11.35 -10.30
N LEU F 613 -7.14 -10.98 -11.35
CA LEU F 613 -5.68 -11.12 -11.42
C LEU F 613 -4.99 -9.75 -11.48
N SER F 614 -5.55 -8.77 -10.78
CA SER F 614 -4.99 -7.43 -10.74
C SER F 614 -3.75 -7.39 -9.84
N GLU F 615 -2.83 -6.46 -10.10
CA GLU F 615 -1.61 -6.30 -9.30
C GLU F 615 -0.89 -7.63 -9.07
N ASN F 616 -0.64 -8.33 -10.18
CA ASN F 616 0.12 -9.59 -10.15
C ASN F 616 1.49 -9.51 -10.83
N HIS F 617 1.97 -8.28 -11.06
CA HIS F 617 3.28 -8.02 -11.68
C HIS F 617 3.45 -8.64 -13.08
N LEU F 618 2.34 -8.85 -13.78
CA LEU F 618 2.34 -9.55 -15.06
C LEU F 618 2.82 -8.63 -16.19
N HIS F 619 4.00 -8.94 -16.72
CA HIS F 619 4.56 -8.24 -17.89
C HIS F 619 4.08 -8.83 -19.22
N THR F 620 3.74 -10.12 -19.20
CA THR F 620 3.33 -10.88 -20.39
C THR F 620 2.14 -11.78 -20.03
N LEU F 621 1.30 -12.06 -21.03
CA LEU F 621 0.13 -12.90 -20.84
C LEU F 621 -0.17 -13.70 -22.10
N LEU F 622 0.24 -14.96 -22.10
CA LEU F 622 0.27 -15.80 -23.29
C LEU F 622 -1.03 -16.58 -23.52
N PRO F 623 -1.24 -17.07 -24.77
CA PRO F 623 -2.33 -18.00 -25.09
C PRO F 623 -2.37 -19.24 -24.18
N ARG F 624 -1.20 -19.83 -23.94
CA ARG F 624 -0.99 -20.85 -22.89
C ARG F 624 -1.84 -20.62 -21.65
N HIS F 625 -1.67 -19.44 -21.05
CA HIS F 625 -2.20 -19.15 -19.74
C HIS F 625 -3.70 -18.90 -19.77
N LEU F 626 -4.16 -18.16 -20.78
CA LEU F 626 -5.58 -17.89 -20.97
C LEU F 626 -6.39 -19.12 -21.37
N ASP F 627 -5.78 -20.01 -22.15
CA ASP F 627 -6.44 -21.26 -22.58
C ASP F 627 -6.72 -22.20 -21.41
N ASN F 628 -5.83 -22.22 -20.42
CA ASN F 628 -5.98 -23.08 -19.25
C ASN F 628 -6.76 -22.45 -18.07
N LEU F 629 -7.29 -21.23 -18.26
CA LEU F 629 -8.30 -20.71 -17.35
C LEU F 629 -9.63 -21.46 -17.60
N PRO F 630 -10.53 -21.49 -16.59
CA PRO F 630 -11.79 -22.21 -16.78
C PRO F 630 -12.65 -21.59 -17.89
N LYS F 631 -13.19 -22.43 -18.77
CA LYS F 631 -14.03 -21.96 -19.88
C LYS F 631 -15.36 -21.30 -19.46
N SER F 632 -15.76 -21.49 -18.21
CA SER F 632 -16.91 -20.80 -17.63
C SER F 632 -16.71 -19.31 -17.36
N LEU F 633 -15.47 -18.83 -17.47
CA LEU F 633 -15.10 -17.48 -17.01
C LEU F 633 -15.76 -16.37 -17.82
N ARG F 634 -16.40 -15.44 -17.12
CA ARG F 634 -17.11 -14.30 -17.72
C ARG F 634 -16.51 -12.92 -17.47
N GLN F 635 -15.89 -12.75 -16.30
CA GLN F 635 -15.24 -11.50 -15.95
C GLN F 635 -13.79 -11.80 -15.56
N LEU F 636 -12.86 -11.15 -16.25
CA LEU F 636 -11.44 -11.24 -15.95
C LEU F 636 -10.91 -9.84 -15.68
N ARG F 637 -10.35 -9.65 -14.49
CA ARG F 637 -9.76 -8.38 -14.11
C ARG F 637 -8.24 -8.49 -14.06
N LEU F 638 -7.57 -7.55 -14.76
CA LEU F 638 -6.11 -7.50 -14.87
C LEU F 638 -5.58 -6.08 -14.60
N ARG F 639 -6.21 -5.36 -13.67
CA ARG F 639 -5.83 -3.97 -13.35
C ARG F 639 -4.41 -3.89 -12.80
N ASP F 640 -3.74 -2.77 -13.08
CA ASP F 640 -2.45 -2.44 -12.46
C ASP F 640 -1.43 -3.58 -12.50
N ASN F 641 -1.32 -4.18 -13.67
CA ASN F 641 -0.24 -5.12 -14.00
C ASN F 641 0.81 -4.35 -14.81
N ASN F 642 1.79 -5.04 -15.37
CA ASN F 642 2.85 -4.41 -16.16
C ASN F 642 2.78 -4.75 -17.66
N LEU F 643 1.56 -4.79 -18.20
CA LEU F 643 1.32 -5.23 -19.58
C LEU F 643 1.51 -4.09 -20.59
N ALA F 644 2.62 -4.13 -21.32
CA ALA F 644 2.91 -3.19 -22.41
C ALA F 644 2.48 -3.72 -23.79
N PHE F 645 2.07 -4.99 -23.84
CA PHE F 645 1.61 -5.65 -25.07
C PHE F 645 0.49 -6.62 -24.71
N PHE F 646 -0.47 -6.79 -25.62
CA PHE F 646 -1.55 -7.77 -25.44
C PHE F 646 -1.97 -8.35 -26.78
N ASN F 647 -1.89 -9.68 -26.90
CA ASN F 647 -2.28 -10.39 -28.11
C ASN F 647 -3.81 -10.51 -28.14
N TRP F 648 -4.46 -9.59 -28.86
CA TRP F 648 -5.92 -9.50 -28.85
C TRP F 648 -6.61 -10.71 -29.46
N SER F 649 -5.98 -11.34 -30.46
CA SER F 649 -6.54 -12.54 -31.11
C SER F 649 -6.71 -13.72 -30.15
N SER F 650 -5.91 -13.77 -29.09
CA SER F 650 -6.00 -14.84 -28.09
C SER F 650 -7.27 -14.80 -27.24
N LEU F 651 -8.02 -13.69 -27.25
CA LEU F 651 -9.31 -13.61 -26.56
C LEU F 651 -10.37 -14.61 -27.10
N THR F 652 -10.14 -15.10 -28.32
CA THR F 652 -10.95 -16.20 -28.90
C THR F 652 -11.01 -17.46 -28.02
N VAL F 653 -9.96 -17.69 -27.23
CA VAL F 653 -9.84 -18.88 -26.38
C VAL F 653 -10.74 -18.83 -25.11
N LEU F 654 -11.23 -17.63 -24.77
CA LEU F 654 -12.14 -17.43 -23.64
C LEU F 654 -13.58 -17.18 -24.16
N PRO F 655 -14.32 -18.28 -24.44
CA PRO F 655 -15.59 -18.17 -25.17
C PRO F 655 -16.73 -17.41 -24.49
N ARG F 656 -16.74 -17.37 -23.15
CA ARG F 656 -17.82 -16.70 -22.41
C ARG F 656 -17.41 -15.38 -21.77
N LEU F 657 -16.24 -14.86 -22.15
CA LEU F 657 -15.72 -13.62 -21.58
C LEU F 657 -16.59 -12.43 -22.01
N GLU F 658 -17.17 -11.76 -21.01
CA GLU F 658 -18.00 -10.57 -21.21
C GLU F 658 -17.37 -9.27 -20.74
N ALA F 659 -16.53 -9.33 -19.71
CA ALA F 659 -15.92 -8.14 -19.12
C ALA F 659 -14.41 -8.35 -18.96
N LEU F 660 -13.63 -7.46 -19.55
CA LEU F 660 -12.17 -7.50 -19.46
C LEU F 660 -11.68 -6.15 -18.94
N ASP F 661 -10.96 -6.19 -17.83
CA ASP F 661 -10.42 -4.99 -17.18
C ASP F 661 -8.90 -4.98 -17.32
N LEU F 662 -8.39 -4.13 -18.21
CA LEU F 662 -6.94 -3.92 -18.41
C LEU F 662 -6.50 -2.53 -17.97
N ALA F 663 -7.27 -1.89 -17.08
CA ALA F 663 -6.98 -0.52 -16.66
C ALA F 663 -5.67 -0.45 -15.86
N GLY F 664 -4.92 0.64 -16.04
CA GLY F 664 -3.70 0.87 -15.27
C GLY F 664 -2.49 0.07 -15.72
N ASN F 665 -2.50 -0.38 -16.97
CA ASN F 665 -1.36 -1.09 -17.59
C ASN F 665 -0.57 -0.07 -18.42
N GLN F 666 0.33 -0.52 -19.30
CA GLN F 666 1.17 0.38 -20.12
C GLN F 666 1.04 0.13 -21.62
N LEU F 667 -0.18 -0.15 -22.08
CA LEU F 667 -0.43 -0.32 -23.51
C LEU F 667 -0.19 1.00 -24.24
N LYS F 668 0.63 0.98 -25.28
CA LYS F 668 0.93 2.17 -26.10
C LYS F 668 -0.04 2.36 -27.28
N ALA F 669 -0.75 1.31 -27.65
CA ALA F 669 -1.70 1.37 -28.75
C ALA F 669 -2.70 0.23 -28.69
N LEU F 670 -3.77 0.38 -29.44
CA LEU F 670 -4.73 -0.70 -29.69
C LEU F 670 -4.50 -1.14 -31.14
N SER F 671 -3.61 -2.11 -31.30
CA SER F 671 -3.24 -2.64 -32.62
C SER F 671 -2.64 -4.05 -32.45
N ASN F 672 -1.79 -4.48 -33.39
CA ASN F 672 -1.22 -5.84 -33.41
C ASN F 672 -2.34 -6.86 -33.51
N GLY F 673 -3.09 -6.76 -34.60
CA GLY F 673 -4.34 -7.50 -34.77
C GLY F 673 -5.46 -6.80 -34.04
N SER F 674 -6.66 -6.83 -34.62
CA SER F 674 -7.84 -6.21 -34.00
C SER F 674 -8.50 -7.19 -33.03
N LEU F 675 -9.56 -6.73 -32.39
CA LEU F 675 -10.37 -7.62 -31.54
C LEU F 675 -10.98 -8.68 -32.46
N PRO F 676 -10.90 -9.96 -32.08
CA PRO F 676 -11.29 -11.03 -32.97
C PRO F 676 -12.79 -11.24 -33.14
N PRO F 677 -13.18 -11.92 -34.23
CA PRO F 677 -14.56 -12.25 -34.55
C PRO F 677 -15.18 -13.28 -33.64
N GLY F 678 -16.48 -13.12 -33.39
CA GLY F 678 -17.26 -14.04 -32.56
C GLY F 678 -17.13 -13.82 -31.07
N ILE F 679 -16.33 -12.84 -30.70
CA ILE F 679 -16.03 -12.53 -29.32
C ILE F 679 -17.35 -12.06 -28.68
N ARG F 680 -17.64 -12.53 -27.47
CA ARG F 680 -18.88 -12.15 -26.78
C ARG F 680 -18.71 -10.98 -25.83
N LEU F 681 -17.59 -10.27 -25.96
CA LEU F 681 -17.20 -9.21 -25.04
C LEU F 681 -18.18 -8.04 -25.03
N GLN F 682 -18.50 -7.58 -23.81
CA GLN F 682 -19.45 -6.50 -23.54
C GLN F 682 -18.80 -5.26 -22.90
N LYS F 683 -17.93 -5.47 -21.92
CA LYS F 683 -17.21 -4.39 -21.24
C LYS F 683 -15.72 -4.53 -21.50
N LEU F 684 -15.09 -3.44 -21.94
CA LEU F 684 -13.62 -3.38 -22.06
C LEU F 684 -13.13 -2.09 -21.42
N ASP F 685 -12.28 -2.23 -20.40
CA ASP F 685 -11.68 -1.11 -19.69
C ASP F 685 -10.18 -1.10 -19.98
N VAL F 686 -9.72 -0.14 -20.78
CA VAL F 686 -8.30 0.07 -21.05
C VAL F 686 -7.85 1.49 -20.65
N SER F 687 -8.48 2.00 -19.59
CA SER F 687 -8.19 3.33 -19.08
C SER F 687 -6.88 3.34 -18.30
N SER F 688 -6.30 4.53 -18.14
CA SER F 688 -5.03 4.73 -17.41
C SER F 688 -3.86 3.92 -17.99
N ASN F 689 -3.86 3.77 -19.32
CA ASN F 689 -2.73 3.21 -20.06
C ASN F 689 -2.00 4.41 -20.70
N SER F 690 -1.18 4.17 -21.72
CA SER F 690 -0.56 5.24 -22.51
C SER F 690 -0.94 5.10 -23.99
N ILE F 691 -2.21 4.80 -24.25
CA ILE F 691 -2.68 4.52 -25.61
C ILE F 691 -2.67 5.80 -26.46
N GLY F 692 -1.75 5.83 -27.43
CA GLY F 692 -1.54 6.99 -28.31
C GLY F 692 -2.23 6.92 -29.67
N PHE F 693 -2.54 5.72 -30.14
CA PHE F 693 -3.33 5.54 -31.37
C PHE F 693 -4.07 4.20 -31.41
N VAL F 694 -5.05 4.13 -32.28
CA VAL F 694 -5.90 2.94 -32.46
C VAL F 694 -6.00 2.63 -33.94
N ILE F 695 -5.72 1.38 -34.31
CA ILE F 695 -5.82 0.92 -35.70
C ILE F 695 -7.28 1.02 -36.16
N PRO F 696 -7.53 1.50 -37.40
CA PRO F 696 -8.93 1.55 -37.84
C PRO F 696 -9.55 0.15 -37.94
N GLY F 697 -10.81 0.05 -37.53
CA GLY F 697 -11.53 -1.22 -37.48
C GLY F 697 -11.20 -2.10 -36.28
N PHE F 698 -10.61 -1.52 -35.24
CA PHE F 698 -10.16 -2.28 -34.06
C PHE F 698 -11.33 -2.93 -33.31
N PHE F 699 -12.33 -2.12 -32.96
CA PHE F 699 -13.49 -2.58 -32.19
C PHE F 699 -14.59 -3.27 -33.00
N VAL F 700 -14.56 -3.12 -34.33
CA VAL F 700 -15.67 -3.51 -35.22
C VAL F 700 -16.22 -4.92 -34.98
N ARG F 701 -15.33 -5.90 -34.86
CA ARG F 701 -15.76 -7.30 -34.77
C ARG F 701 -16.36 -7.69 -33.42
N ALA F 702 -16.16 -6.86 -32.39
CA ALA F 702 -16.82 -7.06 -31.10
C ALA F 702 -18.26 -6.55 -31.15
N THR F 703 -19.12 -7.36 -31.76
CA THR F 703 -20.55 -7.05 -31.96
C THR F 703 -21.26 -6.64 -30.68
N ARG F 704 -21.02 -7.41 -29.62
CA ARG F 704 -21.76 -7.27 -28.37
C ARG F 704 -21.24 -6.18 -27.43
N LEU F 705 -20.24 -5.41 -27.85
CA LEU F 705 -19.59 -4.42 -27.00
C LEU F 705 -20.53 -3.27 -26.64
N ILE F 706 -20.58 -2.95 -25.35
CA ILE F 706 -21.56 -2.04 -24.75
C ILE F 706 -20.87 -0.90 -23.99
N GLU F 707 -20.00 -1.24 -23.06
CA GLU F 707 -19.17 -0.26 -22.33
C GLU F 707 -17.73 -0.27 -22.84
N LEU F 708 -17.15 0.91 -22.91
CA LEU F 708 -15.78 1.07 -23.37
C LEU F 708 -15.14 2.27 -22.67
N ASN F 709 -14.09 2.01 -21.89
CA ASN F 709 -13.40 3.04 -21.13
C ASN F 709 -12.00 3.28 -21.73
N LEU F 710 -11.85 4.39 -22.45
CA LEU F 710 -10.58 4.83 -23.02
C LEU F 710 -9.99 6.04 -22.27
N SER F 711 -10.46 6.32 -21.06
CA SER F 711 -10.06 7.54 -20.34
C SER F 711 -8.62 7.47 -19.81
N ALA F 712 -8.05 8.64 -19.52
CA ALA F 712 -6.68 8.78 -18.98
C ALA F 712 -5.62 8.09 -19.86
N ASN F 713 -5.77 8.27 -21.17
CA ASN F 713 -4.83 7.73 -22.15
C ASN F 713 -4.11 8.88 -22.87
N ALA F 714 -3.40 8.58 -23.96
CA ALA F 714 -2.73 9.61 -24.78
C ALA F 714 -3.41 9.82 -26.15
N LEU F 715 -4.74 9.65 -26.19
CA LEU F 715 -5.49 9.78 -27.45
C LEU F 715 -5.56 11.24 -27.90
N LYS F 716 -5.30 11.45 -29.19
CA LYS F 716 -5.27 12.78 -29.81
C LYS F 716 -6.58 13.13 -30.51
N THR F 717 -7.31 12.12 -30.97
CA THR F 717 -8.63 12.28 -31.58
C THR F 717 -9.56 11.16 -31.07
N VAL F 718 -10.77 11.12 -31.62
CA VAL F 718 -11.69 9.99 -31.44
C VAL F 718 -12.33 9.74 -32.80
N ASP F 719 -11.84 8.73 -33.51
CA ASP F 719 -12.21 8.48 -34.90
C ASP F 719 -13.36 7.47 -35.00
N PRO F 720 -14.40 7.74 -35.83
CA PRO F 720 -15.49 6.78 -36.00
C PRO F 720 -15.10 5.44 -36.67
N SER F 721 -14.01 5.44 -37.44
CA SER F 721 -13.51 4.22 -38.10
C SER F 721 -13.05 3.12 -37.13
N TRP F 722 -12.71 3.51 -35.89
CA TRP F 722 -12.37 2.55 -34.83
C TRP F 722 -13.53 1.61 -34.49
N PHE F 723 -14.73 2.16 -34.45
CA PHE F 723 -15.92 1.41 -34.00
C PHE F 723 -16.76 0.90 -35.14
N GLY F 724 -16.75 1.63 -36.26
CA GLY F 724 -17.60 1.30 -37.39
C GLY F 724 -19.05 1.35 -36.93
N SER F 725 -19.71 0.22 -37.09
CA SER F 725 -21.11 0.00 -36.72
C SER F 725 -21.43 0.13 -35.21
N LEU F 726 -20.42 -0.06 -34.37
CA LEU F 726 -20.54 -0.03 -32.91
C LEU F 726 -20.96 1.31 -32.31
N ALA F 727 -20.71 2.40 -33.03
CA ALA F 727 -21.03 3.74 -32.54
C ALA F 727 -22.50 3.92 -32.15
N GLY F 728 -23.41 3.32 -32.90
CA GLY F 728 -24.83 3.32 -32.56
C GLY F 728 -25.17 2.41 -31.40
N THR F 729 -24.53 1.24 -31.35
CA THR F 729 -24.79 0.22 -30.32
C THR F 729 -24.21 0.52 -28.93
N LEU F 730 -23.11 1.25 -28.87
CA LEU F 730 -22.42 1.55 -27.59
C LEU F 730 -23.28 2.38 -26.65
N LYS F 731 -23.28 2.00 -25.37
CA LYS F 731 -24.02 2.71 -24.33
C LYS F 731 -23.14 3.52 -23.36
N ILE F 732 -21.88 3.12 -23.19
CA ILE F 732 -20.88 3.92 -22.47
C ILE F 732 -19.58 4.00 -23.29
N LEU F 733 -19.17 5.22 -23.61
CA LEU F 733 -17.91 5.50 -24.28
C LEU F 733 -17.21 6.62 -23.52
N ASP F 734 -16.36 6.26 -22.56
CA ASP F 734 -15.61 7.22 -21.78
C ASP F 734 -14.34 7.58 -22.54
N VAL F 735 -14.19 8.88 -22.84
CA VAL F 735 -13.03 9.38 -23.58
C VAL F 735 -12.38 10.56 -22.85
N SER F 736 -12.65 10.68 -21.54
CA SER F 736 -12.17 11.82 -20.74
C SER F 736 -10.70 11.72 -20.38
N ALA F 737 -10.15 12.84 -19.90
CA ALA F 737 -8.73 12.93 -19.54
C ALA F 737 -7.77 12.40 -20.64
N ASN F 738 -8.06 12.77 -21.89
CA ASN F 738 -7.20 12.48 -23.04
C ASN F 738 -6.76 13.81 -23.64
N PRO F 739 -5.49 13.89 -24.10
CA PRO F 739 -5.02 15.15 -24.70
C PRO F 739 -5.50 15.31 -26.15
N LEU F 740 -6.80 15.57 -26.30
CA LEU F 740 -7.43 15.66 -27.61
C LEU F 740 -7.01 16.93 -28.34
N HIS F 741 -6.74 16.81 -29.63
CA HIS F 741 -6.30 17.94 -30.45
C HIS F 741 -7.51 18.74 -30.93
N CYS F 742 -7.70 19.92 -30.34
CA CYS F 742 -8.91 20.74 -30.56
C CYS F 742 -8.75 21.79 -31.69
N ALA F 743 -9.15 21.40 -32.90
CA ALA F 743 -9.20 22.26 -34.08
C ALA F 743 -10.50 22.02 -34.86
N ALA F 747 -12.83 17.29 -35.88
CA ALA F 747 -13.32 16.03 -36.46
C ALA F 747 -14.13 15.21 -35.46
N PHE F 748 -13.53 14.99 -34.29
CA PHE F 748 -14.16 14.21 -33.20
C PHE F 748 -15.40 14.85 -32.55
N VAL F 749 -15.52 16.18 -32.61
CA VAL F 749 -16.63 16.90 -31.95
C VAL F 749 -18.00 16.50 -32.50
N ASP F 750 -18.11 16.34 -33.83
CA ASP F 750 -19.37 15.91 -34.45
C ASP F 750 -19.70 14.44 -34.15
N PHE F 751 -18.67 13.61 -33.97
CA PHE F 751 -18.86 12.21 -33.58
C PHE F 751 -19.38 12.10 -32.15
N LEU F 752 -18.73 12.80 -31.23
CA LEU F 752 -19.13 12.80 -29.82
C LEU F 752 -20.50 13.43 -29.59
N LEU F 753 -20.82 14.48 -30.34
CA LEU F 753 -22.14 15.15 -30.25
C LEU F 753 -23.27 14.27 -30.77
N GLU F 754 -23.01 13.51 -31.83
CA GLU F 754 -24.00 12.56 -32.37
C GLU F 754 -24.30 11.42 -31.40
N ARG F 755 -23.30 10.97 -30.65
CA ARG F 755 -23.44 9.89 -29.65
C ARG F 755 -23.36 10.42 -28.21
N GLN F 756 -23.89 11.62 -27.97
CA GLN F 756 -23.66 12.32 -26.70
C GLN F 756 -24.26 11.65 -25.46
N GLU F 757 -25.34 10.89 -25.64
CA GLU F 757 -25.93 10.12 -24.53
C GLU F 757 -25.01 9.00 -23.99
N ALA F 758 -24.13 8.49 -24.84
CA ALA F 758 -23.17 7.44 -24.45
C ALA F 758 -21.85 7.95 -23.86
N VAL F 759 -21.60 9.25 -23.93
CA VAL F 759 -20.33 9.83 -23.44
C VAL F 759 -20.55 10.50 -22.08
N PRO F 760 -20.03 9.90 -20.99
CA PRO F 760 -20.20 10.51 -19.67
C PRO F 760 -19.25 11.68 -19.45
N GLY F 761 -19.74 12.71 -18.75
CA GLY F 761 -18.97 13.92 -18.49
C GLY F 761 -18.58 14.71 -19.74
N LEU F 762 -19.44 14.66 -20.76
CA LEU F 762 -19.16 15.32 -22.04
C LEU F 762 -19.03 16.84 -21.89
N SER F 763 -19.91 17.43 -21.09
CA SER F 763 -19.97 18.87 -20.88
C SER F 763 -18.70 19.48 -20.28
N ARG F 764 -18.11 18.76 -19.32
CA ARG F 764 -16.98 19.28 -18.51
C ARG F 764 -15.70 18.42 -18.53
N ARG F 765 -15.83 17.10 -18.48
CA ARG F 765 -14.67 16.20 -18.33
C ARG F 765 -13.90 15.89 -19.62
N VAL F 766 -14.55 15.95 -20.77
CA VAL F 766 -13.88 15.70 -22.05
C VAL F 766 -13.05 16.94 -22.40
N THR F 767 -11.73 16.76 -22.49
CA THR F 767 -10.75 17.83 -22.38
C THR F 767 -9.82 17.90 -23.60
N CYS F 768 -9.30 19.11 -23.87
CA CYS F 768 -8.28 19.34 -24.89
C CYS F 768 -6.87 19.22 -24.30
N GLY F 769 -5.96 18.63 -25.08
CA GLY F 769 -4.52 18.64 -24.80
C GLY F 769 -3.75 19.69 -25.59
N SER F 770 -4.31 20.13 -26.71
CA SER F 770 -3.66 21.09 -27.61
C SER F 770 -4.70 21.81 -28.50
N PRO F 771 -4.39 23.00 -29.02
CA PRO F 771 -3.16 23.75 -28.71
C PRO F 771 -3.26 24.48 -27.37
N GLY F 772 -2.13 25.00 -26.90
CA GLY F 772 -2.08 25.82 -25.68
C GLY F 772 -3.03 27.00 -25.79
N GLN F 773 -3.60 27.38 -24.64
CA GLN F 773 -4.75 28.32 -24.51
C GLN F 773 -6.06 27.54 -24.37
N LEU F 774 -6.13 26.34 -24.96
CA LEU F 774 -7.22 25.39 -24.71
C LEU F 774 -6.81 24.16 -23.86
N GLN F 775 -5.52 24.02 -23.57
CA GLN F 775 -4.99 22.84 -22.85
C GLN F 775 -5.55 22.72 -21.44
N GLY F 776 -6.13 21.56 -21.12
CA GLY F 776 -6.76 21.33 -19.82
C GLY F 776 -8.18 21.84 -19.66
N ARG F 777 -8.71 22.49 -20.69
CA ARG F 777 -10.07 23.08 -20.68
C ARG F 777 -11.01 22.25 -21.57
N SER F 778 -12.31 22.48 -21.39
CA SER F 778 -13.35 21.72 -22.09
C SER F 778 -13.27 21.86 -23.62
N ILE F 779 -13.71 20.81 -24.31
CA ILE F 779 -13.77 20.84 -25.79
C ILE F 779 -14.80 21.84 -26.36
N PHE F 780 -15.74 22.28 -25.52
CA PHE F 780 -16.77 23.26 -25.94
C PHE F 780 -16.49 24.72 -25.55
N THR F 781 -15.28 25.05 -25.08
CA THR F 781 -14.94 26.46 -24.82
C THR F 781 -14.80 27.25 -26.13
N GLN F 782 -14.66 26.53 -27.26
CA GLN F 782 -14.88 27.07 -28.61
C GLN F 782 -15.63 26.03 -29.45
C1 NAG G . 17.46 -34.82 -19.52
C2 NAG G . 16.25 -34.39 -20.37
C3 NAG G . 15.18 -35.47 -20.57
C4 NAG G . 15.66 -36.92 -20.47
C5 NAG G . 16.75 -37.08 -19.41
C6 NAG G . 17.27 -38.52 -19.30
C7 NAG G . 15.57 -32.02 -20.16
C8 NAG G . 14.82 -31.03 -19.30
N2 NAG G . 15.60 -33.26 -19.70
O3 NAG G . 14.58 -35.33 -21.86
O4 NAG G . 14.51 -37.70 -20.12
O5 NAG G . 17.80 -36.18 -19.77
O6 NAG G . 18.53 -38.68 -19.96
O7 NAG G . 16.09 -31.68 -21.20
C1 NAG H . 0.27 12.31 28.66
C2 NAG H . -0.88 13.20 29.11
C3 NAG H . -0.34 14.33 29.97
C4 NAG H . 0.41 13.73 31.16
C5 NAG H . 1.50 12.76 30.67
C6 NAG H . 2.23 12.04 31.81
C7 NAG H . -2.90 13.85 27.87
C8 NAG H . -3.42 14.32 26.54
N2 NAG H . -1.58 13.67 27.92
O3 NAG H . -1.40 15.19 30.39
O4 NAG H . 0.99 14.79 31.93
O5 NAG H . 0.91 11.77 29.81
O6 NAG H . 1.89 10.65 31.88
O7 NAG H . -3.63 13.66 28.83
C1 NAG I . 28.47 -0.76 16.35
C2 NAG I . 27.94 0.59 16.84
C3 NAG I . 28.71 1.74 16.16
C4 NAG I . 30.23 1.54 16.20
C5 NAG I . 30.66 0.10 15.91
C6 NAG I . 32.12 -0.15 16.25
C7 NAG I . 25.55 0.46 17.44
C8 NAG I . 24.16 0.66 16.92
N2 NAG I . 26.52 0.72 16.56
O3 NAG I . 28.36 2.97 16.82
O4 NAG I . 30.81 2.42 15.24
O5 NAG I . 29.85 -0.84 16.64
O6 NAG I . 32.24 -0.97 17.42
O7 NAG I . 25.75 0.09 18.58
C1 NAG J . 3.68 -1.22 34.27
C2 NAG J . 4.17 -0.71 35.62
C3 NAG J . 4.21 -1.84 36.64
C4 NAG J . 2.94 -2.70 36.65
C5 NAG J . 2.45 -3.05 35.24
C6 NAG J . 1.06 -3.70 35.26
C7 NAG J . 5.90 1.06 35.90
C8 NAG J . 7.31 1.44 35.53
N2 NAG J . 5.50 -0.13 35.42
O3 NAG J . 4.40 -1.27 37.94
O4 NAG J . 3.19 -3.90 37.39
O5 NAG J . 2.40 -1.86 34.43
O6 NAG J . 0.03 -2.73 35.51
O7 NAG J . 5.21 1.78 36.59
C1 NAG K . 14.38 12.57 -10.07
C2 NAG K . 15.54 11.63 -9.78
C3 NAG K . 15.33 10.25 -10.42
C4 NAG K . 13.93 9.69 -10.21
C5 NAG K . 12.82 10.74 -10.44
C6 NAG K . 11.48 10.15 -9.99
C7 NAG K . 17.99 11.98 -9.74
C8 NAG K . 19.14 12.65 -10.43
N2 NAG K . 16.78 12.21 -10.28
O3 NAG K . 16.29 9.31 -9.91
O4 NAG K . 13.71 8.57 -11.07
O5 NAG K . 13.12 11.95 -9.72
O6 NAG K . 10.43 11.13 -10.06
O7 NAG K . 18.16 11.28 -8.75
C1 NAG L . -17.80 32.31 23.34
C2 NAG L . -16.83 33.29 22.68
C3 NAG L . -15.60 33.54 23.55
C4 NAG L . -16.05 33.97 24.94
C5 NAG L . -16.99 32.92 25.53
C6 NAG L . -17.47 33.26 26.94
C7 NAG L . -15.82 31.77 20.96
C8 NAG L . -15.54 31.61 19.50
N2 NAG L . -16.46 32.90 21.31
O3 NAG L . -14.78 34.56 22.99
O4 NAG L . -14.88 34.16 25.75
O5 NAG L . -18.14 32.77 24.65
O6 NAG L . -18.29 34.44 26.88
O7 NAG L . -15.49 30.90 21.74
C1 NAG M . -22.69 -18.20 35.18
C2 NAG M . -23.87 -18.93 35.85
C3 NAG M . -23.38 -19.62 37.13
C4 NAG M . -22.20 -20.54 36.82
C5 NAG M . -21.12 -19.80 36.01
C6 NAG M . -20.00 -20.75 35.58
C7 NAG M . -25.06 -16.99 36.90
C8 NAG M . -26.38 -16.26 36.94
N2 NAG M . -25.03 -18.06 36.09
O3 NAG M . -24.45 -20.39 37.70
O4 NAG M . -21.64 -21.01 38.06
O5 NAG M . -21.69 -19.18 34.85
O6 NAG M . -20.51 -21.80 34.75
O7 NAG M . -24.12 -16.61 37.56
C1 NAG N . -1.59 -14.68 -30.59
C2 NAG N . -0.30 -15.47 -30.77
C3 NAG N . -0.45 -16.60 -31.80
C4 NAG N . -1.75 -17.38 -31.66
C5 NAG N . -2.96 -16.46 -31.42
C6 NAG N . -4.25 -17.22 -31.13
C7 NAG N . 1.65 -14.02 -30.30
C8 NAG N . 2.65 -13.08 -30.91
N2 NAG N . 0.76 -14.53 -31.16
O3 NAG N . 0.67 -17.49 -31.63
O4 NAG N . -1.96 -18.15 -32.85
O5 NAG N . -2.67 -15.58 -30.33
O6 NAG N . -4.25 -17.74 -29.79
O7 NAG N . 1.69 -14.29 -29.11
C1 NAG O . -1.51 -31.06 -0.32
C2 NAG O . -0.39 -31.96 -0.85
C3 NAG O . -1.03 -33.14 -1.59
C4 NAG O . -1.90 -33.91 -0.59
C5 NAG O . -2.96 -32.96 -0.02
C6 NAG O . -3.88 -33.59 1.02
C7 NAG O . 1.83 -31.33 -1.72
C8 NAG O . 2.56 -30.41 -2.67
N2 NAG O . 0.50 -31.18 -1.71
O3 NAG O . -0.01 -33.96 -2.17
O4 NAG O . -2.53 -35.02 -1.23
O5 NAG O . -2.29 -31.84 0.59
O6 NAG O . -3.45 -33.26 2.34
O7 NAG O . 2.44 -32.15 -1.04
C1 NAG P . -6.30 -31.14 13.90
C2 NAG P . -7.02 -32.46 13.57
C3 NAG P . -7.36 -33.21 14.84
C4 NAG P . -6.12 -33.39 15.71
C5 NAG P . -5.48 -32.01 15.97
C6 NAG P . -4.19 -32.11 16.78
C7 NAG P . -8.62 -32.90 11.72
C8 NAG P . -9.97 -32.53 11.19
N2 NAG P . -8.26 -32.26 12.84
O3 NAG P . -7.93 -34.49 14.53
O4 NAG P . -6.51 -34.03 16.93
O5 NAG P . -5.17 -31.38 14.73
O6 NAG P . -3.20 -32.88 16.08
O7 NAG P . -7.93 -33.72 11.16
#